data_1SP5
# 
_entry.id   1SP5 
# 
_audit_conform.dict_name       mmcif_pdbx.dic 
_audit_conform.dict_version    5.380 
_audit_conform.dict_location   http://mmcif.pdb.org/dictionaries/ascii/mmcif_pdbx.dic 
# 
loop_
_database_2.database_id 
_database_2.database_code 
_database_2.pdbx_database_accession 
_database_2.pdbx_DOI 
PDB   1SP5         pdb_00001sp5 10.2210/pdb1sp5/pdb 
RCSB  RCSB021891   ?            ?                   
WWPDB D_1000021891 ?            ?                   
# 
_pdbx_database_status.status_code                     REL 
_pdbx_database_status.entry_id                        1SP5 
_pdbx_database_status.recvd_initial_deposition_date   2004-03-16 
_pdbx_database_status.deposit_site                    RCSB 
_pdbx_database_status.process_site                    PDBJ 
_pdbx_database_status.status_code_sf                  REL 
_pdbx_database_status.status_code_mr                  ? 
_pdbx_database_status.SG_entry                        ? 
_pdbx_database_status.pdb_format_compatible           Y 
_pdbx_database_status.status_code_cs                  ? 
_pdbx_database_status.status_code_nmr_data            ? 
_pdbx_database_status.methods_development_category    ? 
# 
loop_
_audit_author.name 
_audit_author.pdbx_ordinal 
'Vondrackova, E.' 1  
'Hasek, J.'       2  
'Jaskolski, M.'   3  
'Rezacova, P.'    4  
'Dohnalek, J.'    5  
'Skalova, T.'     6  
'Petrokova, H.'   7  
'Duskova, J.'     8  
'Brynda, J.'      9  
'Sedlacek, J.'    10 
# 
_citation.id                        primary 
_citation.title                     'Product of enzymatic self-cleavage bound in the active site of HIV protease' 
_citation.journal_abbrev            'To be Published' 
_citation.journal_volume            ? 
_citation.page_first                ? 
_citation.page_last                 ? 
_citation.year                      ? 
_citation.journal_id_ASTM           ? 
_citation.country                   ? 
_citation.journal_id_ISSN           ? 
_citation.journal_id_CSD            0353 
_citation.book_publisher            ? 
_citation.pdbx_database_id_PubMed   ? 
_citation.pdbx_database_id_DOI      ? 
# 
loop_
_citation_author.citation_id 
_citation_author.name 
_citation_author.ordinal 
_citation_author.identifier_ORCID 
primary 'Vondrackova, E.' 1  ? 
primary 'Hasek, J.'       2  ? 
primary 'Jaskolski, M.'   3  ? 
primary 'Rezacova, P.'    4  ? 
primary 'Dohnalek, J.'    5  ? 
primary 'Skalova, T.'     6  ? 
primary 'Petrokova, H.'   7  ? 
primary 'Duskova, J.'     8  ? 
primary 'Brynda, J.'      9  ? 
primary 'Sedlacek, J.'    10 ? 
# 
_cell.entry_id           1SP5 
_cell.length_a           57.765 
_cell.length_b           86.284 
_cell.length_c           45.834 
_cell.angle_alpha        90.00 
_cell.angle_beta         90.00 
_cell.angle_gamma        90.00 
_cell.Z_PDB              8 
_cell.pdbx_unique_axis   ? 
# 
_symmetry.entry_id                         1SP5 
_symmetry.space_group_name_H-M             'P 21 21 2' 
_symmetry.pdbx_full_space_group_name_H-M   ? 
_symmetry.cell_setting                     ? 
_symmetry.Int_Tables_number                18 
_symmetry.space_group_name_Hall            ? 
# 
loop_
_entity.id 
_entity.type 
_entity.src_method 
_entity.pdbx_description 
_entity.formula_weight 
_entity.pdbx_number_of_molecules 
_entity.pdbx_ec 
_entity.pdbx_mutation 
_entity.pdbx_fragment 
_entity.details 
1 polymer     man Protease                      10803.756 2   3.4.23.16 ? ?                ? 
2 polymer     man '5-mer peptide from Protease' 650.721   1   ?         ? 'Residues 59-63' ? 
3 non-polymer syn 'CHLORIDE ION'                35.453    3   ?         ? ?                ? 
4 non-polymer syn BETA-MERCAPTOETHANOL          78.133    3   ?         ? ?                ? 
5 non-polymer syn 'DIMETHYL SULFOXIDE'          78.133    1   ?         ? ?                ? 
6 water       nat water                         18.015    135 ?         ? ?                ? 
# 
loop_
_entity_name_com.entity_id 
_entity_name_com.name 
1 'Retropepsin, POL polyprotein'                                    
2 'Autoproteolytic Product Containing Tyr-Asp-Gln-Ile-Leu Sequence' 
# 
loop_
_entity_poly.entity_id 
_entity_poly.type 
_entity_poly.nstd_linkage 
_entity_poly.nstd_monomer 
_entity_poly.pdbx_seq_one_letter_code 
_entity_poly.pdbx_seq_one_letter_code_can 
_entity_poly.pdbx_strand_id 
_entity_poly.pdbx_target_identifier 
1 'polypeptide(L)' no no 
;PQITLWQRPLVTIKIGGQLKEALLDTGADDTVLEEMSLPGRWKPKMIGGIGGFIKVRQYDQILIEICGHKAIGTVLVGPT
PVNIIGRNLLTQIGCTLNF
;
;PQITLWQRPLVTIKIGGQLKEALLDTGADDTVLEEMSLPGRWKPKMIGGIGGFIKVRQYDQILIEICGHKAIGTVLVGPT
PVNIIGRNLLTQIGCTLNF
;
A,B ? 
2 'polypeptide(L)' no no YDQIL                                                                                                  
YDQIL                                                                                                  I   ? 
# 
loop_
_entity_poly_seq.entity_id 
_entity_poly_seq.num 
_entity_poly_seq.mon_id 
_entity_poly_seq.hetero 
1 1  PRO n 
1 2  GLN n 
1 3  ILE n 
1 4  THR n 
1 5  LEU n 
1 6  TRP n 
1 7  GLN n 
1 8  ARG n 
1 9  PRO n 
1 10 LEU n 
1 11 VAL n 
1 12 THR n 
1 13 ILE n 
1 14 LYS n 
1 15 ILE n 
1 16 GLY n 
1 17 GLY n 
1 18 GLN n 
1 19 LEU n 
1 20 LYS n 
1 21 GLU n 
1 22 ALA n 
1 23 LEU n 
1 24 LEU n 
1 25 ASP n 
1 26 THR n 
1 27 GLY n 
1 28 ALA n 
1 29 ASP n 
1 30 ASP n 
1 31 THR n 
1 32 VAL n 
1 33 LEU n 
1 34 GLU n 
1 35 GLU n 
1 36 MET n 
1 37 SER n 
1 38 LEU n 
1 39 PRO n 
1 40 GLY n 
1 41 ARG n 
1 42 TRP n 
1 43 LYS n 
1 44 PRO n 
1 45 LYS n 
1 46 MET n 
1 47 ILE n 
1 48 GLY n 
1 49 GLY n 
1 50 ILE n 
1 51 GLY n 
1 52 GLY n 
1 53 PHE n 
1 54 ILE n 
1 55 LYS n 
1 56 VAL n 
1 57 ARG n 
1 58 GLN n 
1 59 TYR n 
1 60 ASP n 
1 61 GLN n 
1 62 ILE n 
1 63 LEU n 
1 64 ILE n 
1 65 GLU n 
1 66 ILE n 
1 67 CYS n 
1 68 GLY n 
1 69 HIS n 
1 70 LYS n 
1 71 ALA n 
1 72 ILE n 
1 73 GLY n 
1 74 THR n 
1 75 VAL n 
1 76 LEU n 
1 77 VAL n 
1 78 GLY n 
1 79 PRO n 
1 80 THR n 
1 81 PRO n 
1 82 VAL n 
1 83 ASN n 
1 84 ILE n 
1 85 ILE n 
1 86 GLY n 
1 87 ARG n 
1 88 ASN n 
1 89 LEU n 
1 90 LEU n 
1 91 THR n 
1 92 GLN n 
1 93 ILE n 
1 94 GLY n 
1 95 CYS n 
1 96 THR n 
1 97 LEU n 
1 98 ASN n 
1 99 PHE n 
2 1  TYR n 
2 2  ASP n 
2 3  GLN n 
2 4  ILE n 
2 5  LEU n 
# 
loop_
_entity_src_gen.entity_id 
_entity_src_gen.pdbx_src_id 
_entity_src_gen.pdbx_alt_source_flag 
_entity_src_gen.pdbx_seq_type 
_entity_src_gen.pdbx_beg_seq_num 
_entity_src_gen.pdbx_end_seq_num 
_entity_src_gen.gene_src_common_name 
_entity_src_gen.gene_src_genus 
_entity_src_gen.pdbx_gene_src_gene 
_entity_src_gen.gene_src_species 
_entity_src_gen.gene_src_strain 
_entity_src_gen.gene_src_tissue 
_entity_src_gen.gene_src_tissue_fraction 
_entity_src_gen.gene_src_details 
_entity_src_gen.pdbx_gene_src_fragment 
_entity_src_gen.pdbx_gene_src_scientific_name 
_entity_src_gen.pdbx_gene_src_ncbi_taxonomy_id 
_entity_src_gen.pdbx_gene_src_variant 
_entity_src_gen.pdbx_gene_src_cell_line 
_entity_src_gen.pdbx_gene_src_atcc 
_entity_src_gen.pdbx_gene_src_organ 
_entity_src_gen.pdbx_gene_src_organelle 
_entity_src_gen.pdbx_gene_src_cell 
_entity_src_gen.pdbx_gene_src_cellular_location 
_entity_src_gen.host_org_common_name 
_entity_src_gen.pdbx_host_org_scientific_name 
_entity_src_gen.pdbx_host_org_ncbi_taxonomy_id 
_entity_src_gen.host_org_genus 
_entity_src_gen.pdbx_host_org_gene 
_entity_src_gen.pdbx_host_org_organ 
_entity_src_gen.host_org_species 
_entity_src_gen.pdbx_host_org_tissue 
_entity_src_gen.pdbx_host_org_tissue_fraction 
_entity_src_gen.pdbx_host_org_strain 
_entity_src_gen.pdbx_host_org_variant 
_entity_src_gen.pdbx_host_org_cell_line 
_entity_src_gen.pdbx_host_org_atcc 
_entity_src_gen.pdbx_host_org_culture_collection 
_entity_src_gen.pdbx_host_org_cell 
_entity_src_gen.pdbx_host_org_organelle 
_entity_src_gen.pdbx_host_org_cellular_location 
_entity_src_gen.pdbx_host_org_vector_type 
_entity_src_gen.pdbx_host_org_vector 
_entity_src_gen.host_org_details 
_entity_src_gen.expression_system_id 
_entity_src_gen.plasmid_name 
_entity_src_gen.plasmid_details 
_entity_src_gen.pdbx_description 
1 1 sample ? ? ? ? Lentivirus POL ? ? ? ? ? ? 'Human immunodeficiency virus 1' 11676 ? ? ? ? ? ? ? ? 'Escherichia coli BL21(DE3)' 
469008 Escherichia ? ? 'Escherichia coli' ? ? 'BL21 (DE3)' ? ? ? ? ? ? ? plasmid ? ? ? pT7Q10H1N ? ? 
2 1 sample ? ? ? ? Lentivirus POL ? ? ? ? ? ? 'Human immunodeficiency virus 1' 11676 ? ? ? ? ? ? ? ? 'Escherichia coli BL21(DE3)' 
469008 Escherichia ? ? 'Escherichia coli' ? ? 'BL21 (DE3)' ? ? ? ? ? ? ? plasmid ? ? ? pT7Q10H1N ? ? 
# 
loop_
_struct_ref.id 
_struct_ref.db_name 
_struct_ref.db_code 
_struct_ref.pdbx_db_accession 
_struct_ref.entity_id 
_struct_ref.pdbx_seq_one_letter_code 
_struct_ref.pdbx_align_begin 
_struct_ref.pdbx_db_isoform 
1 UNP POL_HV1BR P03367 1 
;PQITLWQRPLVTIKIGGQLKEALLDTGADDTVLEEMSLPGRWKPKMIGGIGGFIKVRQYDQILIEICGHKAIGTVLVGPT
PVNIIGRNLLTQIGCTLNF
;
69  ? 
2 UNP POL_HV1BR P03367 2 YDQIL                                                                                                  
127 ? 
# 
loop_
_struct_ref_seq.align_id 
_struct_ref_seq.ref_id 
_struct_ref_seq.pdbx_PDB_id_code 
_struct_ref_seq.pdbx_strand_id 
_struct_ref_seq.seq_align_beg 
_struct_ref_seq.pdbx_seq_align_beg_ins_code 
_struct_ref_seq.seq_align_end 
_struct_ref_seq.pdbx_seq_align_end_ins_code 
_struct_ref_seq.pdbx_db_accession 
_struct_ref_seq.db_align_beg 
_struct_ref_seq.pdbx_db_align_beg_ins_code 
_struct_ref_seq.db_align_end 
_struct_ref_seq.pdbx_db_align_end_ins_code 
_struct_ref_seq.pdbx_auth_seq_align_beg 
_struct_ref_seq.pdbx_auth_seq_align_end 
1 1 1SP5 A 1 ? 99 ? P03367 69  ? 167 ? 1  99 
2 1 1SP5 B 1 ? 99 ? P03367 69  ? 167 ? 1  99 
3 2 1SP5 I 1 ? 5  ? P03367 127 ? 131 ? 59 63 
# 
loop_
_chem_comp.id 
_chem_comp.type 
_chem_comp.mon_nstd_flag 
_chem_comp.name 
_chem_comp.pdbx_synonyms 
_chem_comp.formula 
_chem_comp.formula_weight 
ALA 'L-peptide linking' y ALANINE              ? 'C3 H7 N O2'     89.093  
ARG 'L-peptide linking' y ARGININE             ? 'C6 H15 N4 O2 1' 175.209 
ASN 'L-peptide linking' y ASPARAGINE           ? 'C4 H8 N2 O3'    132.118 
ASP 'L-peptide linking' y 'ASPARTIC ACID'      ? 'C4 H7 N O4'     133.103 
BME non-polymer         . BETA-MERCAPTOETHANOL ? 'C2 H6 O S'      78.133  
CL  non-polymer         . 'CHLORIDE ION'       ? 'Cl -1'          35.453  
CYS 'L-peptide linking' y CYSTEINE             ? 'C3 H7 N O2 S'   121.158 
DMS non-polymer         . 'DIMETHYL SULFOXIDE' ? 'C2 H6 O S'      78.133  
GLN 'L-peptide linking' y GLUTAMINE            ? 'C5 H10 N2 O3'   146.144 
GLU 'L-peptide linking' y 'GLUTAMIC ACID'      ? 'C5 H9 N O4'     147.129 
GLY 'peptide linking'   y GLYCINE              ? 'C2 H5 N O2'     75.067  
HIS 'L-peptide linking' y HISTIDINE            ? 'C6 H10 N3 O2 1' 156.162 
HOH non-polymer         . WATER                ? 'H2 O'           18.015  
ILE 'L-peptide linking' y ISOLEUCINE           ? 'C6 H13 N O2'    131.173 
LEU 'L-peptide linking' y LEUCINE              ? 'C6 H13 N O2'    131.173 
LYS 'L-peptide linking' y LYSINE               ? 'C6 H15 N2 O2 1' 147.195 
MET 'L-peptide linking' y METHIONINE           ? 'C5 H11 N O2 S'  149.211 
PHE 'L-peptide linking' y PHENYLALANINE        ? 'C9 H11 N O2'    165.189 
PRO 'L-peptide linking' y PROLINE              ? 'C5 H9 N O2'     115.130 
SER 'L-peptide linking' y SERINE               ? 'C3 H7 N O3'     105.093 
THR 'L-peptide linking' y THREONINE            ? 'C4 H9 N O3'     119.119 
TRP 'L-peptide linking' y TRYPTOPHAN           ? 'C11 H12 N2 O2'  204.225 
TYR 'L-peptide linking' y TYROSINE             ? 'C9 H11 N O3'    181.189 
VAL 'L-peptide linking' y VALINE               ? 'C5 H11 N O2'    117.146 
# 
_exptl.entry_id          1SP5 
_exptl.method            'X-RAY DIFFRACTION' 
_exptl.crystals_number   1 
# 
_exptl_crystal.id                    1 
_exptl_crystal.density_meas          ? 
_exptl_crystal.density_Matthews      2.37 
_exptl_crystal.density_percent_sol   47.70 
_exptl_crystal.description           ? 
_exptl_crystal.F_000                 ? 
_exptl_crystal.preparation           ? 
# 
_exptl_crystal_grow.crystal_id      1 
_exptl_crystal_grow.method          'VAPOR DIFFUSION, HANGING DROP' 
_exptl_crystal_grow.temp            279 
_exptl_crystal_grow.temp_details    ? 
_exptl_crystal_grow.pH              5.0 
_exptl_crystal_grow.pdbx_details    
;sodium chloride 0.8-0.9M, sodium citrate 50mM, DMSO 5%, sodium acetate 5mM, EDTA 0.5mM, DTT 0.25mM, Boc-Phe-psi[(S)-CH(OH)CH2NH]Phe-Ile-Phe-NH2 270mM, protein 3mg/ml in drop, pH 5.0, VAPOR DIFFUSION, HANGING DROP, temperature 279K
;
_exptl_crystal_grow.pdbx_pH_range   . 
# 
_diffrn.id                     1 
_diffrn.ambient_temp           100 
_diffrn.ambient_temp_details   ? 
_diffrn.crystal_id             1 
# 
_diffrn_detector.diffrn_id              1 
_diffrn_detector.detector               'IMAGE PLATE' 
_diffrn_detector.type                   MARRESEARCH 
_diffrn_detector.pdbx_collection_date   2000-07-16 
_diffrn_detector.details                ? 
# 
_diffrn_radiation.diffrn_id                        1 
_diffrn_radiation.wavelength_id                    1 
_diffrn_radiation.pdbx_monochromatic_or_laue_m_l   M 
_diffrn_radiation.monochromator                    'double Si 111' 
_diffrn_radiation.pdbx_diffrn_protocol             'SINGLE WAVELENGTH' 
_diffrn_radiation.pdbx_scattering_type             x-ray 
# 
_diffrn_radiation_wavelength.id           1 
_diffrn_radiation_wavelength.wavelength   1.0 
_diffrn_radiation_wavelength.wt           1.0 
# 
_diffrn_source.diffrn_id                   1 
_diffrn_source.source                      SYNCHROTRON 
_diffrn_source.type                        'ELETTRA BEAMLINE 5.2R' 
_diffrn_source.pdbx_synchrotron_site       ELETTRA 
_diffrn_source.pdbx_synchrotron_beamline   5.2R 
_diffrn_source.pdbx_wavelength             ? 
_diffrn_source.pdbx_wavelength_list        1.0 
# 
_reflns.entry_id                     1SP5 
_reflns.observed_criterion_sigma_I   0.0 
_reflns.observed_criterion_sigma_F   0.0 
_reflns.d_resolution_low             25 
_reflns.d_resolution_high            1.801 
_reflns.number_obs                   21152 
_reflns.number_all                   21152 
_reflns.percent_possible_obs         96.7 
_reflns.pdbx_Rmerge_I_obs            0.049 
_reflns.pdbx_Rsym_value              0.049 
_reflns.pdbx_netI_over_sigmaI        30.8 
_reflns.B_iso_Wilson_estimate        14.0 
_reflns.pdbx_redundancy              4.3 
_reflns.R_free_details               ? 
_reflns.limit_h_max                  ? 
_reflns.limit_h_min                  ? 
_reflns.limit_k_max                  ? 
_reflns.limit_k_min                  ? 
_reflns.limit_l_max                  ? 
_reflns.limit_l_min                  ? 
_reflns.observed_criterion_F_max     ? 
_reflns.observed_criterion_F_min     ? 
_reflns.pdbx_chi_squared             ? 
_reflns.pdbx_scaling_rejects         ? 
_reflns.pdbx_diffrn_id               1 
_reflns.pdbx_ordinal                 1 
# 
_reflns_shell.d_res_high             1.80 
_reflns_shell.d_res_low              1.83 
_reflns_shell.percent_possible_all   92.9 
_reflns_shell.Rmerge_I_obs           0.232 
_reflns_shell.pdbx_Rsym_value        0.232 
_reflns_shell.meanI_over_sigI_obs    7.0 
_reflns_shell.pdbx_redundancy        3.8 
_reflns_shell.percent_possible_obs   ? 
_reflns_shell.number_unique_all      988 
_reflns_shell.number_measured_all    ? 
_reflns_shell.number_measured_obs    ? 
_reflns_shell.number_unique_obs      ? 
_reflns_shell.pdbx_chi_squared       ? 
_reflns_shell.pdbx_diffrn_id         ? 
_reflns_shell.pdbx_ordinal           1 
# 
_refine.entry_id                                 1SP5 
_refine.ls_number_reflns_obs                     21129 
_refine.ls_number_reflns_all                     21129 
_refine.pdbx_ls_sigma_I                          ? 
_refine.pdbx_ls_sigma_F                          0.0 
_refine.pdbx_data_cutoff_high_absF               1327403.76 
_refine.pdbx_data_cutoff_low_absF                0.000000 
_refine.pdbx_data_cutoff_high_rms_absF           ? 
_refine.ls_d_res_low                             19.10 
_refine.ls_d_res_high                            1.80 
_refine.ls_percent_reflns_obs                    96.7 
_refine.ls_R_factor_obs                          0.178 
_refine.ls_R_factor_all                          0.178 
_refine.ls_R_factor_R_work                       0.177 
_refine.ls_R_factor_R_free                       0.211 
_refine.ls_R_factor_R_free_error                 0.007 
_refine.ls_R_factor_R_free_error_details         ? 
_refine.ls_percent_reflns_R_free                 4.8 
_refine.ls_number_reflns_R_free                  1023 
_refine.ls_number_parameters                     ? 
_refine.ls_number_restraints                     ? 
_refine.occupancy_min                            ? 
_refine.occupancy_max                            ? 
_refine.correlation_coeff_Fo_to_Fc               ? 
_refine.correlation_coeff_Fo_to_Fc_free          ? 
_refine.B_iso_mean                               15.9 
_refine.aniso_B[1][1]                            0.00 
_refine.aniso_B[2][2]                            0.00 
_refine.aniso_B[3][3]                            0.00 
_refine.aniso_B[1][2]                            0.00 
_refine.aniso_B[1][3]                            0.00 
_refine.aniso_B[2][3]                            0.00 
_refine.solvent_model_details                    'FLAT MODEL' 
_refine.solvent_model_param_ksol                 0.455801 
_refine.solvent_model_param_bsol                 74.8561 
_refine.pdbx_solvent_vdw_probe_radii             ? 
_refine.pdbx_solvent_ion_probe_radii             ? 
_refine.pdbx_solvent_shrinkage_radii             ? 
_refine.pdbx_ls_cross_valid_method               THROUGHOUT 
_refine.details                                  
'MAXIMUM LIKELIHOOD USED DURING REFINEMENT, STANDARD CRYSTALLOGRAPHIC RESIDUAL IN THE LAST CYCLE WITH ALL REFLECTIONS' 
_refine.pdbx_starting_model                      'PDB ENTRY 1A30' 
_refine.pdbx_method_to_determine_struct          'FOURIER SYNTHESIS' 
_refine.pdbx_isotropic_thermal_model             RESTRAINED 
_refine.pdbx_stereochemistry_target_values       'Engh & Huber' 
_refine.pdbx_stereochem_target_val_spec_case     ? 
_refine.pdbx_R_Free_selection_details            RANDOM 
_refine.pdbx_overall_ESU_R                       ? 
_refine.pdbx_overall_ESU_R_Free                  ? 
_refine.overall_SU_ML                            ? 
_refine.overall_SU_B                             ? 
_refine.ls_redundancy_reflns_obs                 ? 
_refine.B_iso_min                                ? 
_refine.B_iso_max                                ? 
_refine.overall_SU_R_Cruickshank_DPI             ? 
_refine.overall_SU_R_free                        ? 
_refine.ls_wR_factor_R_free                      ? 
_refine.ls_wR_factor_R_work                      ? 
_refine.overall_FOM_free_R_set                   ? 
_refine.overall_FOM_work_R_set                   ? 
_refine.pdbx_refine_id                           'X-RAY DIFFRACTION' 
_refine.pdbx_diffrn_id                           1 
_refine.pdbx_TLS_residual_ADP_flag               ? 
_refine.pdbx_overall_phase_error                 ? 
_refine.pdbx_overall_SU_R_free_Cruickshank_DPI   ? 
_refine.pdbx_overall_SU_R_Blow_DPI               ? 
_refine.pdbx_overall_SU_R_free_Blow_DPI          ? 
# 
_refine_analyze.entry_id                        1SP5 
_refine_analyze.Luzzati_coordinate_error_obs    0.17 
_refine_analyze.Luzzati_sigma_a_obs             0.12 
_refine_analyze.Luzzati_d_res_low_obs           5.00 
_refine_analyze.Luzzati_coordinate_error_free   0.21 
_refine_analyze.Luzzati_sigma_a_free            0.10 
_refine_analyze.Luzzati_d_res_low_free          ? 
_refine_analyze.number_disordered_residues      ? 
_refine_analyze.occupancy_sum_hydrogen          ? 
_refine_analyze.occupancy_sum_non_hydrogen      ? 
_refine_analyze.pdbx_Luzzati_d_res_high_obs     ? 
_refine_analyze.pdbx_refine_id                  'X-RAY DIFFRACTION' 
# 
_refine_hist.pdbx_refine_id                   'X-RAY DIFFRACTION' 
_refine_hist.cycle_id                         LAST 
_refine_hist.pdbx_number_atoms_protein        1567 
_refine_hist.pdbx_number_atoms_nucleic_acid   0 
_refine_hist.pdbx_number_atoms_ligand         19 
_refine_hist.number_atoms_solvent             135 
_refine_hist.number_atoms_total               1721 
_refine_hist.d_res_high                       1.80 
_refine_hist.d_res_low                        19.10 
# 
loop_
_refine_ls_restr.type 
_refine_ls_restr.dev_ideal 
_refine_ls_restr.dev_ideal_target 
_refine_ls_restr.weight 
_refine_ls_restr.number 
_refine_ls_restr.pdbx_refine_id 
_refine_ls_restr.pdbx_restraint_function 
c_bond_d                0.013 ?    ? ? 'X-RAY DIFFRACTION' ? 
c_bond_d_na             ?     ?    ? ? 'X-RAY DIFFRACTION' ? 
c_bond_d_prot           ?     ?    ? ? 'X-RAY DIFFRACTION' ? 
c_angle_d               ?     ?    ? ? 'X-RAY DIFFRACTION' ? 
c_angle_d_na            ?     ?    ? ? 'X-RAY DIFFRACTION' ? 
c_angle_d_prot          ?     ?    ? ? 'X-RAY DIFFRACTION' ? 
c_angle_deg             1.6   ?    ? ? 'X-RAY DIFFRACTION' ? 
c_angle_deg_na          ?     ?    ? ? 'X-RAY DIFFRACTION' ? 
c_angle_deg_prot        ?     ?    ? ? 'X-RAY DIFFRACTION' ? 
c_dihedral_angle_d      26.2  ?    ? ? 'X-RAY DIFFRACTION' ? 
c_dihedral_angle_d_na   ?     ?    ? ? 'X-RAY DIFFRACTION' ? 
c_dihedral_angle_d_prot ?     ?    ? ? 'X-RAY DIFFRACTION' ? 
c_improper_angle_d      0.92  ?    ? ? 'X-RAY DIFFRACTION' ? 
c_improper_angle_d_na   ?     ?    ? ? 'X-RAY DIFFRACTION' ? 
c_improper_angle_d_prot ?     ?    ? ? 'X-RAY DIFFRACTION' ? 
c_mcbond_it             1.55  1.50 ? ? 'X-RAY DIFFRACTION' ? 
c_mcangle_it            2.33  2.00 ? ? 'X-RAY DIFFRACTION' ? 
c_scbond_it             3.03  2.00 ? ? 'X-RAY DIFFRACTION' ? 
c_scangle_it            4.57  2.50 ? ? 'X-RAY DIFFRACTION' ? 
# 
_refine_ls_shell.pdbx_total_number_of_bins_used   10 
_refine_ls_shell.d_res_high                       1.80 
_refine_ls_shell.d_res_low                        1.87 
_refine_ls_shell.number_reflns_R_work             1933 
_refine_ls_shell.R_factor_R_work                  0.207 
_refine_ls_shell.percent_reflns_obs               95.8 
_refine_ls_shell.R_factor_R_free                  0.237 
_refine_ls_shell.R_factor_R_free_error            0.024 
_refine_ls_shell.percent_reflns_R_free            4.8 
_refine_ls_shell.number_reflns_R_free             97 
_refine_ls_shell.number_reflns_obs                2030 
_refine_ls_shell.redundancy_reflns_obs            ? 
_refine_ls_shell.number_reflns_all                ? 
_refine_ls_shell.pdbx_refine_id                   'X-RAY DIFFRACTION' 
_refine_ls_shell.R_factor_all                     ? 
# 
loop_
_pdbx_xplor_file.serial_no 
_pdbx_xplor_file.param_file 
_pdbx_xplor_file.topol_file 
_pdbx_xplor_file.pdbx_refine_id 
1 PROTEIN_CME_REP.PARAM PROTEIN_CME.TOP 'X-RAY DIFFRACTION' 
2 WATER_REP.PARAM       WATER.TOP       'X-RAY DIFFRACTION' 
3 ION.PARAM             ION.TOP         'X-RAY DIFFRACTION' 
4 DMS.PARAM             DMS.TOP         'X-RAY DIFFRACTION' 
# 
_struct.entry_id                  1SP5 
_struct.title                     'Crystal structure of HIV-1 protease complexed with a product of autoproteolysis' 
_struct.pdbx_model_details        ? 
_struct.pdbx_CASP_flag            ? 
_struct.pdbx_model_type_details   ? 
# 
_struct_keywords.entry_id        1SP5 
_struct_keywords.pdbx_keywords   HYDROLASE 
_struct_keywords.text            
;product, autoproteolysis, self-digestion, autodigestion, aspartic protease, HIV, protease, complex(aspartic protease-peptide), HYDROLASE
;
# 
loop_
_struct_asym.id 
_struct_asym.pdbx_blank_PDB_chainid_flag 
_struct_asym.pdbx_modified 
_struct_asym.entity_id 
_struct_asym.details 
A N N 1 ? 
B N N 1 ? 
C N N 2 ? 
D N N 3 ? 
E N N 3 ? 
F N N 4 ? 
G N N 4 ? 
H N N 5 ? 
I N N 3 ? 
J N N 4 ? 
K N N 6 ? 
L N N 6 ? 
M N N 6 ? 
# 
_struct_biol.id                    1 
_struct_biol.details               'The biological assembly corresponds to the contents of asymmetric unit (HIV protease dimer).' 
_struct_biol.pdbx_parent_biol_id   ? 
# 
loop_
_struct_conf.conf_type_id 
_struct_conf.id 
_struct_conf.pdbx_PDB_helix_id 
_struct_conf.beg_label_comp_id 
_struct_conf.beg_label_asym_id 
_struct_conf.beg_label_seq_id 
_struct_conf.pdbx_beg_PDB_ins_code 
_struct_conf.end_label_comp_id 
_struct_conf.end_label_asym_id 
_struct_conf.end_label_seq_id 
_struct_conf.pdbx_end_PDB_ins_code 
_struct_conf.beg_auth_comp_id 
_struct_conf.beg_auth_asym_id 
_struct_conf.beg_auth_seq_id 
_struct_conf.end_auth_comp_id 
_struct_conf.end_auth_asym_id 
_struct_conf.end_auth_seq_id 
_struct_conf.pdbx_PDB_helix_class 
_struct_conf.details 
_struct_conf.pdbx_PDB_helix_length 
HELX_P HELX_P1 1 GLY A 86 ? THR A 91 ? GLY A 86 THR A 91 1 ? 6 
HELX_P HELX_P2 2 GLY B 86 ? THR B 91 ? GLY B 86 THR B 91 1 ? 6 
HELX_P HELX_P3 3 GLN B 92 ? GLY B 94 ? GLN B 92 GLY B 94 5 ? 3 
# 
_struct_conf_type.id          HELX_P 
_struct_conf_type.criteria    ? 
_struct_conf_type.reference   ? 
# 
loop_
_struct_conn.id 
_struct_conn.conn_type_id 
_struct_conn.pdbx_leaving_atom_flag 
_struct_conn.pdbx_PDB_id 
_struct_conn.ptnr1_label_asym_id 
_struct_conn.ptnr1_label_comp_id 
_struct_conn.ptnr1_label_seq_id 
_struct_conn.ptnr1_label_atom_id 
_struct_conn.pdbx_ptnr1_label_alt_id 
_struct_conn.pdbx_ptnr1_PDB_ins_code 
_struct_conn.pdbx_ptnr1_standard_comp_id 
_struct_conn.ptnr1_symmetry 
_struct_conn.ptnr2_label_asym_id 
_struct_conn.ptnr2_label_comp_id 
_struct_conn.ptnr2_label_seq_id 
_struct_conn.ptnr2_label_atom_id 
_struct_conn.pdbx_ptnr2_label_alt_id 
_struct_conn.pdbx_ptnr2_PDB_ins_code 
_struct_conn.ptnr1_auth_asym_id 
_struct_conn.ptnr1_auth_comp_id 
_struct_conn.ptnr1_auth_seq_id 
_struct_conn.ptnr2_auth_asym_id 
_struct_conn.ptnr2_auth_comp_id 
_struct_conn.ptnr2_auth_seq_id 
_struct_conn.ptnr2_symmetry 
_struct_conn.pdbx_ptnr3_label_atom_id 
_struct_conn.pdbx_ptnr3_label_seq_id 
_struct_conn.pdbx_ptnr3_label_comp_id 
_struct_conn.pdbx_ptnr3_label_asym_id 
_struct_conn.pdbx_ptnr3_label_alt_id 
_struct_conn.pdbx_ptnr3_PDB_ins_code 
_struct_conn.details 
_struct_conn.pdbx_dist_value 
_struct_conn.pdbx_value_order 
_struct_conn.pdbx_role 
covale1 covale none ? A CYS 67 SG A ? ? 1_555 F BME . S2 ? ? A CYS 67 A BME 401 1_555 ? ? ? ? ? ? ? 2.029 ? ? 
covale2 covale none ? B CYS 67 SG ? ? ? 1_555 J BME . S2 ? ? B CYS 67 B BME 402 1_555 ? ? ? ? ? ? ? 2.051 ? ? 
# 
_struct_conn_type.id          covale 
_struct_conn_type.criteria    ? 
_struct_conn_type.reference   ? 
# 
loop_
_struct_sheet.id 
_struct_sheet.type 
_struct_sheet.number_strands 
_struct_sheet.details 
A ? 4 ? 
B ? 9 ? 
C ? 8 ? 
# 
loop_
_struct_sheet_order.sheet_id 
_struct_sheet_order.range_id_1 
_struct_sheet_order.range_id_2 
_struct_sheet_order.offset 
_struct_sheet_order.sense 
A 1 2 ? anti-parallel 
A 2 3 ? anti-parallel 
A 3 4 ? anti-parallel 
B 1 2 ? parallel      
B 2 3 ? anti-parallel 
B 3 4 ? anti-parallel 
B 4 5 ? parallel      
B 5 6 ? anti-parallel 
B 6 7 ? parallel      
B 7 8 ? anti-parallel 
B 8 9 ? anti-parallel 
C 1 2 ? anti-parallel 
C 2 3 ? anti-parallel 
C 3 4 ? parallel      
C 4 5 ? anti-parallel 
C 5 6 ? parallel      
C 6 7 ? anti-parallel 
C 7 8 ? anti-parallel 
# 
loop_
_struct_sheet_range.sheet_id 
_struct_sheet_range.id 
_struct_sheet_range.beg_label_comp_id 
_struct_sheet_range.beg_label_asym_id 
_struct_sheet_range.beg_label_seq_id 
_struct_sheet_range.pdbx_beg_PDB_ins_code 
_struct_sheet_range.end_label_comp_id 
_struct_sheet_range.end_label_asym_id 
_struct_sheet_range.end_label_seq_id 
_struct_sheet_range.pdbx_end_PDB_ins_code 
_struct_sheet_range.beg_auth_comp_id 
_struct_sheet_range.beg_auth_asym_id 
_struct_sheet_range.beg_auth_seq_id 
_struct_sheet_range.end_auth_comp_id 
_struct_sheet_range.end_auth_asym_id 
_struct_sheet_range.end_auth_seq_id 
A 1 GLN A 2  ? ILE A 3  ? GLN A 2  ILE A 3  
A 2 THR B 96 ? ASN B 98 ? THR B 96 ASN B 98 
A 3 THR A 96 ? ASN A 98 ? THR A 96 ASN A 98 
A 4 GLN B 2  ? ILE B 3  ? GLN B 2  ILE B 3  
B 1 ASP C 2  ? GLN C 3  ? ASP I 60 GLN I 61 
B 2 LYS A 43 ? GLY A 49 ? LYS A 43 GLY A 49 
B 3 GLY A 52 ? ILE A 66 ? GLY A 52 ILE A 66 
B 4 HIS A 69 ? VAL A 77 ? HIS A 69 VAL A 77 
B 5 VAL A 32 ? LEU A 33 ? VAL A 32 LEU A 33 
B 6 ILE A 84 ? ILE A 85 ? ILE A 84 ILE A 85 
B 7 GLN A 18 ? LEU A 24 ? GLN A 18 LEU A 24 
B 8 LEU A 10 ? ILE A 15 ? LEU A 10 ILE A 15 
B 9 GLY A 52 ? ILE A 66 ? GLY A 52 ILE A 66 
C 1 LYS B 43 ? GLY B 49 ? LYS B 43 GLY B 49 
C 2 GLY B 52 ? ILE B 66 ? GLY B 52 ILE B 66 
C 3 HIS B 69 ? VAL B 77 ? HIS B 69 VAL B 77 
C 4 THR B 31 ? LEU B 33 ? THR B 31 LEU B 33 
C 5 ILE B 84 ? ILE B 85 ? ILE B 84 ILE B 85 
C 6 GLN B 18 ? LEU B 24 ? GLN B 18 LEU B 24 
C 7 LEU B 10 ? ILE B 15 ? LEU B 10 ILE B 15 
C 8 GLY B 52 ? ILE B 66 ? GLY B 52 ILE B 66 
# 
loop_
_pdbx_struct_sheet_hbond.sheet_id 
_pdbx_struct_sheet_hbond.range_id_1 
_pdbx_struct_sheet_hbond.range_id_2 
_pdbx_struct_sheet_hbond.range_1_label_atom_id 
_pdbx_struct_sheet_hbond.range_1_label_comp_id 
_pdbx_struct_sheet_hbond.range_1_label_asym_id 
_pdbx_struct_sheet_hbond.range_1_label_seq_id 
_pdbx_struct_sheet_hbond.range_1_PDB_ins_code 
_pdbx_struct_sheet_hbond.range_1_auth_atom_id 
_pdbx_struct_sheet_hbond.range_1_auth_comp_id 
_pdbx_struct_sheet_hbond.range_1_auth_asym_id 
_pdbx_struct_sheet_hbond.range_1_auth_seq_id 
_pdbx_struct_sheet_hbond.range_2_label_atom_id 
_pdbx_struct_sheet_hbond.range_2_label_comp_id 
_pdbx_struct_sheet_hbond.range_2_label_asym_id 
_pdbx_struct_sheet_hbond.range_2_label_seq_id 
_pdbx_struct_sheet_hbond.range_2_PDB_ins_code 
_pdbx_struct_sheet_hbond.range_2_auth_atom_id 
_pdbx_struct_sheet_hbond.range_2_auth_comp_id 
_pdbx_struct_sheet_hbond.range_2_auth_asym_id 
_pdbx_struct_sheet_hbond.range_2_auth_seq_id 
A 1 2 N ILE A 3  ? N ILE A 3  O LEU B 97 ? O LEU B 97 
A 2 3 O THR B 96 ? O THR B 96 N ASN A 98 ? N ASN A 98 
A 3 4 N LEU A 97 ? N LEU A 97 O ILE B 3  ? O ILE B 3  
B 1 2 O ASP C 2  ? O ASP I 60 N GLY A 48 ? N GLY A 48 
B 2 3 N LYS A 43 ? N LYS A 43 O GLN A 58 ? O GLN A 58 
B 3 4 N ILE A 66 ? N ILE A 66 O HIS A 69 ? O HIS A 69 
B 4 5 O LEU A 76 ? O LEU A 76 N LEU A 33 ? N LEU A 33 
B 5 6 N VAL A 32 ? N VAL A 32 O ILE A 84 ? O ILE A 84 
B 6 7 O ILE A 85 ? O ILE A 85 N LEU A 23 ? N LEU A 23 
B 7 8 O ALA A 22 ? O ALA A 22 N VAL A 11 ? N VAL A 11 
B 8 9 N LYS A 14 ? N LYS A 14 O GLU A 65 ? O GLU A 65 
C 1 2 N LYS B 43 ? N LYS B 43 O GLN B 58 ? O GLN B 58 
C 2 3 N ILE B 62 ? N ILE B 62 O GLY B 73 ? O GLY B 73 
C 3 4 O LEU B 76 ? O LEU B 76 N LEU B 33 ? N LEU B 33 
C 4 5 N VAL B 32 ? N VAL B 32 O ILE B 84 ? O ILE B 84 
C 5 6 O ILE B 85 ? O ILE B 85 N LEU B 23 ? N LEU B 23 
C 6 7 O ALA B 22 ? O ALA B 22 N VAL B 11 ? N VAL B 11 
C 7 8 N LYS B 14 ? N LYS B 14 O GLU B 65 ? O GLU B 65 
# 
loop_
_struct_site.id 
_struct_site.pdbx_evidence_code 
_struct_site.pdbx_auth_asym_id 
_struct_site.pdbx_auth_comp_id 
_struct_site.pdbx_auth_seq_id 
_struct_site.pdbx_auth_ins_code 
_struct_site.pdbx_num_residues 
_struct_site.details 
AC1 Software A CL  601 ? 2 'BINDING SITE FOR RESIDUE CL A 601'  
AC2 Software A CL  602 ? 3 'BINDING SITE FOR RESIDUE CL A 602'  
AC3 Software B CL  603 ? 3 'BINDING SITE FOR RESIDUE CL B 603'  
AC4 Software A BME 401 ? 3 'BINDING SITE FOR RESIDUE BME A 401' 
AC5 Software B BME 402 ? 1 'BINDING SITE FOR RESIDUE BME B 402' 
AC6 Software A BME 403 ? 4 'BINDING SITE FOR RESIDUE BME A 403' 
AC7 Software A DMS 501 ? 5 'BINDING SITE FOR RESIDUE DMS A 501' 
# 
loop_
_struct_site_gen.id 
_struct_site_gen.site_id 
_struct_site_gen.pdbx_num_res 
_struct_site_gen.label_comp_id 
_struct_site_gen.label_asym_id 
_struct_site_gen.label_seq_id 
_struct_site_gen.pdbx_auth_ins_code 
_struct_site_gen.auth_comp_id 
_struct_site_gen.auth_asym_id 
_struct_site_gen.auth_seq_id 
_struct_site_gen.label_atom_id 
_struct_site_gen.label_alt_id 
_struct_site_gen.symmetry 
_struct_site_gen.details 
1  AC1 2 TRP A 6  ? TRP A 6   . ? 1_555 ? 
2  AC1 2 LYS A 55 ? LYS A 55  . ? 3_555 ? 
3  AC2 3 THR A 74 ? THR A 74  . ? 1_555 ? 
4  AC2 3 ASN A 88 ? ASN A 88  . ? 1_555 ? 
5  AC2 3 HOH K .  ? HOH A 609 . ? 1_555 ? 
6  AC3 3 ARG A 41 ? ARG A 41  . ? 3_555 ? 
7  AC3 3 THR B 74 ? THR B 74  . ? 1_555 ? 
8  AC3 3 ASN B 88 ? ASN B 88  . ? 1_555 ? 
9  AC4 3 VAL A 11 ? VAL A 11  . ? 1_555 ? 
10 AC4 3 THR A 12 ? THR A 12  . ? 1_555 ? 
11 AC4 3 CYS A 67 ? CYS A 67  . ? 1_555 ? 
12 AC5 1 CYS B 67 ? CYS B 67  . ? 1_555 ? 
13 AC6 4 THR A 12 ? THR A 12  . ? 1_555 ? 
14 AC6 4 GLU A 65 ? GLU A 65  . ? 1_555 ? 
15 AC6 4 GLY A 68 ? GLY A 68  . ? 1_555 ? 
16 AC6 4 SER B 37 ? SER B 37  . ? 1_554 ? 
17 AC7 5 LYS A 55 ? LYS A 55  . ? 1_555 ? 
18 AC7 5 VAL A 56 ? VAL A 56  . ? 1_555 ? 
19 AC7 5 ARG A 57 ? ARG A 57  . ? 1_555 ? 
20 AC7 5 VAL A 77 ? VAL A 77  . ? 1_555 ? 
21 AC7 5 HOH K .  ? HOH A 667 . ? 1_555 ? 
# 
_atom_sites.entry_id                    1SP5 
_atom_sites.fract_transf_matrix[1][1]   0.00649930 
_atom_sites.fract_transf_matrix[1][2]   -0.01556098 
_atom_sites.fract_transf_matrix[1][3]   0.00391412 
_atom_sites.fract_transf_matrix[2][1]   0.00688615 
_atom_sites.fract_transf_matrix[2][2]   0.00487490 
_atom_sites.fract_transf_matrix[2][3]   0.00794635 
_atom_sites.fract_transf_matrix[3][1]   -0.01552070 
_atom_sites.fract_transf_matrix[3][2]   -0.00268502 
_atom_sites.fract_transf_matrix[3][3]   0.01509714 
_atom_sites.fract_transf_vector[1]      0.272160 
_atom_sites.fract_transf_vector[2]      0.304663 
_atom_sites.fract_transf_vector[3]      0.081110 
# 
loop_
_atom_type.symbol 
C  
CL 
N  
O  
S  
# 
loop_
_atom_site.group_PDB 
_atom_site.id 
_atom_site.type_symbol 
_atom_site.label_atom_id 
_atom_site.label_alt_id 
_atom_site.label_comp_id 
_atom_site.label_asym_id 
_atom_site.label_entity_id 
_atom_site.label_seq_id 
_atom_site.pdbx_PDB_ins_code 
_atom_site.Cartn_x 
_atom_site.Cartn_y 
_atom_site.Cartn_z 
_atom_site.occupancy 
_atom_site.B_iso_or_equiv 
_atom_site.pdbx_formal_charge 
_atom_site.auth_seq_id 
_atom_site.auth_comp_id 
_atom_site.auth_asym_id 
_atom_site.auth_atom_id 
_atom_site.pdbx_PDB_model_num 
ATOM   1    N  N   . PRO A 1 1  ? 18.842  0.569   -1.624  1.00 24.43 ? 1   PRO A N   1 
ATOM   2    C  CA  . PRO A 1 1  ? 18.773  1.733   -0.709  1.00 23.34 ? 1   PRO A CA  1 
ATOM   3    C  C   . PRO A 1 1  ? 17.876  1.467   0.502   1.00 22.48 ? 1   PRO A C   1 
ATOM   4    O  O   . PRO A 1 1  ? 17.268  0.396   0.627   1.00 21.20 ? 1   PRO A O   1 
ATOM   5    C  CB  . PRO A 1 1  ? 18.218  2.893   -1.517  1.00 23.91 ? 1   PRO A CB  1 
ATOM   6    C  CG  . PRO A 1 1  ? 17.346  2.164   -2.532  1.00 26.32 ? 1   PRO A CG  1 
ATOM   7    C  CD  . PRO A 1 1  ? 18.141  0.882   -2.885  1.00 24.72 ? 1   PRO A CD  1 
ATOM   8    N  N   . GLN A 1 2  ? 17.838  2.436   1.411   1.00 21.86 ? 2   GLN A N   1 
ATOM   9    C  CA  . GLN A 1 2  ? 16.956  2.378   2.587   1.00 21.10 ? 2   GLN A CA  1 
ATOM   10   C  C   . GLN A 1 2  ? 16.050  3.585   2.402   1.00 18.33 ? 2   GLN A C   1 
ATOM   11   O  O   . GLN A 1 2  ? 16.536  4.694   2.245   1.00 17.98 ? 2   GLN A O   1 
ATOM   12   C  CB  . GLN A 1 2  ? 17.713  2.530   3.890   1.00 22.53 ? 2   GLN A CB  1 
ATOM   13   C  CG  . GLN A 1 2  ? 16.780  2.840   5.025   1.00 25.00 ? 2   GLN A CG  1 
ATOM   14   C  CD  . GLN A 1 2  ? 17.408  2.551   6.353   1.00 31.00 ? 2   GLN A CD  1 
ATOM   15   O  OE1 . GLN A 1 2  ? 17.637  1.379   6.702   1.00 32.19 ? 2   GLN A OE1 1 
ATOM   16   N  NE2 . GLN A 1 2  ? 17.703  3.607   7.115   1.00 30.67 ? 2   GLN A NE2 1 
ATOM   17   N  N   . ILE A 1 3  ? 14.743  3.361   2.398   1.00 13.82 ? 3   ILE A N   1 
ATOM   18   C  CA  . ILE A 1 3  ? 13.797  4.434   2.164   1.00 12.10 ? 3   ILE A CA  1 
ATOM   19   C  C   . ILE A 1 3  ? 12.899  4.635   3.388   1.00 12.66 ? 3   ILE A C   1 
ATOM   20   O  O   . ILE A 1 3  ? 12.243  3.693   3.862   1.00 9.93  ? 3   ILE A O   1 
ATOM   21   C  CB  . ILE A 1 3  ? 12.933  4.108   0.922   1.00 11.51 ? 3   ILE A CB  1 
ATOM   22   C  CG1 . ILE A 1 3  ? 13.840  3.952   -0.303  1.00 14.21 ? 3   ILE A CG1 1 
ATOM   23   C  CG2 . ILE A 1 3  ? 11.876  5.175   0.722   1.00 13.63 ? 3   ILE A CG2 1 
ATOM   24   C  CD1 . ILE A 1 3  ? 13.116  3.511   -1.558  1.00 15.19 ? 3   ILE A CD1 1 
ATOM   25   N  N   . THR A 1 4  ? 12.903  5.857   3.917   1.00 12.09 ? 4   THR A N   1 
ATOM   26   C  CA  . THR A 1 4  ? 12.080  6.173   5.071   1.00 11.65 ? 4   THR A CA  1 
ATOM   27   C  C   . THR A 1 4  ? 10.706  6.541   4.536   1.00 10.71 ? 4   THR A C   1 
ATOM   28   O  O   . THR A 1 4  ? 10.533  6.684   3.327   1.00 11.44 ? 4   THR A O   1 
ATOM   29   C  CB  . THR A 1 4  ? 12.681  7.315   5.913   1.00 11.06 ? 4   THR A CB  1 
ATOM   30   O  OG1 . THR A 1 4  ? 13.017  8.411   5.061   1.00 11.82 ? 4   THR A OG1 1 
ATOM   31   C  CG2 . THR A 1 4  ? 13.935  6.821   6.667   1.00 12.91 ? 4   THR A CG2 1 
ATOM   32   N  N   . LEU A 1 5  ? 9.738   6.720   5.432   1.00 9.10  ? 5   LEU A N   1 
ATOM   33   C  CA  . LEU A 1 5  ? 8.379   6.964   4.997   1.00 8.16  ? 5   LEU A CA  1 
ATOM   34   C  C   . LEU A 1 5  ? 7.737   8.311   5.352   1.00 9.77  ? 5   LEU A C   1 
ATOM   35   O  O   . LEU A 1 5  ? 6.506   8.443   5.380   1.00 8.31  ? 5   LEU A O   1 
ATOM   36   C  CB  . LEU A 1 5  ? 7.535   5.796   5.510   1.00 8.86  ? 5   LEU A CB  1 
ATOM   37   C  CG  . LEU A 1 5  ? 8.022   4.413   5.021   1.00 7.63  ? 5   LEU A CG  1 
ATOM   38   C  CD1 . LEU A 1 5  ? 7.320   3.332   5.812   1.00 8.26  ? 5   LEU A CD1 1 
ATOM   39   C  CD2 . LEU A 1 5  ? 7.741   4.252   3.521   1.00 7.62  ? 5   LEU A CD2 1 
ATOM   40   N  N   . TRP A 1 6  ? 8.567   9.322   5.593   1.00 10.24 ? 6   TRP A N   1 
ATOM   41   C  CA  . TRP A 1 6  ? 8.057   10.656  5.933   1.00 10.20 ? 6   TRP A CA  1 
ATOM   42   C  C   . TRP A 1 6  ? 7.350   11.235  4.703   1.00 11.19 ? 6   TRP A C   1 
ATOM   43   O  O   . TRP A 1 6  ? 6.403   12.016  4.828   1.00 11.69 ? 6   TRP A O   1 
ATOM   44   C  CB  . TRP A 1 6  ? 9.202   11.561  6.421   1.00 8.53  ? 6   TRP A CB  1 
ATOM   45   C  CG  . TRP A 1 6  ? 9.926   10.959  7.581   1.00 8.76  ? 6   TRP A CG  1 
ATOM   46   C  CD1 . TRP A 1 6  ? 11.093  10.245  7.538   1.00 9.37  ? 6   TRP A CD1 1 
ATOM   47   C  CD2 . TRP A 1 6  ? 9.485   10.925  8.953   1.00 8.89  ? 6   TRP A CD2 1 
ATOM   48   N  NE1 . TRP A 1 6  ? 11.408  9.764   8.800   1.00 9.12  ? 6   TRP A NE1 1 
ATOM   49   C  CE2 . TRP A 1 6  ? 10.442  10.167  9.686   1.00 10.91 ? 6   TRP A CE2 1 
ATOM   50   C  CE3 . TRP A 1 6  ? 8.375   11.453  9.634   1.00 8.18  ? 6   TRP A CE3 1 
ATOM   51   C  CZ2 . TRP A 1 6  ? 10.321  9.926   11.073  1.00 8.74  ? 6   TRP A CZ2 1 
ATOM   52   C  CZ3 . TRP A 1 6  ? 8.256   11.210  11.015  1.00 7.54  ? 6   TRP A CZ3 1 
ATOM   53   C  CH2 . TRP A 1 6  ? 9.228   10.453  11.715  1.00 9.14  ? 6   TRP A CH2 1 
ATOM   54   N  N   . GLN A 1 7  ? 7.799   10.824  3.519   1.00 11.49 ? 7   GLN A N   1 
ATOM   55   C  CA  . GLN A 1 7  ? 7.176   11.224  2.241   1.00 13.63 ? 7   GLN A CA  1 
ATOM   56   C  C   . GLN A 1 7  ? 6.755   9.929   1.539   1.00 11.25 ? 7   GLN A C   1 
ATOM   57   O  O   . GLN A 1 7  ? 7.194   8.831   1.933   1.00 9.74  ? 7   GLN A O   1 
ATOM   58   C  CB  . GLN A 1 7  ? 8.162   11.932  1.292   1.00 19.06 ? 7   GLN A CB  1 
ATOM   59   C  CG  . GLN A 1 7  ? 8.339   13.388  1.548   1.00 31.62 ? 7   GLN A CG  1 
ATOM   60   C  CD  . GLN A 1 7  ? 9.316   13.625  2.662   1.00 40.79 ? 7   GLN A CD  1 
ATOM   61   O  OE1 . GLN A 1 7  ? 8.990   14.272  3.682   1.00 46.91 ? 7   GLN A OE1 1 
ATOM   62   N  NE2 . GLN A 1 7  ? 10.540  13.100  2.490   1.00 44.75 ? 7   GLN A NE2 1 
ATOM   63   N  N   . ARG A 1 8  ? 5.913   10.063  0.509   1.00 9.69  ? 8   ARG A N   1 
ATOM   64   C  CA  . ARG A 1 8  ? 5.492   8.895   -0.270  1.00 9.23  ? 8   ARG A CA  1 
ATOM   65   C  C   . ARG A 1 8  ? 6.729   8.259   -0.883  1.00 9.60  ? 8   ARG A C   1 
ATOM   66   O  O   . ARG A 1 8  ? 7.581   8.962   -1.417  1.00 9.53  ? 8   ARG A O   1 
ATOM   67   C  CB  . ARG A 1 8  ? 4.557   9.314   -1.398  1.00 10.39 ? 8   ARG A CB  1 
ATOM   68   C  CG  . ARG A 1 8  ? 3.168   9.584   -0.930  1.00 11.95 ? 8   ARG A CG  1 
ATOM   69   C  CD  . ARG A 1 8  ? 2.270   9.951   -2.109  1.00 19.10 ? 8   ARG A CD  1 
ATOM   70   N  NE  . ARG A 1 8  ? 0.965   10.324  -1.595  1.00 24.97 ? 8   ARG A NE  1 
ATOM   71   C  CZ  . ARG A 1 8  ? 0.192   11.281  -2.100  1.00 32.27 ? 8   ARG A CZ  1 
ATOM   72   N  NH1 . ARG A 1 8  ? 0.588   11.981  -3.159  1.00 31.70 ? 8   ARG A NH1 1 
ATOM   73   N  NH2 . ARG A 1 8  ? -0.976  11.558  -1.523  1.00 33.71 ? 8   ARG A NH2 1 
ATOM   74   N  N   . PRO A 1 9  ? 6.856   6.919   -0.797  1.00 10.26 ? 9   PRO A N   1 
ATOM   75   C  CA  . PRO A 1 9  ? 8.032   6.253   -1.378  1.00 8.46  ? 9   PRO A CA  1 
ATOM   76   C  C   . PRO A 1 9  ? 7.887   6.135   -2.900  1.00 10.87 ? 9   PRO A C   1 
ATOM   77   O  O   . PRO A 1 9  ? 7.649   5.052   -3.423  1.00 10.51 ? 9   PRO A O   1 
ATOM   78   C  CB  . PRO A 1 9  ? 8.035   4.887   -0.670  1.00 9.65  ? 9   PRO A CB  1 
ATOM   79   C  CG  . PRO A 1 9  ? 6.540   4.613   -0.472  1.00 8.63  ? 9   PRO A CG  1 
ATOM   80   C  CD  . PRO A 1 9  ? 6.062   5.986   0.035   1.00 9.32  ? 9   PRO A CD  1 
ATOM   81   N  N   . LEU A 1 10 ? 8.017   7.259   -3.603  1.00 10.49 ? 10  LEU A N   1 
ATOM   82   C  CA  . LEU A 1 10 ? 7.895   7.314   -5.074  1.00 12.11 ? 10  LEU A CA  1 
ATOM   83   C  C   . LEU A 1 10 ? 9.277   7.141   -5.677  1.00 13.52 ? 10  LEU A C   1 
ATOM   84   O  O   . LEU A 1 10 ? 10.205  7.826   -5.262  1.00 16.77 ? 10  LEU A O   1 
ATOM   85   C  CB  . LEU A 1 10 ? 7.318   8.685   -5.511  1.00 13.53 ? 10  LEU A CB  1 
ATOM   86   C  CG  . LEU A 1 10 ? 5.835   8.953   -5.223  1.00 12.65 ? 10  LEU A CG  1 
ATOM   87   C  CD1 . LEU A 1 10 ? 5.508   10.390  -5.483  1.00 18.71 ? 10  LEU A CD1 1 
ATOM   88   C  CD2 . LEU A 1 10 ? 4.958   8.076   -6.099  1.00 14.29 ? 10  LEU A CD2 1 
ATOM   89   N  N   . VAL A 1 11 ? 9.446   6.223   -6.619  1.00 10.46 ? 11  VAL A N   1 
ATOM   90   C  CA  . VAL A 1 11 ? 10.754  6.038   -7.234  1.00 11.35 ? 11  VAL A CA  1 
ATOM   91   C  C   . VAL A 1 11 ? 10.583  6.095   -8.747  1.00 12.48 ? 11  VAL A C   1 
ATOM   92   O  O   . VAL A 1 11 ? 9.463   6.131   -9.250  1.00 11.28 ? 11  VAL A O   1 
ATOM   93   C  CB  . VAL A 1 11 ? 11.409  4.670   -6.853  1.00 13.10 ? 11  VAL A CB  1 
ATOM   94   C  CG1 . VAL A 1 11 ? 11.607  4.585   -5.333  1.00 13.99 ? 11  VAL A CG1 1 
ATOM   95   C  CG2 . VAL A 1 11 ? 10.571  3.508   -7.371  1.00 13.32 ? 11  VAL A CG2 1 
ATOM   96   N  N   . THR A 1 12 ? 11.691  6.125   -9.475  1.00 13.30 ? 12  THR A N   1 
ATOM   97   C  CA  . THR A 1 12 ? 11.614  6.119   -10.931 1.00 12.90 ? 12  THR A CA  1 
ATOM   98   C  C   . THR A 1 12 ? 11.693  4.663   -11.408 1.00 12.90 ? 12  THR A C   1 
ATOM   99   O  O   . THR A 1 12 ? 12.488  3.850   -10.894 1.00 13.55 ? 12  THR A O   1 
ATOM   100  C  CB  . THR A 1 12 ? 12.791  6.919   -11.592 1.00 13.41 ? 12  THR A CB  1 
ATOM   101  O  OG1 . THR A 1 12 ? 12.669  8.290   -11.235 1.00 17.01 ? 12  THR A OG1 1 
ATOM   102  C  CG2 . THR A 1 12 ? 12.722  6.851   -13.114 1.00 12.38 ? 12  THR A CG2 1 
ATOM   103  N  N   . ILE A 1 13 ? 10.834  4.328   -12.363 1.00 11.23 ? 13  ILE A N   1 
ATOM   104  C  CA  . ILE A 1 13 ? 10.859  2.999   -12.958 1.00 10.95 ? 13  ILE A CA  1 
ATOM   105  C  C   . ILE A 1 13 ? 11.036  3.215   -14.465 1.00 11.69 ? 13  ILE A C   1 
ATOM   106  O  O   . ILE A 1 13 ? 10.833  4.318   -14.974 1.00 11.35 ? 13  ILE A O   1 
ATOM   107  C  CB  . ILE A 1 13 ? 9.524   2.209   -12.720 1.00 9.25  ? 13  ILE A CB  1 
ATOM   108  C  CG1 . ILE A 1 13 ? 8.358   2.902   -13.452 1.00 10.03 ? 13  ILE A CG1 1 
ATOM   109  C  CG2 . ILE A 1 13 ? 9.283   2.026   -11.198 1.00 8.06  ? 13  ILE A CG2 1 
ATOM   110  C  CD1 . ILE A 1 13 ? 7.094   2.039   -13.602 1.00 10.87 ? 13  ILE A CD1 1 
ATOM   111  N  N   . LYS A 1 14 ? 11.441  2.176   -15.174 1.00 10.20 ? 14  LYS A N   1 
ATOM   112  C  CA  . LYS A 1 14 ? 11.573  2.276   -16.617 1.00 11.06 ? 14  LYS A CA  1 
ATOM   113  C  C   . LYS A 1 14 ? 10.829  1.086   -17.213 1.00 10.68 ? 14  LYS A C   1 
ATOM   114  O  O   . LYS A 1 14 ? 11.055  -0.068  -16.835 1.00 10.72 ? 14  LYS A O   1 
ATOM   115  C  CB  . LYS A 1 14 ? 13.051  2.265   -17.060 1.00 11.05 ? 14  LYS A CB  1 
ATOM   116  C  CG  . LYS A 1 14 ? 13.221  2.240   -18.585 1.00 12.35 ? 14  LYS A CG  1 
ATOM   117  C  CD  . LYS A 1 14 ? 14.617  2.625   -19.027 1.00 16.57 ? 14  LYS A CD  1 
ATOM   118  C  CE  . LYS A 1 14 ? 15.674  1.681   -18.501 1.00 22.16 ? 14  LYS A CE  1 
ATOM   119  N  NZ  . LYS A 1 14 ? 17.037  2.024   -19.074 1.00 25.15 ? 14  LYS A NZ  1 
ATOM   120  N  N   . ILE A 1 15 ? 9.904   1.376   -18.118 1.00 11.56 ? 15  ILE A N   1 
ATOM   121  C  CA  . ILE A 1 15 ? 9.138   0.326   -18.777 1.00 12.07 ? 15  ILE A CA  1 
ATOM   122  C  C   . ILE A 1 15 ? 8.922   0.772   -20.232 1.00 13.41 ? 15  ILE A C   1 
ATOM   123  O  O   . ILE A 1 15 ? 8.592   1.939   -20.530 1.00 11.55 ? 15  ILE A O   1 
ATOM   124  C  CB  . ILE A 1 15 ? 7.784   0.033   -17.980 1.00 12.78 ? 15  ILE A CB  1 
ATOM   125  C  CG1 . ILE A 1 15 ? 6.998   -1.094  -18.650 1.00 12.87 ? 15  ILE A CG1 1 
ATOM   126  C  CG2 . ILE A 1 15 ? 6.934   1.295   -17.854 1.00 12.70 ? 15  ILE A CG2 1 
ATOM   127  C  CD1 . ILE A 1 15 ? 5.878   -1.654  -17.776 1.00 13.69 ? 15  ILE A CD1 1 
ATOM   128  N  N   . GLY A 1 16 ? 9.176   -0.160  -21.140 1.00 15.29 ? 16  GLY A N   1 
ATOM   129  C  CA  . GLY A 1 16 ? 9.036   0.139   -22.541 1.00 15.98 ? 16  GLY A CA  1 
ATOM   130  C  C   . GLY A 1 16 ? 9.896   1.316   -22.942 1.00 17.85 ? 16  GLY A C   1 
ATOM   131  O  O   . GLY A 1 16 ? 9.506   2.101   -23.797 1.00 20.29 ? 16  GLY A O   1 
ATOM   132  N  N   . GLY A 1 17 ? 11.061  1.459   -22.323 1.00 18.46 ? 17  GLY A N   1 
ATOM   133  C  CA  . GLY A 1 17 ? 11.950  2.564   -22.659 1.00 18.01 ? 17  GLY A CA  1 
ATOM   134  C  C   . GLY A 1 17 ? 11.562  3.917   -22.080 1.00 19.85 ? 17  GLY A C   1 
ATOM   135  O  O   . GLY A 1 17 ? 12.270  4.911   -22.309 1.00 20.13 ? 17  GLY A O   1 
ATOM   136  N  N   . GLN A 1 18 ? 10.460  3.969   -21.327 1.00 16.58 ? 18  GLN A N   1 
ATOM   137  C  CA  . GLN A 1 18 ? 10.003  5.229   -20.745 1.00 17.90 ? 18  GLN A CA  1 
ATOM   138  C  C   . GLN A 1 18 ? 10.236  5.277   -19.248 1.00 16.35 ? 18  GLN A C   1 
ATOM   139  O  O   . GLN A 1 18 ? 10.080  4.277   -18.551 1.00 14.19 ? 18  GLN A O   1 
ATOM   140  C  CB  . GLN A 1 18 ? 8.493   5.424   -20.937 1.00 23.22 ? 18  GLN A CB  1 
ATOM   141  C  CG  . GLN A 1 18 ? 7.929   5.370   -22.358 1.00 36.45 ? 18  GLN A CG  1 
ATOM   142  C  CD  . GLN A 1 18 ? 6.439   4.948   -22.367 1.00 43.42 ? 18  GLN A CD  1 
ATOM   143  O  OE1 . GLN A 1 18 ? 5.558   5.649   -21.821 1.00 45.34 ? 18  GLN A OE1 1 
ATOM   144  N  NE2 . GLN A 1 18 ? 6.157   3.784   -22.978 1.00 48.32 ? 18  GLN A NE2 1 
ATOM   145  N  N   . LEU A 1 19 ? 10.576  6.460   -18.750 1.00 13.46 ? 19  LEU A N   1 
ATOM   146  C  CA  . LEU A 1 19 ? 10.731  6.645   -17.315 1.00 12.31 ? 19  LEU A CA  1 
ATOM   147  C  C   . LEU A 1 19 ? 9.352   7.059   -16.774 1.00 12.20 ? 19  LEU A C   1 
ATOM   148  O  O   . LEU A 1 19 ? 8.626   7.817   -17.426 1.00 13.92 ? 19  LEU A O   1 
ATOM   149  C  CB  . LEU A 1 19 ? 11.737  7.756   -17.022 1.00 12.54 ? 19  LEU A CB  1 
ATOM   150  C  CG  . LEU A 1 19 ? 13.168  7.451   -17.437 1.00 16.65 ? 19  LEU A CG  1 
ATOM   151  C  CD1 . LEU A 1 19 ? 14.073  8.578   -16.962 1.00 18.39 ? 19  LEU A CD1 1 
ATOM   152  C  CD2 . LEU A 1 19 ? 13.600  6.140   -16.811 1.00 15.03 ? 19  LEU A CD2 1 
ATOM   153  N  N   . LYS A 1 20 ? 8.990   6.551   -15.602 1.00 9.87  ? 20  LYS A N   1 
ATOM   154  C  CA  . LYS A 1 20 ? 7.739   6.898   -14.960 1.00 8.26  ? 20  LYS A CA  1 
ATOM   155  C  C   . LYS A 1 20 ? 8.007   6.928   -13.451 1.00 10.61 ? 20  LYS A C   1 
ATOM   156  O  O   . LYS A 1 20 ? 8.969   6.335   -12.977 1.00 11.58 ? 20  LYS A O   1 
ATOM   157  C  CB  . LYS A 1 20 ? 6.680   5.840   -15.256 1.00 8.96  ? 20  LYS A CB  1 
ATOM   158  C  CG  . LYS A 1 20 ? 6.136   5.846   -16.680 1.00 13.42 ? 20  LYS A CG  1 
ATOM   159  C  CD  . LYS A 1 20 ? 5.409   4.523   -16.945 1.00 19.64 ? 20  LYS A CD  1 
ATOM   160  C  CE  . LYS A 1 20 ? 4.782   4.440   -18.325 1.00 19.70 ? 20  LYS A CE  1 
ATOM   161  N  NZ  . LYS A 1 20 ? 3.702   5.458   -18.415 1.00 24.17 ? 20  LYS A NZ  1 
ATOM   162  N  N   . GLU A 1 21 ? 7.160   7.630   -12.697 1.00 12.05 ? 21  GLU A N   1 
ATOM   163  C  CA  . GLU A 1 21 ? 7.290   7.660   -11.238 1.00 11.60 ? 21  GLU A CA  1 
ATOM   164  C  C   . GLU A 1 21 ? 6.268   6.636   -10.732 1.00 9.17  ? 21  GLU A C   1 
ATOM   165  O  O   . GLU A 1 21 ? 5.138   6.541   -11.242 1.00 10.61 ? 21  GLU A O   1 
ATOM   166  C  CB  . GLU A 1 21 ? 6.925   9.032   -10.656 1.00 16.44 ? 21  GLU A CB  1 
ATOM   167  C  CG  . GLU A 1 21 ? 7.957   10.150  -10.832 1.00 30.44 ? 21  GLU A CG  1 
ATOM   168  C  CD  . GLU A 1 21 ? 9.294   9.883   -10.119 1.00 36.76 ? 21  GLU A CD  1 
ATOM   169  O  OE1 . GLU A 1 21 ? 9.406   10.078  -8.875  1.00 40.17 ? 21  GLU A OE1 1 
ATOM   170  O  OE2 . GLU A 1 21 ? 10.245  9.465   -10.830 1.00 42.91 ? 21  GLU A OE2 1 
ATOM   171  N  N   . ALA A 1 22 ? 6.647   5.889   -9.709  1.00 8.07  ? 22  ALA A N   1 
ATOM   172  C  CA  . ALA A 1 22 ? 5.736   4.882   -9.182  1.00 8.45  ? 22  ALA A CA  1 
ATOM   173  C  C   . ALA A 1 22 ? 5.921   4.748   -7.669  1.00 9.42  ? 22  ALA A C   1 
ATOM   174  O  O   . ALA A 1 22 ? 7.001   5.005   -7.136  1.00 10.93 ? 22  ALA A O   1 
ATOM   175  C  CB  . ALA A 1 22 ? 5.975   3.530   -9.891  1.00 7.30  ? 22  ALA A CB  1 
ATOM   176  N  N   . LEU A 1 23 ? 4.863   4.322   -6.995  1.00 6.61  ? 23  LEU A N   1 
ATOM   177  C  CA  . LEU A 1 23 ? 4.851   4.190   -5.551  1.00 7.65  ? 23  LEU A CA  1 
ATOM   178  C  C   . LEU A 1 23 ? 5.183   2.769   -5.065  1.00 9.00  ? 23  LEU A C   1 
ATOM   179  O  O   . LEU A 1 23 ? 4.503   1.821   -5.463  1.00 8.98  ? 23  LEU A O   1 
ATOM   180  C  CB  . LEU A 1 23 ? 3.446   4.573   -5.081  1.00 9.23  ? 23  LEU A CB  1 
ATOM   181  C  CG  . LEU A 1 23 ? 3.075   4.659   -3.613  1.00 10.03 ? 23  LEU A CG  1 
ATOM   182  C  CD1 . LEU A 1 23 ? 3.765   5.850   -2.980  1.00 9.98  ? 23  LEU A CD1 1 
ATOM   183  C  CD2 . LEU A 1 23 ? 1.551   4.824   -3.533  1.00 11.27 ? 23  LEU A CD2 1 
ATOM   184  N  N   . LEU A 1 24 ? 6.206   2.612   -4.218  1.00 6.74  ? 24  LEU A N   1 
ATOM   185  C  CA  . LEU A 1 24 ? 6.533   1.285   -3.653  1.00 7.84  ? 24  LEU A CA  1 
ATOM   186  C  C   . LEU A 1 24 ? 5.411   1.039   -2.613  1.00 8.03  ? 24  LEU A C   1 
ATOM   187  O  O   . LEU A 1 24 ? 5.355   1.681   -1.555  1.00 9.82  ? 24  LEU A O   1 
ATOM   188  C  CB  . LEU A 1 24 ? 7.908   1.315   -2.990  1.00 7.71  ? 24  LEU A CB  1 
ATOM   189  C  CG  . LEU A 1 24 ? 9.053   1.671   -3.934  1.00 10.15 ? 24  LEU A CG  1 
ATOM   190  C  CD1 . LEU A 1 24 ? 10.370  1.541   -3.193  1.00 10.16 ? 24  LEU A CD1 1 
ATOM   191  C  CD2 . LEU A 1 24 ? 9.036   0.745   -5.143  1.00 11.19 ? 24  LEU A CD2 1 
ATOM   192  N  N   . ASP A 1 25 ? 4.544   0.081   -2.912  1.00 6.17  ? 25  ASP A N   1 
ATOM   193  C  CA  . ASP A 1 25 ? 3.342   -0.128  -2.116  1.00 4.97  ? 25  ASP A CA  1 
ATOM   194  C  C   . ASP A 1 25 ? 3.224   -1.514  -1.483  1.00 7.97  ? 25  ASP A C   1 
ATOM   195  O  O   . ASP A 1 25 ? 2.779   -2.441  -2.132  1.00 6.74  ? 25  ASP A O   1 
ATOM   196  C  CB  . ASP A 1 25 ? 2.179   0.159   -3.076  1.00 7.86  ? 25  ASP A CB  1 
ATOM   197  C  CG  . ASP A 1 25 ? 0.817   0.185   -2.404  1.00 9.26  ? 25  ASP A CG  1 
ATOM   198  O  OD1 . ASP A 1 25 ? 0.704   -0.231  -1.235  1.00 10.85 ? 25  ASP A OD1 1 
ATOM   199  O  OD2 . ASP A 1 25 ? -0.151  0.609   -3.059  1.00 11.23 ? 25  ASP A OD2 1 
ATOM   200  N  N   . THR A 1 26 ? 3.586   -1.653  -0.207  1.00 6.86  ? 26  THR A N   1 
ATOM   201  C  CA  . THR A 1 26 ? 3.530   -2.964  0.445   1.00 6.71  ? 26  THR A CA  1 
ATOM   202  C  C   . THR A 1 26 ? 2.112   -3.475  0.690   1.00 7.45  ? 26  THR A C   1 
ATOM   203  O  O   . THR A 1 26 ? 1.898   -4.672  0.943   1.00 8.37  ? 26  THR A O   1 
ATOM   204  C  CB  . THR A 1 26 ? 4.316   -2.961  1.747   1.00 8.01  ? 26  THR A CB  1 
ATOM   205  O  OG1 . THR A 1 26 ? 3.762   -1.982  2.625   1.00 8.55  ? 26  THR A OG1 1 
ATOM   206  C  CG2 . THR A 1 26 ? 5.821   -2.661  1.474   1.00 6.59  ? 26  THR A CG2 1 
ATOM   207  N  N   . GLY A 1 27 ? 1.140   -2.572  0.575   1.00 6.57  ? 27  GLY A N   1 
ATOM   208  C  CA  . GLY A 1 27 ? -0.242  -2.988  0.738   1.00 6.33  ? 27  GLY A CA  1 
ATOM   209  C  C   . GLY A 1 27 ? -0.859  -3.511  -0.558  1.00 7.84  ? 27  GLY A C   1 
ATOM   210  O  O   . GLY A 1 27 ? -2.067  -3.823  -0.597  1.00 9.77  ? 27  GLY A O   1 
ATOM   211  N  N   . ALA A 1 28 ? -0.075  -3.593  -1.626  1.00 7.37  ? 28  ALA A N   1 
ATOM   212  C  CA  . ALA A 1 28 ? -0.604  -4.074  -2.910  1.00 7.74  ? 28  ALA A CA  1 
ATOM   213  C  C   . ALA A 1 28 ? -0.013  -5.435  -3.277  1.00 8.34  ? 28  ALA A C   1 
ATOM   214  O  O   . ALA A 1 28 ? 1.218   -5.602  -3.319  1.00 7.26  ? 28  ALA A O   1 
ATOM   215  C  CB  . ALA A 1 28 ? -0.291  -3.049  -4.045  1.00 5.57  ? 28  ALA A CB  1 
ATOM   216  N  N   . ASP A 1 29 ? -0.885  -6.413  -3.544  1.00 7.34  ? 29  ASP A N   1 
ATOM   217  C  CA  . ASP A 1 29 ? -0.424  -7.754  -3.949  1.00 7.69  ? 29  ASP A CA  1 
ATOM   218  C  C   . ASP A 1 29 ? 0.274   -7.683  -5.298  1.00 7.28  ? 29  ASP A C   1 
ATOM   219  O  O   . ASP A 1 29 ? 1.239   -8.410  -5.570  1.00 7.04  ? 29  ASP A O   1 
ATOM   220  C  CB  . ASP A 1 29 ? -1.598  -8.705  -4.142  1.00 6.90  ? 29  ASP A CB  1 
ATOM   221  C  CG  . ASP A 1 29 ? -2.403  -8.942  -2.879  1.00 10.50 ? 29  ASP A CG  1 
ATOM   222  O  OD1 . ASP A 1 29 ? -1.950  -8.700  -1.725  1.00 10.29 ? 29  ASP A OD1 1 
ATOM   223  O  OD2 . ASP A 1 29 ? -3.532  -9.416  -3.068  1.00 10.98 ? 29  ASP A OD2 1 
ATOM   224  N  N   . ASP A 1 30 ? -0.273  -6.820  -6.146  1.00 7.65  ? 30  ASP A N   1 
ATOM   225  C  CA  . ASP A 1 30 ? 0.198   -6.625  -7.501  1.00 10.10 ? 30  ASP A CA  1 
ATOM   226  C  C   . ASP A 1 30 ? 0.517   -5.200  -7.934  1.00 8.28  ? 30  ASP A C   1 
ATOM   227  O  O   . ASP A 1 30 ? 0.226   -4.220  -7.237  1.00 9.27  ? 30  ASP A O   1 
ATOM   228  C  CB  . ASP A 1 30 ? -0.808  -7.235  -8.465  1.00 14.98 ? 30  ASP A CB  1 
ATOM   229  C  CG  . ASP A 1 30 ? -0.659  -8.745  -8.539  1.00 25.92 ? 30  ASP A CG  1 
ATOM   230  O  OD1 . ASP A 1 30 ? 0.408   -9.260  -9.017  1.00 25.57 ? 30  ASP A OD1 1 
ATOM   231  O  OD2 . ASP A 1 30 ? -1.604  -9.414  -8.089  1.00 29.12 ? 30  ASP A OD2 1 
ATOM   232  N  N   . THR A 1 31 ? 1.105   -5.123  -9.123  1.00 8.31  ? 31  THR A N   1 
ATOM   233  C  CA  . THR A 1 31 ? 1.551   -3.877  -9.736  1.00 7.08  ? 31  THR A CA  1 
ATOM   234  C  C   . THR A 1 31 ? 0.494   -3.374  -10.714 1.00 8.65  ? 31  THR A C   1 
ATOM   235  O  O   . THR A 1 31 ? 0.056   -4.111  -11.603 1.00 9.74  ? 31  THR A O   1 
ATOM   236  C  CB  . THR A 1 31 ? 2.901   -4.137  -10.432 1.00 7.58  ? 31  THR A CB  1 
ATOM   237  O  OG1 . THR A 1 31 ? 3.857   -4.467  -9.416  1.00 8.27  ? 31  THR A OG1 1 
ATOM   238  C  CG2 . THR A 1 31 ? 3.391   -2.923  -11.229 1.00 6.58  ? 31  THR A CG2 1 
ATOM   239  N  N   . VAL A 1 32 ? 0.069   -2.127  -10.516 1.00 6.80  ? 32  VAL A N   1 
ATOM   240  C  CA  . VAL A 1 32 ? -0.974  -1.517  -11.334 1.00 6.36  ? 32  VAL A CA  1 
ATOM   241  C  C   . VAL A 1 32 ? -0.419  -0.204  -11.861 1.00 7.38  ? 32  VAL A C   1 
ATOM   242  O  O   . VAL A 1 32 ? -0.038  0.695   -11.088 1.00 8.39  ? 32  VAL A O   1 
ATOM   243  C  CB  . VAL A 1 32 ? -2.283  -1.203  -10.504 1.00 8.49  ? 32  VAL A CB  1 
ATOM   244  C  CG1 . VAL A 1 32 ? -3.409  -0.798  -11.457 1.00 9.64  ? 32  VAL A CG1 1 
ATOM   245  C  CG2 . VAL A 1 32 ? -2.702  -2.407  -9.646  1.00 7.96  ? 32  VAL A CG2 1 
ATOM   246  N  N   . LEU A 1 33 ? -0.366  -0.096  -13.178 1.00 6.89  ? 33  LEU A N   1 
ATOM   247  C  CA  . LEU A 1 33 ? 0.142   1.114   -13.828 1.00 8.44  ? 33  LEU A CA  1 
ATOM   248  C  C   . LEU A 1 33 ? -0.996  1.826   -14.559 1.00 11.10 ? 33  LEU A C   1 
ATOM   249  O  O   . LEU A 1 33 ? -1.982  1.194   -14.986 1.00 8.93  ? 33  LEU A O   1 
ATOM   250  C  CB  . LEU A 1 33 ? 1.248   0.771   -14.847 1.00 8.75  ? 33  LEU A CB  1 
ATOM   251  C  CG  . LEU A 1 33 ? 2.510   0.074   -14.313 1.00 7.65  ? 33  LEU A CG  1 
ATOM   252  C  CD1 . LEU A 1 33 ? 3.569   0.041   -15.392 1.00 11.16 ? 33  LEU A CD1 1 
ATOM   253  C  CD2 . LEU A 1 33 ? 3.038   0.814   -13.118 1.00 6.71  ? 33  LEU A CD2 1 
ATOM   254  N  N   . GLU A 1 34 ? -0.854  3.146   -14.679 1.00 10.83 ? 34  GLU A N   1 
ATOM   255  C  CA  . GLU A 1 34 ? -1.813  3.986   -15.383 1.00 11.21 ? 34  GLU A CA  1 
ATOM   256  C  C   . GLU A 1 34 ? -1.788  3.590   -16.870 1.00 11.75 ? 34  GLU A C   1 
ATOM   257  O  O   . GLU A 1 34 ? -0.796  3.048   -17.375 1.00 9.74  ? 34  GLU A O   1 
ATOM   258  C  CB  . GLU A 1 34 ? -1.388  5.454   -15.223 1.00 11.60 ? 34  GLU A CB  1 
ATOM   259  C  CG  . GLU A 1 34 ? -1.300  5.902   -13.756 1.00 11.76 ? 34  GLU A CG  1 
ATOM   260  C  CD  . GLU A 1 34 ? -0.587  7.255   -13.581 1.00 15.26 ? 34  GLU A CD  1 
ATOM   261  O  OE1 . GLU A 1 34 ? -0.423  8.006   -14.572 1.00 13.24 ? 34  GLU A OE1 1 
ATOM   262  O  OE2 . GLU A 1 34 ? -0.199  7.570   -12.439 1.00 13.47 ? 34  GLU A OE2 1 
ATOM   263  N  N   . GLU A 1 35 ? -2.894  3.871   -17.557 1.00 12.52 ? 35  GLU A N   1 
ATOM   264  C  CA  . GLU A 1 35 ? -3.042  3.572   -18.975 1.00 12.34 ? 35  GLU A CA  1 
ATOM   265  C  C   . GLU A 1 35 ? -1.753  3.804   -19.768 1.00 12.55 ? 35  GLU A C   1 
ATOM   266  O  O   . GLU A 1 35 ? -1.116  4.855   -19.677 1.00 10.57 ? 35  GLU A O   1 
ATOM   267  C  CB  . GLU A 1 35 ? -4.187  4.419   -19.557 1.00 15.46 ? 35  GLU A CB  1 
ATOM   268  C  CG  . GLU A 1 35 ? -4.493  4.109   -21.012 1.00 18.71 ? 35  GLU A CG  1 
ATOM   269  C  CD  . GLU A 1 35 ? -4.817  2.637   -21.214 1.00 22.13 ? 35  GLU A CD  1 
ATOM   270  O  OE1 . GLU A 1 35 ? -5.584  2.110   -20.379 1.00 24.26 ? 35  GLU A OE1 1 
ATOM   271  O  OE2 . GLU A 1 35 ? -4.326  2.015   -22.196 1.00 26.64 ? 35  GLU A OE2 1 
ATOM   272  N  N   . MET A 1 36 ? -1.365  2.784   -20.528 1.00 12.27 ? 36  MET A N   1 
ATOM   273  C  CA  . MET A 1 36 ? -0.172  2.821   -21.379 1.00 14.21 ? 36  MET A CA  1 
ATOM   274  C  C   . MET A 1 36 ? -0.278  1.614   -22.310 1.00 15.14 ? 36  MET A C   1 
ATOM   275  O  O   . MET A 1 36 ? -1.107  0.726   -22.095 1.00 13.44 ? 36  MET A O   1 
ATOM   276  C  CB  . MET A 1 36 ? 1.112   2.721   -20.542 1.00 15.19 ? 36  MET A CB  1 
ATOM   277  C  CG  . MET A 1 36 ? 1.298   1.397   -19.804 1.00 14.44 ? 36  MET A CG  1 
ATOM   278  S  SD  . MET A 1 36 ? 2.944   1.279   -19.066 1.00 17.75 ? 36  MET A SD  1 
ATOM   279  C  CE  . MET A 1 36 ? 4.008   1.370   -20.515 1.00 17.01 ? 36  MET A CE  1 
ATOM   280  N  N   . SER A 1 37 ? 0.537   1.567   -23.352 1.00 16.09 ? 37  SER A N   1 
ATOM   281  C  CA  . SER A 1 37 ? 0.438   0.403   -24.211 1.00 18.54 ? 37  SER A CA  1 
ATOM   282  C  C   . SER A 1 37 ? 1.590   -0.554  -23.888 1.00 15.73 ? 37  SER A C   1 
ATOM   283  O  O   . SER A 1 37 ? 2.720   -0.134  -23.660 1.00 14.67 ? 37  SER A O   1 
ATOM   284  C  CB  . SER A 1 37 ? 0.481   0.823   -25.664 1.00 21.97 ? 37  SER A CB  1 
ATOM   285  O  OG  . SER A 1 37 ? 1.648   1.584   -25.840 1.00 31.66 ? 37  SER A OG  1 
ATOM   286  N  N   . LEU A 1 38 ? 1.275   -1.840  -23.827 1.00 14.71 ? 38  LEU A N   1 
ATOM   287  C  CA  . LEU A 1 38 ? 2.268   -2.860  -23.555 1.00 12.59 ? 38  LEU A CA  1 
ATOM   288  C  C   . LEU A 1 38 ? 2.134   -3.893  -24.648 1.00 14.62 ? 38  LEU A C   1 
ATOM   289  O  O   . LEU A 1 38 ? 1.067   -4.040  -25.252 1.00 13.96 ? 38  LEU A O   1 
ATOM   290  C  CB  . LEU A 1 38 ? 2.005   -3.497  -22.200 1.00 11.54 ? 38  LEU A CB  1 
ATOM   291  C  CG  . LEU A 1 38 ? 2.361   -2.621  -21.009 1.00 13.13 ? 38  LEU A CG  1 
ATOM   292  C  CD1 . LEU A 1 38 ? 1.794   -3.254  -19.740 1.00 12.87 ? 38  LEU A CD1 1 
ATOM   293  C  CD2 . LEU A 1 38 ? 3.901   -2.481  -20.923 1.00 13.82 ? 38  LEU A CD2 1 
ATOM   294  N  N   . PRO A 1 39 ? 3.222   -4.625  -24.926 1.00 14.78 ? 39  PRO A N   1 
ATOM   295  C  CA  . PRO A 1 39 ? 3.196   -5.654  -25.970 1.00 14.94 ? 39  PRO A CA  1 
ATOM   296  C  C   . PRO A 1 39 ? 2.416   -6.903  -25.580 1.00 15.01 ? 39  PRO A C   1 
ATOM   297  O  O   . PRO A 1 39 ? 2.181   -7.164  -24.396 1.00 14.20 ? 39  PRO A O   1 
ATOM   298  C  CB  . PRO A 1 39 ? 4.684   -5.965  -26.186 1.00 15.61 ? 39  PRO A CB  1 
ATOM   299  C  CG  . PRO A 1 39 ? 5.271   -5.766  -24.798 1.00 18.17 ? 39  PRO A CG  1 
ATOM   300  C  CD  . PRO A 1 39 ? 4.578   -4.470  -24.358 1.00 16.41 ? 39  PRO A CD  1 
ATOM   301  N  N   . GLY A 1 40 ? 2.026   -7.669  -26.594 1.00 14.72 ? 40  GLY A N   1 
ATOM   302  C  CA  . GLY A 1 40 ? 1.341   -8.935  -26.363 1.00 13.37 ? 40  GLY A CA  1 
ATOM   303  C  C   . GLY A 1 40 ? -0.137  -8.899  -26.054 1.00 13.00 ? 40  GLY A C   1 
ATOM   304  O  O   . GLY A 1 40 ? -0.803  -7.879  -26.242 1.00 14.70 ? 40  GLY A O   1 
ATOM   305  N  N   . ARG A 1 41 ? -0.647  -10.038 -25.598 1.00 10.12 ? 41  ARG A N   1 
ATOM   306  C  CA  . ARG A 1 41 ? -2.036  -10.135 -25.237 1.00 9.85  ? 41  ARG A CA  1 
ATOM   307  C  C   . ARG A 1 41 ? -2.218  -9.842  -23.752 1.00 11.95 ? 41  ARG A C   1 
ATOM   308  O  O   . ARG A 1 41 ? -1.272  -9.921  -22.960 1.00 12.00 ? 41  ARG A O   1 
ATOM   309  C  CB  . ARG A 1 41 ? -2.551  -11.549 -25.511 1.00 10.27 ? 41  ARG A CB  1 
ATOM   310  C  CG  . ARG A 1 41 ? -2.640  -11.882 -26.995 1.00 12.29 ? 41  ARG A CG  1 
ATOM   311  C  CD  . ARG A 1 41 ? -3.125  -13.310 -27.240 1.00 12.00 ? 41  ARG A CD  1 
ATOM   312  N  NE  . ARG A 1 41 ? -4.451  -13.596 -26.693 1.00 9.96  ? 41  ARG A NE  1 
ATOM   313  C  CZ  . ARG A 1 41 ? -5.610  -13.203 -27.231 1.00 12.85 ? 41  ARG A CZ  1 
ATOM   314  N  NH1 . ARG A 1 41 ? -5.638  -12.486 -28.360 1.00 8.62  ? 41  ARG A NH1 1 
ATOM   315  N  NH2 . ARG A 1 41 ? -6.755  -13.537 -26.633 1.00 10.67 ? 41  ARG A NH2 1 
ATOM   316  N  N   . TRP A 1 42 ? -3.452  -9.503  -23.388 1.00 10.31 ? 42  TRP A N   1 
ATOM   317  C  CA  . TRP A 1 42 ? -3.806  -9.282  -21.998 1.00 10.33 ? 42  TRP A CA  1 
ATOM   318  C  C   . TRP A 1 42 ? -5.022  -10.153 -21.657 1.00 12.99 ? 42  TRP A C   1 
ATOM   319  O  O   . TRP A 1 42 ? -5.742  -10.625 -22.558 1.00 10.37 ? 42  TRP A O   1 
ATOM   320  C  CB  . TRP A 1 42 ? -4.096  -7.795  -21.716 1.00 7.96  ? 42  TRP A CB  1 
ATOM   321  C  CG  . TRP A 1 42 ? -5.205  -7.196  -22.503 1.00 9.63  ? 42  TRP A CG  1 
ATOM   322  C  CD1 . TRP A 1 42 ? -5.122  -6.609  -23.753 1.00 7.61  ? 42  TRP A CD1 1 
ATOM   323  C  CD2 . TRP A 1 42 ? -6.562  -7.033  -22.067 1.00 9.51  ? 42  TRP A CD2 1 
ATOM   324  N  NE1 . TRP A 1 42 ? -6.351  -6.086  -24.106 1.00 8.35  ? 42  TRP A NE1 1 
ATOM   325  C  CE2 . TRP A 1 42 ? -7.252  -6.330  -23.096 1.00 9.28  ? 42  TRP A CE2 1 
ATOM   326  C  CE3 . TRP A 1 42 ? -7.264  -7.406  -20.901 1.00 9.56  ? 42  TRP A CE3 1 
ATOM   327  C  CZ2 . TRP A 1 42 ? -8.620  -5.988  -22.991 1.00 9.26  ? 42  TRP A CZ2 1 
ATOM   328  C  CZ3 . TRP A 1 42 ? -8.619  -7.067  -20.793 1.00 11.80 ? 42  TRP A CZ3 1 
ATOM   329  C  CH2 . TRP A 1 42 ? -9.284  -6.361  -21.840 1.00 9.21  ? 42  TRP A CH2 1 
ATOM   330  N  N   . LYS A 1 43 ? -5.224  -10.382 -20.358 1.00 10.94 ? 43  LYS A N   1 
ATOM   331  C  CA  . LYS A 1 43 ? -6.343  -11.175 -19.896 1.00 13.13 ? 43  LYS A CA  1 
ATOM   332  C  C   . LYS A 1 43 ? -7.008  -10.303 -18.839 1.00 12.55 ? 43  LYS A C   1 
ATOM   333  O  O   . LYS A 1 43 ? -6.374  -9.396  -18.285 1.00 13.48 ? 43  LYS A O   1 
ATOM   334  C  CB  . LYS A 1 43 ? -5.846  -12.506 -19.328 1.00 14.99 ? 43  LYS A CB  1 
ATOM   335  C  CG  . LYS A 1 43 ? -4.962  -12.365 -18.126 1.00 23.38 ? 43  LYS A CG  1 
ATOM   336  C  CD  . LYS A 1 43 ? -4.049  -13.585 -17.972 1.00 31.24 ? 43  LYS A CD  1 
ATOM   337  C  CE  . LYS A 1 43 ? -4.758  -14.790 -17.404 1.00 34.73 ? 43  LYS A CE  1 
ATOM   338  N  NZ  . LYS A 1 43 ? -3.815  -15.951 -17.274 1.00 37.31 ? 43  LYS A NZ  1 
ATOM   339  N  N   . PRO A 1 44 ? -8.296  -10.536 -18.561 1.00 11.53 ? 44  PRO A N   1 
ATOM   340  C  CA  . PRO A 1 44 ? -9.051  -9.757  -17.577 1.00 11.74 ? 44  PRO A CA  1 
ATOM   341  C  C   . PRO A 1 44 ? -8.695  -10.053 -16.123 1.00 12.58 ? 44  PRO A C   1 
ATOM   342  O  O   . PRO A 1 44 ? -8.355  -11.183 -15.764 1.00 11.17 ? 44  PRO A O   1 
ATOM   343  C  CB  . PRO A 1 44 ? -10.501 -10.116 -17.911 1.00 10.79 ? 44  PRO A CB  1 
ATOM   344  C  CG  . PRO A 1 44 ? -10.387 -11.560 -18.236 1.00 11.12 ? 44  PRO A CG  1 
ATOM   345  C  CD  . PRO A 1 44 ? -9.118  -11.639 -19.091 1.00 11.92 ? 44  PRO A CD  1 
ATOM   346  N  N   . LYS A 1 45 ? -8.774  -9.027  -15.280 1.00 11.69 ? 45  LYS A N   1 
ATOM   347  C  CA  . LYS A 1 45 ? -8.451  -9.205  -13.876 1.00 11.28 ? 45  LYS A CA  1 
ATOM   348  C  C   . LYS A 1 45 ? -9.232  -8.220  -13.023 1.00 11.53 ? 45  LYS A C   1 
ATOM   349  O  O   . LYS A 1 45 ? -9.304  -7.034  -13.334 1.00 12.90 ? 45  LYS A O   1 
ATOM   350  C  CB  . LYS A 1 45 ? -6.953  -8.993  -13.690 1.00 12.59 ? 45  LYS A CB  1 
ATOM   351  C  CG  . LYS A 1 45 ? -6.464  -9.010  -12.282 1.00 15.12 ? 45  LYS A CG  1 
ATOM   352  C  CD  . LYS A 1 45 ? -6.402  -10.393 -11.772 1.00 19.48 ? 45  LYS A CD  1 
ATOM   353  C  CE  . LYS A 1 45 ? -5.237  -10.527 -10.828 1.00 24.23 ? 45  LYS A CE  1 
ATOM   354  N  NZ  . LYS A 1 45 ? -5.137  -11.938 -10.397 1.00 29.55 ? 45  LYS A NZ  1 
ATOM   355  N  N   . MET A 1 46 ? -9.828  -8.706  -11.945 1.00 11.91 ? 46  MET A N   1 
ATOM   356  C  CA  . MET A 1 46 ? -10.554 -7.815  -11.042 1.00 13.21 ? 46  MET A CA  1 
ATOM   357  C  C   . MET A 1 46 ? -9.642  -7.590  -9.851  1.00 11.77 ? 46  MET A C   1 
ATOM   358  O  O   . MET A 1 46 ? -9.048  -8.549  -9.351  1.00 9.07  ? 46  MET A O   1 
ATOM   359  C  CB  . MET A 1 46 ? -11.846 -8.466  -10.515 1.00 17.67 ? 46  MET A CB  1 
ATOM   360  C  CG  . MET A 1 46 ? -12.922 -8.717  -11.552 1.00 22.06 ? 46  MET A CG  1 
ATOM   361  S  SD  . MET A 1 46 ? -13.490 -7.177  -12.245 1.00 34.01 ? 46  MET A SD  1 
ATOM   362  C  CE  . MET A 1 46 ? -14.374 -6.422  -10.788 1.00 25.81 ? 46  MET A CE  1 
ATOM   363  N  N   . ILE A 1 47 ? -9.508  -6.335  -9.412  1.00 11.77 ? 47  ILE A N   1 
ATOM   364  C  CA  . ILE A 1 47 ? -8.702  -6.035  -8.218  1.00 10.60 ? 47  ILE A CA  1 
ATOM   365  C  C   . ILE A 1 47 ? -9.592  -5.254  -7.251  1.00 11.01 ? 47  ILE A C   1 
ATOM   366  O  O   . ILE A 1 47 ? -10.521 -4.553  -7.677  1.00 10.42 ? 47  ILE A O   1 
ATOM   367  C  CB  . ILE A 1 47 ? -7.432  -5.215  -8.545  1.00 10.34 ? 47  ILE A CB  1 
ATOM   368  C  CG1 . ILE A 1 47 ? -7.804  -3.928  -9.271  1.00 10.88 ? 47  ILE A CG1 1 
ATOM   369  C  CG2 . ILE A 1 47 ? -6.484  -6.056  -9.394  1.00 10.74 ? 47  ILE A CG2 1 
ATOM   370  C  CD1 . ILE A 1 47 ? -6.598  -3.000  -9.524  1.00 12.97 ? 47  ILE A CD1 1 
ATOM   371  N  N   . GLY A 1 48 ? -9.339  -5.412  -5.954  1.00 9.82  ? 48  GLY A N   1 
ATOM   372  C  CA  . GLY A 1 48 ? -10.120 -4.712  -4.956  1.00 9.72  ? 48  GLY A CA  1 
ATOM   373  C  C   . GLY A 1 48 ? -9.246  -3.717  -4.209  1.00 12.16 ? 48  GLY A C   1 
ATOM   374  O  O   . GLY A 1 48 ? -8.136  -4.042  -3.796  1.00 11.94 ? 48  GLY A O   1 
ATOM   375  N  N   . GLY A 1 49 ? -9.735  -2.494  -4.061  1.00 12.59 ? 49  GLY A N   1 
ATOM   376  C  CA  . GLY A 1 49 ? -8.989  -1.479  -3.348  1.00 12.84 ? 49  GLY A CA  1 
ATOM   377  C  C   . GLY A 1 49 ? -9.866  -0.873  -2.263  1.00 13.69 ? 49  GLY A C   1 
ATOM   378  O  O   . GLY A 1 49 ? -10.936 -1.393  -1.920  1.00 13.76 ? 49  GLY A O   1 
ATOM   379  N  N   . ILE A 1 50 ? -9.414  0.250   -1.726  1.00 16.21 ? 50  ILE A N   1 
ATOM   380  C  CA  . ILE A 1 50 ? -10.139 0.958   -0.668  1.00 17.12 ? 50  ILE A CA  1 
ATOM   381  C  C   . ILE A 1 50 ? -11.543 1.407   -1.087  1.00 16.86 ? 50  ILE A C   1 
ATOM   382  O  O   . ILE A 1 50 ? -12.448 1.450   -0.253  1.00 19.78 ? 50  ILE A O   1 
ATOM   383  C  CB  . ILE A 1 50 ? -9.330  2.207   -0.185  1.00 18.71 ? 50  ILE A CB  1 
ATOM   384  C  CG1 . ILE A 1 50 ? -9.790  2.618   1.213   1.00 20.50 ? 50  ILE A CG1 1 
ATOM   385  C  CG2 . ILE A 1 50 ? -9.458  3.358   -1.174  1.00 18.69 ? 50  ILE A CG2 1 
ATOM   386  C  CD1 . ILE A 1 50 ? -9.188  1.780   2.319   1.00 21.89 ? 50  ILE A CD1 1 
ATOM   387  N  N   . GLY A 1 51 ? -11.729 1.721   -2.367  1.00 16.08 ? 51  GLY A N   1 
ATOM   388  C  CA  . GLY A 1 51 ? -13.043 2.173   -2.829  1.00 16.46 ? 51  GLY A CA  1 
ATOM   389  C  C   . GLY A 1 51 ? -13.945 1.173   -3.547  1.00 17.26 ? 51  GLY A C   1 
ATOM   390  O  O   . GLY A 1 51 ? -15.020 1.546   -4.000  1.00 18.84 ? 51  GLY A O   1 
ATOM   391  N  N   . GLY A 1 52 ? -13.521 -0.088  -3.634  1.00 16.52 ? 52  GLY A N   1 
ATOM   392  C  CA  . GLY A 1 52 ? -14.300 -1.124  -4.296  1.00 13.53 ? 52  GLY A CA  1 
ATOM   393  C  C   . GLY A 1 52 ? -13.471 -1.878  -5.314  1.00 14.00 ? 52  GLY A C   1 
ATOM   394  O  O   . GLY A 1 52 ? -12.255 -1.753  -5.360  1.00 12.50 ? 52  GLY A O   1 
ATOM   395  N  N   . PHE A 1 53 ? -14.132 -2.655  -6.156  1.00 15.41 ? 53  PHE A N   1 
ATOM   396  C  CA  . PHE A 1 53 ? -13.433 -3.429  -7.188  1.00 18.19 ? 53  PHE A CA  1 
ATOM   397  C  C   . PHE A 1 53 ? -13.445 -2.749  -8.565  1.00 18.52 ? 53  PHE A C   1 
ATOM   398  O  O   . PHE A 1 53 ? -14.408 -2.054  -8.921  1.00 20.26 ? 53  PHE A O   1 
ATOM   399  C  CB  . PHE A 1 53 ? -14.077 -4.820  -7.331  1.00 19.11 ? 53  PHE A CB  1 
ATOM   400  C  CG  . PHE A 1 53 ? -13.987 -5.654  -6.095  1.00 22.40 ? 53  PHE A CG  1 
ATOM   401  C  CD1 . PHE A 1 53 ? -14.863 -5.454  -5.042  1.00 25.24 ? 53  PHE A CD1 1 
ATOM   402  C  CD2 . PHE A 1 53 ? -12.967 -6.584  -5.951  1.00 23.76 ? 53  PHE A CD2 1 
ATOM   403  C  CE1 . PHE A 1 53 ? -14.724 -6.156  -3.864  1.00 27.37 ? 53  PHE A CE1 1 
ATOM   404  C  CE2 . PHE A 1 53 ? -12.814 -7.301  -4.760  1.00 26.79 ? 53  PHE A CE2 1 
ATOM   405  C  CZ  . PHE A 1 53 ? -13.697 -7.081  -3.717  1.00 27.79 ? 53  PHE A CZ  1 
ATOM   406  N  N   . ILE A 1 54 ? -12.361 -2.916  -9.323  1.00 16.57 ? 54  ILE A N   1 
ATOM   407  C  CA  . ILE A 1 54 ? -12.307 -2.385  -10.675 1.00 14.42 ? 54  ILE A CA  1 
ATOM   408  C  C   . ILE A 1 54 ? -11.737 -3.462  -11.572 1.00 14.12 ? 54  ILE A C   1 
ATOM   409  O  O   . ILE A 1 54 ? -11.132 -4.434  -11.106 1.00 11.33 ? 54  ILE A O   1 
ATOM   410  C  CB  . ILE A 1 54 ? -11.460 -1.109  -10.808 1.00 14.93 ? 54  ILE A CB  1 
ATOM   411  C  CG1 . ILE A 1 54 ? -10.013 -1.376  -10.408 1.00 13.87 ? 54  ILE A CG1 1 
ATOM   412  C  CG2 . ILE A 1 54 ? -12.093 -0.008  -9.992  1.00 15.90 ? 54  ILE A CG2 1 
ATOM   413  C  CD1 . ILE A 1 54 ? -9.055  -0.236  -10.786 1.00 17.15 ? 54  ILE A CD1 1 
ATOM   414  N  N   . LYS A 1 55 ? -11.976 -3.291  -12.863 1.00 14.82 ? 55  LYS A N   1 
ATOM   415  C  CA  . LYS A 1 55 ? -11.508 -4.210  -13.890 1.00 17.01 ? 55  LYS A CA  1 
ATOM   416  C  C   . LYS A 1 55 ? -10.239 -3.633  -14.517 1.00 15.32 ? 55  LYS A C   1 
ATOM   417  O  O   . LYS A 1 55 ? -10.199 -2.445  -14.862 1.00 15.04 ? 55  LYS A O   1 
ATOM   418  C  CB  . LYS A 1 55 ? -12.606 -4.363  -14.946 1.00 20.91 ? 55  LYS A CB  1 
ATOM   419  C  CG  . LYS A 1 55 ? -12.159 -5.079  -16.167 1.00 26.92 ? 55  LYS A CG  1 
ATOM   420  C  CD  . LYS A 1 55 ? -11.995 -6.559  -15.917 1.00 33.77 ? 55  LYS A CD  1 
ATOM   421  C  CE  . LYS A 1 55 ? -10.761 -7.061  -16.673 1.00 33.91 ? 55  LYS A CE  1 
ATOM   422  N  NZ  . LYS A 1 55 ? -10.548 -6.357  -17.985 1.00 37.34 ? 55  LYS A NZ  1 
ATOM   423  N  N   . VAL A 1 56 ? -9.192  -4.453  -14.639 1.00 10.01 ? 56  VAL A N   1 
ATOM   424  C  CA  . VAL A 1 56 ? -7.947  -3.989  -15.226 1.00 10.56 ? 56  VAL A CA  1 
ATOM   425  C  C   . VAL A 1 56 ? -7.465  -4.998  -16.277 1.00 11.35 ? 56  VAL A C   1 
ATOM   426  O  O   . VAL A 1 56 ? -8.006  -6.100  -16.397 1.00 11.36 ? 56  VAL A O   1 
ATOM   427  C  CB  . VAL A 1 56 ? -6.838  -3.795  -14.143 1.00 10.93 ? 56  VAL A CB  1 
ATOM   428  C  CG1 . VAL A 1 56 ? -7.272  -2.730  -13.176 1.00 13.17 ? 56  VAL A CG1 1 
ATOM   429  C  CG2 . VAL A 1 56 ? -6.557  -5.086  -13.397 1.00 9.75  ? 56  VAL A CG2 1 
ATOM   430  N  N   . ARG A 1 57 ? -6.448  -4.630  -17.042 1.00 10.02 ? 57  ARG A N   1 
ATOM   431  C  CA  . ARG A 1 57 ? -5.911  -5.535  -18.054 1.00 9.31  ? 57  ARG A CA  1 
ATOM   432  C  C   . ARG A 1 57 ? -4.649  -6.167  -17.484 1.00 9.65  ? 57  ARG A C   1 
ATOM   433  O  O   . ARG A 1 57 ? -3.772  -5.457  -16.981 1.00 10.48 ? 57  ARG A O   1 
ATOM   434  C  CB  . ARG A 1 57 ? -5.562  -4.747  -19.330 1.00 7.67  ? 57  ARG A CB  1 
ATOM   435  C  CG  . ARG A 1 57 ? -6.707  -3.895  -19.864 1.00 9.60  ? 57  ARG A CG  1 
ATOM   436  C  CD  . ARG A 1 57 ? -6.485  -3.567  -21.345 1.00 11.97 ? 57  ARG A CD  1 
ATOM   437  N  NE  . ARG A 1 57 ? -5.280  -2.771  -21.644 1.00 13.04 ? 57  ARG A NE  1 
ATOM   438  C  CZ  . ARG A 1 57 ? -5.174  -1.450  -21.447 1.00 13.91 ? 57  ARG A CZ  1 
ATOM   439  N  NH1 . ARG A 1 57 ? -6.192  -0.767  -20.949 1.00 14.13 ? 57  ARG A NH1 1 
ATOM   440  N  NH2 . ARG A 1 57 ? -4.061  -0.807  -21.763 1.00 14.18 ? 57  ARG A NH2 1 
ATOM   441  N  N   . GLN A 1 58 ? -4.534  -7.487  -17.582 1.00 7.59  ? 58  GLN A N   1 
ATOM   442  C  CA  . GLN A 1 58 ? -3.351  -8.167  -17.074 1.00 8.07  ? 58  GLN A CA  1 
ATOM   443  C  C   . GLN A 1 58 ? -2.373  -8.574  -18.181 1.00 8.62  ? 58  GLN A C   1 
ATOM   444  O  O   . GLN A 1 58 ? -2.745  -9.313  -19.086 1.00 9.87  ? 58  GLN A O   1 
ATOM   445  C  CB  . GLN A 1 58 ? -3.776  -9.408  -16.292 1.00 6.52  ? 58  GLN A CB  1 
ATOM   446  C  CG  . GLN A 1 58 ? -2.599  -10.197 -15.763 1.00 10.09 ? 58  GLN A CG  1 
ATOM   447  C  CD  . GLN A 1 58 ? -3.025  -11.467 -15.081 1.00 12.95 ? 58  GLN A CD  1 
ATOM   448  O  OE1 . GLN A 1 58 ? -4.134  -11.563 -14.574 1.00 15.99 ? 58  GLN A OE1 1 
ATOM   449  N  NE2 . GLN A 1 58 ? -2.144  -12.447 -15.054 1.00 12.33 ? 58  GLN A NE2 1 
ATOM   450  N  N   . TYR A 1 59 ? -1.136  -8.067  -18.114 1.00 8.03  ? 59  TYR A N   1 
ATOM   451  C  CA  . TYR A 1 59 ? -0.062  -8.406  -19.062 1.00 8.39  ? 59  TYR A CA  1 
ATOM   452  C  C   . TYR A 1 59 ? 1.018   -9.177  -18.274 1.00 10.58 ? 59  TYR A C   1 
ATOM   453  O  O   . TYR A 1 59 ? 1.532   -8.689  -17.269 1.00 9.54  ? 59  TYR A O   1 
ATOM   454  C  CB  . TYR A 1 59 ? 0.600   -7.159  -19.667 1.00 7.57  ? 59  TYR A CB  1 
ATOM   455  C  CG  . TYR A 1 59 ? -0.305  -6.288  -20.538 1.00 9.57  ? 59  TYR A CG  1 
ATOM   456  C  CD1 . TYR A 1 59 ? -1.163  -5.342  -19.963 1.00 9.50  ? 59  TYR A CD1 1 
ATOM   457  C  CD2 . TYR A 1 59 ? -0.304  -6.417  -21.933 1.00 8.37  ? 59  TYR A CD2 1 
ATOM   458  C  CE1 . TYR A 1 59 ? -1.996  -4.551  -20.757 1.00 10.54 ? 59  TYR A CE1 1 
ATOM   459  C  CE2 . TYR A 1 59 ? -1.125  -5.625  -22.732 1.00 9.84  ? 59  TYR A CE2 1 
ATOM   460  C  CZ  . TYR A 1 59 ? -1.963  -4.700  -22.139 1.00 12.82 ? 59  TYR A CZ  1 
ATOM   461  O  OH  . TYR A 1 59 ? -2.763  -3.903  -22.923 1.00 14.86 ? 59  TYR A OH  1 
ATOM   462  N  N   . ASP A 1 60 ? 1.357   -10.378 -18.727 1.00 10.08 ? 60  ASP A N   1 
ATOM   463  C  CA  . ASP A 1 60 ? 2.349   -11.172 -18.038 1.00 10.20 ? 60  ASP A CA  1 
ATOM   464  C  C   . ASP A 1 60 ? 3.716   -11.055 -18.661 1.00 11.41 ? 60  ASP A C   1 
ATOM   465  O  O   . ASP A 1 60 ? 3.846   -10.706 -19.837 1.00 11.50 ? 60  ASP A O   1 
ATOM   466  C  CB  . ASP A 1 60 ? 1.955   -12.631 -18.049 1.00 12.85 ? 60  ASP A CB  1 
ATOM   467  C  CG  . ASP A 1 60 ? 0.715   -12.911 -17.222 1.00 16.83 ? 60  ASP A CG  1 
ATOM   468  O  OD1 . ASP A 1 60 ? 0.447   -12.173 -16.247 1.00 15.12 ? 60  ASP A OD1 1 
ATOM   469  O  OD2 . ASP A 1 60 ? 0.013   -13.901 -17.530 1.00 20.00 ? 60  ASP A OD2 1 
ATOM   470  N  N   . GLN A 1 61 ? 4.726   -11.314 -17.839 1.00 9.31  ? 61  GLN A N   1 
ATOM   471  C  CA  . GLN A 1 61 ? 6.137   -11.332 -18.239 1.00 10.82 ? 61  GLN A CA  1 
ATOM   472  C  C   . GLN A 1 61 ? 6.632   -10.072 -18.929 1.00 11.86 ? 61  GLN A C   1 
ATOM   473  O  O   . GLN A 1 61 ? 7.245   -10.122 -20.006 1.00 13.24 ? 61  GLN A O   1 
ATOM   474  C  CB  . GLN A 1 61 ? 6.369   -12.546 -19.135 1.00 12.61 ? 61  GLN A CB  1 
ATOM   475  C  CG  . GLN A 1 61 ? 7.740   -13.176 -19.018 1.00 16.52 ? 61  GLN A CG  1 
ATOM   476  C  CD  . GLN A 1 61 ? 7.782   -14.536 -19.717 1.00 19.52 ? 61  GLN A CD  1 
ATOM   477  O  OE1 . GLN A 1 61 ? 6.768   -15.255 -19.764 1.00 20.55 ? 61  GLN A OE1 1 
ATOM   478  N  NE2 . GLN A 1 61 ? 8.945   -14.895 -20.249 1.00 16.31 ? 61  GLN A NE2 1 
ATOM   479  N  N   . ILE A 1 62 ? 6.396   -8.949  -18.262 1.00 9.40  ? 62  ILE A N   1 
ATOM   480  C  CA  . ILE A 1 62 ? 6.748   -7.611  -18.755 1.00 11.01 ? 62  ILE A CA  1 
ATOM   481  C  C   . ILE A 1 62 ? 8.018   -7.144  -18.075 1.00 11.11 ? 62  ILE A C   1 
ATOM   482  O  O   . ILE A 1 62 ? 8.160   -7.287  -16.852 1.00 11.17 ? 62  ILE A O   1 
ATOM   483  C  CB  . ILE A 1 62 ? 5.570   -6.605  -18.448 1.00 9.38  ? 62  ILE A CB  1 
ATOM   484  C  CG1 . ILE A 1 62 ? 4.316   -6.990  -19.267 1.00 7.86  ? 62  ILE A CG1 1 
ATOM   485  C  CG2 . ILE A 1 62 ? 5.986   -5.153  -18.744 1.00 9.73  ? 62  ILE A CG2 1 
ATOM   486  C  CD1 . ILE A 1 62 ? 4.464   -6.898  -20.791 1.00 9.48  ? 62  ILE A CD1 1 
ATOM   487  N  N   . LEU A 1 63 ? 8.937   -6.588  -18.855 1.00 11.50 ? 63  LEU A N   1 
ATOM   488  C  CA  . LEU A 1 63 ? 10.184  -6.102  -18.288 1.00 13.63 ? 63  LEU A CA  1 
ATOM   489  C  C   . LEU A 1 63 ? 10.004  -4.718  -17.710 1.00 13.42 ? 63  LEU A C   1 
ATOM   490  O  O   . LEU A 1 63 ? 9.444   -3.830  -18.346 1.00 11.49 ? 63  LEU A O   1 
ATOM   491  C  CB  . LEU A 1 63 ? 11.298  -6.058  -19.342 1.00 19.21 ? 63  LEU A CB  1 
ATOM   492  C  CG  . LEU A 1 63 ? 12.048  -7.387  -19.563 1.00 27.04 ? 63  LEU A CG  1 
ATOM   493  C  CD1 . LEU A 1 63 ? 11.141  -8.467  -20.187 1.00 31.28 ? 63  LEU A CD1 1 
ATOM   494  C  CD2 . LEU A 1 63 ? 13.238  -7.110  -20.452 1.00 30.58 ? 63  LEU A CD2 1 
ATOM   495  N  N   . ILE A 1 64 ? 10.484  -4.541  -16.488 1.00 11.88 ? 64  ILE A N   1 
ATOM   496  C  CA  . ILE A 1 64 ? 10.394  -3.249  -15.831 1.00 12.69 ? 64  ILE A CA  1 
ATOM   497  C  C   . ILE A 1 64 ? 11.595  -3.103  -14.896 1.00 13.80 ? 64  ILE A C   1 
ATOM   498  O  O   . ILE A 1 64 ? 11.997  -4.040  -14.201 1.00 14.57 ? 64  ILE A O   1 
ATOM   499  C  CB  . ILE A 1 64 ? 9.034   -3.136  -15.077 1.00 15.35 ? 64  ILE A CB  1 
ATOM   500  C  CG1 . ILE A 1 64 ? 9.002   -1.898  -14.194 1.00 13.25 ? 64  ILE A CG1 1 
ATOM   501  C  CG2 . ILE A 1 64 ? 8.767   -4.428  -14.289 1.00 19.22 ? 64  ILE A CG2 1 
ATOM   502  C  CD1 . ILE A 1 64 ? 7.660   -1.702  -13.588 1.00 17.84 ? 64  ILE A CD1 1 
ATOM   503  N  N   . GLU A 1 65 ? 12.199  -1.926  -14.892 1.00 13.48 ? 65  GLU A N   1 
ATOM   504  C  CA  . GLU A 1 65 ? 13.355  -1.697  -14.037 1.00 15.84 ? 65  GLU A CA  1 
ATOM   505  C  C   . GLU A 1 65 ? 12.926  -0.730  -12.949 1.00 14.70 ? 65  GLU A C   1 
ATOM   506  O  O   . GLU A 1 65 ? 12.332  0.298   -13.219 1.00 14.51 ? 65  GLU A O   1 
ATOM   507  C  CB  . GLU A 1 65 ? 14.500  -1.122  -14.869 1.00 18.05 ? 65  GLU A CB  1 
ATOM   508  C  CG  . GLU A 1 65 ? 15.822  -1.159  -14.188 1.00 27.97 ? 65  GLU A CG  1 
ATOM   509  C  CD  . GLU A 1 65 ? 16.894  -0.558  -15.070 1.00 34.91 ? 65  GLU A CD  1 
ATOM   510  O  OE1 . GLU A 1 65 ? 17.294  -1.226  -16.049 1.00 38.85 ? 65  GLU A OE1 1 
ATOM   511  O  OE2 . GLU A 1 65 ? 17.316  0.594   -14.798 1.00 40.34 ? 65  GLU A OE2 1 
ATOM   512  N  N   . ILE A 1 66 ? 13.224  -1.074  -11.708 1.00 15.17 ? 66  ILE A N   1 
ATOM   513  C  CA  . ILE A 1 66 ? 12.800  -0.253  -10.566 1.00 15.92 ? 66  ILE A CA  1 
ATOM   514  C  C   . ILE A 1 66 ? 14.037  0.199   -9.811  1.00 18.92 ? 66  ILE A C   1 
ATOM   515  O  O   . ILE A 1 66 ? 14.752  -0.648  -9.261  1.00 18.40 ? 66  ILE A O   1 
ATOM   516  C  CB  . ILE A 1 66 ? 11.921  -1.093  -9.622  1.00 11.97 ? 66  ILE A CB  1 
ATOM   517  C  CG1 . ILE A 1 66 ? 10.697  -1.606  -10.393 1.00 13.11 ? 66  ILE A CG1 1 
ATOM   518  C  CG2 . ILE A 1 66 ? 11.524  -0.269  -8.413  1.00 12.84 ? 66  ILE A CG2 1 
ATOM   519  C  CD1 . ILE A 1 66 ? 9.961   -2.751  -9.723  1.00 12.58 ? 66  ILE A CD1 1 
ATOM   520  N  N   . CYS A 1 67 ? 14.295  1.513   -9.802  1.00 20.42 ? 67  CYS A N   1 
ATOM   521  C  CA  . CYS A 1 67 ? 15.456  2.082   -9.117  1.00 21.08 ? 67  CYS A CA  1 
ATOM   522  C  C   . CYS A 1 67 ? 16.685  1.285   -9.465  1.00 20.90 ? 67  CYS A C   1 
ATOM   523  O  O   . CYS A 1 67 ? 17.486  0.971   -8.593  1.00 25.01 ? 67  CYS A O   1 
ATOM   524  C  CB  A CYS A 1 67 ? 15.184  2.070   -7.608  0.50 22.35 ? 67  CYS A CB  1 
ATOM   525  C  CB  B CYS A 1 67 ? 15.330  2.021   -7.601  0.50 21.02 ? 67  CYS A CB  1 
ATOM   526  S  SG  A CYS A 1 67 ? 16.406  2.906   -6.570  0.50 26.16 ? 67  CYS A SG  1 
ATOM   527  S  SG  B CYS A 1 67 ? 14.017  3.032   -6.915  0.50 25.36 ? 67  CYS A SG  1 
ATOM   528  N  N   . GLY A 1 68 ? 16.817  0.915   -10.728 1.00 22.10 ? 68  GLY A N   1 
ATOM   529  C  CA  . GLY A 1 68 ? 17.996  0.183   -11.157 1.00 20.15 ? 68  GLY A CA  1 
ATOM   530  C  C   . GLY A 1 68 ? 18.012  -1.325  -11.052 1.00 20.92 ? 68  GLY A C   1 
ATOM   531  O  O   . GLY A 1 68 ? 18.990  -1.951  -11.450 1.00 21.11 ? 68  GLY A O   1 
ATOM   532  N  N   . HIS A 1 69 ? 16.945  -1.907  -10.515 1.00 19.04 ? 69  HIS A N   1 
ATOM   533  C  CA  . HIS A 1 69 ? 16.846  -3.355  -10.360 1.00 17.36 ? 69  HIS A CA  1 
ATOM   534  C  C   . HIS A 1 69 ? 15.869  -3.882  -11.403 1.00 17.92 ? 69  HIS A C   1 
ATOM   535  O  O   . HIS A 1 69 ? 14.767  -3.350  -11.549 1.00 16.63 ? 69  HIS A O   1 
ATOM   536  C  CB  . HIS A 1 69 ? 16.337  -3.685  -8.955  1.00 18.99 ? 69  HIS A CB  1 
ATOM   537  C  CG  . HIS A 1 69 ? 17.258  -3.239  -7.866  1.00 21.63 ? 69  HIS A CG  1 
ATOM   538  N  ND1 . HIS A 1 69 ? 17.951  -4.124  -7.069  1.00 22.40 ? 69  HIS A ND1 1 
ATOM   539  C  CD2 . HIS A 1 69 ? 17.625  -1.999  -7.461  1.00 22.92 ? 69  HIS A CD2 1 
ATOM   540  C  CE1 . HIS A 1 69 ? 18.702  -3.448  -6.216  1.00 23.84 ? 69  HIS A CE1 1 
ATOM   541  N  NE2 . HIS A 1 69 ? 18.522  -2.156  -6.433  1.00 23.66 ? 69  HIS A NE2 1 
ATOM   542  N  N   . LYS A 1 70 ? 16.263  -4.928  -12.122 1.00 16.59 ? 70  LYS A N   1 
ATOM   543  C  CA  . LYS A 1 70 ? 15.404  -5.475  -13.159 1.00 16.42 ? 70  LYS A CA  1 
ATOM   544  C  C   . LYS A 1 70 ? 14.426  -6.474  -12.590 1.00 14.68 ? 70  LYS A C   1 
ATOM   545  O  O   . LYS A 1 70 ? 14.755  -7.241  -11.698 1.00 14.32 ? 70  LYS A O   1 
ATOM   546  C  CB  . LYS A 1 70 ? 16.236  -6.162  -14.258 1.00 19.19 ? 70  LYS A CB  1 
ATOM   547  C  CG  . LYS A 1 70 ? 17.075  -5.229  -15.139 1.00 23.97 ? 70  LYS A CG  1 
ATOM   548  C  CD  . LYS A 1 70 ? 17.876  -5.997  -16.176 0.00 22.92 ? 70  LYS A CD  1 
ATOM   549  C  CE  . LYS A 1 70 ? 18.700  -5.051  -17.037 0.00 23.62 ? 70  LYS A CE  1 
ATOM   550  N  NZ  . LYS A 1 70 ? 19.504  -5.776  -18.057 0.00 23.78 ? 70  LYS A NZ  1 
ATOM   551  N  N   . ALA A 1 71 ? 13.211  -6.445  -13.111 1.00 11.46 ? 71  ALA A N   1 
ATOM   552  C  CA  . ALA A 1 71 ? 12.166  -7.374  -12.711 1.00 10.84 ? 71  ALA A CA  1 
ATOM   553  C  C   . ALA A 1 71 ? 11.451  -7.745  -14.006 1.00 11.19 ? 71  ALA A C   1 
ATOM   554  O  O   . ALA A 1 71 ? 11.496  -6.980  -14.972 1.00 11.50 ? 71  ALA A O   1 
ATOM   555  C  CB  . ALA A 1 71 ? 11.185  -6.694  -11.736 1.00 10.59 ? 71  ALA A CB  1 
ATOM   556  N  N   . ILE A 1 72 ? 10.844  -8.934  -14.053 1.00 10.38 ? 72  ILE A N   1 
ATOM   557  C  CA  . ILE A 1 72 ? 10.062  -9.353  -15.221 1.00 8.76  ? 72  ILE A CA  1 
ATOM   558  C  C   . ILE A 1 72 ? 8.874   -10.071 -14.631 1.00 9.41  ? 72  ILE A C   1 
ATOM   559  O  O   . ILE A 1 72 ? 9.015   -11.127 -14.003 1.00 10.68 ? 72  ILE A O   1 
ATOM   560  C  CB  . ILE A 1 72 ? 10.780  -10.340 -16.160 1.00 7.83  ? 72  ILE A CB  1 
ATOM   561  C  CG1 . ILE A 1 72 ? 12.102  -9.737  -16.664 1.00 9.96  ? 72  ILE A CG1 1 
ATOM   562  C  CG2 . ILE A 1 72 ? 9.847   -10.638 -17.352 1.00 5.80  ? 72  ILE A CG2 1 
ATOM   563  C  CD1 . ILE A 1 72 ? 12.942  -10.651 -17.563 1.00 9.20  ? 72  ILE A CD1 1 
ATOM   564  N  N   . GLY A 1 73 ? 7.690   -9.498  -14.810 1.00 9.93  ? 73  GLY A N   1 
ATOM   565  C  CA  . GLY A 1 73 ? 6.535   -10.143 -14.235 1.00 8.37  ? 73  GLY A CA  1 
ATOM   566  C  C   . GLY A 1 73 ? 5.242   -9.527  -14.671 1.00 10.97 ? 73  GLY A C   1 
ATOM   567  O  O   . GLY A 1 73 ? 5.188   -8.796  -15.659 1.00 10.43 ? 73  GLY A O   1 
ATOM   568  N  N   . THR A 1 74 ? 4.193   -9.819  -13.922 1.00 9.71  ? 74  THR A N   1 
ATOM   569  C  CA  . THR A 1 74 ? 2.864   -9.305  -14.245 1.00 10.24 ? 74  THR A CA  1 
ATOM   570  C  C   . THR A 1 74 ? 2.652   -7.825  -13.929 1.00 9.63  ? 74  THR A C   1 
ATOM   571  O  O   . THR A 1 74 ? 2.991   -7.333  -12.848 1.00 8.99  ? 74  THR A O   1 
ATOM   572  C  CB  . THR A 1 74 ? 1.799   -10.127 -13.506 1.00 10.17 ? 74  THR A CB  1 
ATOM   573  O  OG1 . THR A 1 74 ? 1.922   -11.491 -13.922 1.00 12.09 ? 74  THR A OG1 1 
ATOM   574  C  CG2 . THR A 1 74 ? 0.372   -9.609  -13.802 1.00 11.00 ? 74  THR A CG2 1 
ATOM   575  N  N   . VAL A 1 75 ? 2.070   -7.117  -14.895 1.00 9.71  ? 75  VAL A N   1 
ATOM   576  C  CA  . VAL A 1 75 ? 1.782   -5.702  -14.723 1.00 8.77  ? 75  VAL A CA  1 
ATOM   577  C  C   . VAL A 1 75 ? 0.300   -5.540  -15.088 1.00 11.19 ? 75  VAL A C   1 
ATOM   578  O  O   . VAL A 1 75 ? -0.150  -6.035  -16.135 1.00 11.10 ? 75  VAL A O   1 
ATOM   579  C  CB  . VAL A 1 75 ? 2.674   -4.857  -15.651 1.00 11.70 ? 75  VAL A CB  1 
ATOM   580  C  CG1 . VAL A 1 75 ? 2.201   -3.413  -15.689 1.00 12.87 ? 75  VAL A CG1 1 
ATOM   581  C  CG2 . VAL A 1 75 ? 4.118   -4.921  -15.168 1.00 8.38  ? 75  VAL A CG2 1 
ATOM   582  N  N   . LEU A 1 76 ? -0.467  -4.901  -14.213 1.00 7.51  ? 76  LEU A N   1 
ATOM   583  C  CA  . LEU A 1 76 ? -1.880  -4.665  -14.481 1.00 8.31  ? 76  LEU A CA  1 
ATOM   584  C  C   . LEU A 1 76 ? -1.981  -3.209  -14.935 1.00 9.38  ? 76  LEU A C   1 
ATOM   585  O  O   . LEU A 1 76 ? -1.222  -2.353  -14.473 1.00 8.58  ? 76  LEU A O   1 
ATOM   586  C  CB  . LEU A 1 76 ? -2.707  -4.879  -13.211 1.00 8.95  ? 76  LEU A CB  1 
ATOM   587  C  CG  . LEU A 1 76 ? -2.449  -6.211  -12.486 1.00 8.01  ? 76  LEU A CG  1 
ATOM   588  C  CD1 . LEU A 1 76 ? -3.326  -6.288  -11.253 1.00 7.67  ? 76  LEU A CD1 1 
ATOM   589  C  CD2 . LEU A 1 76 ? -2.711  -7.396  -13.448 1.00 6.53  ? 76  LEU A CD2 1 
ATOM   590  N  N   . VAL A 1 77 ? -2.891  -2.938  -15.865 1.00 9.12  ? 77  VAL A N   1 
ATOM   591  C  CA  . VAL A 1 77 ? -3.086  -1.580  -16.393 1.00 9.62  ? 77  VAL A CA  1 
ATOM   592  C  C   . VAL A 1 77 ? -4.552  -1.179  -16.235 1.00 8.03  ? 77  VAL A C   1 
ATOM   593  O  O   . VAL A 1 77 ? -5.469  -1.899  -16.672 1.00 8.18  ? 77  VAL A O   1 
ATOM   594  C  CB  . VAL A 1 77 ? -2.663  -1.494  -17.911 1.00 9.32  ? 77  VAL A CB  1 
ATOM   595  C  CG1 . VAL A 1 77 ? -2.871  -0.051  -18.456 1.00 12.17 ? 77  VAL A CG1 1 
ATOM   596  C  CG2 . VAL A 1 77 ? -1.166  -1.902  -18.061 1.00 8.42  ? 77  VAL A CG2 1 
ATOM   597  N  N   . GLY A 1 78 ? -4.768  -0.024  -15.609 1.00 10.58 ? 78  GLY A N   1 
ATOM   598  C  CA  . GLY A 1 78 ? -6.112  0.464   -15.400 1.00 8.90  ? 78  GLY A CA  1 
ATOM   599  C  C   . GLY A 1 78 ? -6.147  1.809   -14.704 1.00 11.90 ? 78  GLY A C   1 
ATOM   600  O  O   . GLY A 1 78 ? -5.095  2.445   -14.489 1.00 9.90  ? 78  GLY A O   1 
ATOM   601  N  N   . PRO A 1 79 ? -7.357  2.271   -14.330 1.00 11.93 ? 79  PRO A N   1 
ATOM   602  C  CA  . PRO A 1 79 ? -7.538  3.559   -13.650 1.00 13.42 ? 79  PRO A CA  1 
ATOM   603  C  C   . PRO A 1 79 ? -7.039  3.503   -12.205 1.00 16.23 ? 79  PRO A C   1 
ATOM   604  O  O   . PRO A 1 79 ? -7.705  2.986   -11.316 1.00 23.30 ? 79  PRO A O   1 
ATOM   605  C  CB  . PRO A 1 79 ? -9.044  3.797   -13.764 1.00 13.89 ? 79  PRO A CB  1 
ATOM   606  C  CG  . PRO A 1 79 ? -9.606  2.402   -13.741 1.00 15.70 ? 79  PRO A CG  1 
ATOM   607  C  CD  . PRO A 1 79 ? -8.655  1.612   -14.601 1.00 13.00 ? 79  PRO A CD  1 
ATOM   608  N  N   . THR A 1 80 ? -5.848  4.024   -11.978 1.00 17.14 ? 80  THR A N   1 
ATOM   609  C  CA  . THR A 1 80 ? -5.263  4.015   -10.654 1.00 14.64 ? 80  THR A CA  1 
ATOM   610  C  C   . THR A 1 80 ? -4.826  5.428   -10.334 1.00 15.59 ? 80  THR A C   1 
ATOM   611  O  O   . THR A 1 80 ? -4.335  6.142   -11.211 1.00 16.77 ? 80  THR A O   1 
ATOM   612  C  CB  . THR A 1 80 ? -4.035  3.057   -10.616 1.00 14.15 ? 80  THR A CB  1 
ATOM   613  O  OG1 . THR A 1 80 ? -3.430  3.101   -9.322  1.00 11.71 ? 80  THR A OG1 1 
ATOM   614  C  CG2 . THR A 1 80 ? -2.995  3.470   -11.681 1.00 12.07 ? 80  THR A CG2 1 
ATOM   615  N  N   . PRO A 1 81 ? -5.012  5.872   -9.085  1.00 14.44 ? 81  PRO A N   1 
ATOM   616  C  CA  . PRO A 1 81 ? -4.606  7.226   -8.723  1.00 13.97 ? 81  PRO A CA  1 
ATOM   617  C  C   . PRO A 1 81 ? -3.119  7.509   -8.963  1.00 14.17 ? 81  PRO A C   1 
ATOM   618  O  O   . PRO A 1 81 ? -2.735  8.659   -9.180  1.00 12.62 ? 81  PRO A O   1 
ATOM   619  C  CB  . PRO A 1 81 ? -4.995  7.314   -7.242  1.00 16.12 ? 81  PRO A CB  1 
ATOM   620  C  CG  . PRO A 1 81 ? -4.947  5.906   -6.776  1.00 16.94 ? 81  PRO A CG  1 
ATOM   621  C  CD  . PRO A 1 81 ? -5.577  5.164   -7.926  1.00 15.99 ? 81  PRO A CD  1 
ATOM   622  N  N   . VAL A 1 82 ? -2.288  6.450   -8.934  1.00 13.16 ? 82  VAL A N   1 
ATOM   623  C  CA  . VAL A 1 82 ? -0.828  6.567   -9.121  1.00 11.40 ? 82  VAL A CA  1 
ATOM   624  C  C   . VAL A 1 82 ? -0.281  5.214   -9.606  1.00 9.87  ? 82  VAL A C   1 
ATOM   625  O  O   . VAL A 1 82 ? -0.928  4.189   -9.420  1.00 9.72  ? 82  VAL A O   1 
ATOM   626  C  CB  A VAL A 1 82 ? -0.078  6.921   -7.790  0.50 11.27 ? 82  VAL A CB  1 
ATOM   627  C  CB  B VAL A 1 82 ? -0.164  6.966   -7.756  0.50 11.09 ? 82  VAL A CB  1 
ATOM   628  C  CG1 A VAL A 1 82 ? -0.503  8.278   -7.283  0.50 11.65 ? 82  VAL A CG1 1 
ATOM   629  C  CG1 B VAL A 1 82 ? -0.418  5.880   -6.723  0.50 12.28 ? 82  VAL A CG1 1 
ATOM   630  C  CG2 A VAL A 1 82 ? -0.355  5.857   -6.741  0.50 12.58 ? 82  VAL A CG2 1 
ATOM   631  C  CG2 B VAL A 1 82 ? 1.306   7.210   -7.917  0.50 10.65 ? 82  VAL A CG2 1 
ATOM   632  N  N   . ASN A 1 83 ? 0.888   5.210   -10.249 1.00 8.72  ? 83  ASN A N   1 
ATOM   633  C  CA  . ASN A 1 83 ? 1.514   3.943   -10.666 1.00 8.43  ? 83  ASN A CA  1 
ATOM   634  C  C   . ASN A 1 83 ? 1.908   3.247   -9.351  1.00 9.18  ? 83  ASN A C   1 
ATOM   635  O  O   . ASN A 1 83 ? 2.546   3.851   -8.481  1.00 9.48  ? 83  ASN A O   1 
ATOM   636  C  CB  . ASN A 1 83 ? 2.774   4.175   -11.521 1.00 8.14  ? 83  ASN A CB  1 
ATOM   637  C  CG  . ASN A 1 83 ? 2.459   4.771   -12.868 1.00 9.15  ? 83  ASN A CG  1 
ATOM   638  O  OD1 . ASN A 1 83 ? 1.583   4.300   -13.574 1.00 9.38  ? 83  ASN A OD1 1 
ATOM   639  N  ND2 . ASN A 1 83 ? 3.182   5.815   -13.234 1.00 9.47  ? 83  ASN A ND2 1 
ATOM   640  N  N   . ILE A 1 84 ? 1.533   1.974   -9.215  1.00 8.00  ? 84  ILE A N   1 
ATOM   641  C  CA  . ILE A 1 84 ? 1.776   1.221   -7.990  1.00 7.23  ? 84  ILE A CA  1 
ATOM   642  C  C   . ILE A 1 84 ? 2.670   0.007   -8.213  1.00 8.01  ? 84  ILE A C   1 
ATOM   643  O  O   . ILE A 1 84 ? 2.366   -0.817  -9.068  1.00 7.18  ? 84  ILE A O   1 
ATOM   644  C  CB  . ILE A 1 84 ? 0.420   0.693   -7.424  1.00 9.24  ? 84  ILE A CB  1 
ATOM   645  C  CG1 . ILE A 1 84 ? -0.438  1.849   -6.926  1.00 12.45 ? 84  ILE A CG1 1 
ATOM   646  C  CG2 . ILE A 1 84 ? 0.655   -0.306  -6.282  1.00 9.93  ? 84  ILE A CG2 1 
ATOM   647  C  CD1 . ILE A 1 84 ? -1.895  1.433   -6.702  1.00 13.27 ? 84  ILE A CD1 1 
ATOM   648  N  N   . ILE A 1 85 ? 3.770   -0.097  -7.456  1.00 7.03  ? 85  ILE A N   1 
ATOM   649  C  CA  . ILE A 1 85 ? 4.642   -1.280  -7.545  1.00 7.40  ? 85  ILE A CA  1 
ATOM   650  C  C   . ILE A 1 85 ? 4.220   -2.141  -6.346  1.00 6.91  ? 85  ILE A C   1 
ATOM   651  O  O   . ILE A 1 85 ? 4.396   -1.743  -5.178  1.00 6.44  ? 85  ILE A O   1 
ATOM   652  C  CB  . ILE A 1 85 ? 6.178   -0.938  -7.414  1.00 7.61  ? 85  ILE A CB  1 
ATOM   653  C  CG1 . ILE A 1 85 ? 6.575   0.117   -8.466  1.00 9.27  ? 85  ILE A CG1 1 
ATOM   654  C  CG2 . ILE A 1 85 ? 7.024   -2.214  -7.608  1.00 7.41  ? 85  ILE A CG2 1 
ATOM   655  C  CD1 . ILE A 1 85 ? 6.147   -0.225  -9.920  1.00 10.51 ? 85  ILE A CD1 1 
ATOM   656  N  N   . GLY A 1 86 ? 3.646   -3.306  -6.643  1.00 7.69  ? 86  GLY A N   1 
ATOM   657  C  CA  . GLY A 1 86 ? 3.178   -4.199  -5.591  1.00 5.70  ? 86  GLY A CA  1 
ATOM   658  C  C   . GLY A 1 86 ? 4.140   -5.302  -5.220  1.00 7.07  ? 86  GLY A C   1 
ATOM   659  O  O   . GLY A 1 86 ? 5.235   -5.384  -5.788  1.00 6.45  ? 86  GLY A O   1 
ATOM   660  N  N   . ARG A 1 87 ? 3.732   -6.164  -4.286  1.00 5.32  ? 87  ARG A N   1 
ATOM   661  C  CA  . ARG A 1 87 ? 4.613   -7.231  -3.813  1.00 5.02  ? 87  ARG A CA  1 
ATOM   662  C  C   . ARG A 1 87 ? 5.140   -8.186  -4.873  1.00 5.88  ? 87  ARG A C   1 
ATOM   663  O  O   . ARG A 1 87 ? 6.231   -8.726  -4.727  1.00 6.90  ? 87  ARG A O   1 
ATOM   664  C  CB  . ARG A 1 87 ? 3.915   -8.020  -2.706  1.00 4.68  ? 87  ARG A CB  1 
ATOM   665  C  CG  . ARG A 1 87 ? 3.586   -7.152  -1.485  1.00 6.05  ? 87  ARG A CG  1 
ATOM   666  C  CD  . ARG A 1 87 ? 3.073   -7.974  -0.283  1.00 6.51  ? 87  ARG A CD  1 
ATOM   667  N  NE  . ARG A 1 87 ? 1.805   -8.628  -0.602  1.00 6.89  ? 87  ARG A NE  1 
ATOM   668  C  CZ  . ARG A 1 87 ? 1.703   -9.884  -1.019  1.00 7.22  ? 87  ARG A CZ  1 
ATOM   669  N  NH1 . ARG A 1 87 ? 2.786   -10.624 -1.146  1.00 6.92  ? 87  ARG A NH1 1 
ATOM   670  N  NH2 . ARG A 1 87 ? 0.528   -10.383 -1.358  1.00 6.50  ? 87  ARG A NH2 1 
ATOM   671  N  N   . ASN A 1 88 ? 4.396   -8.401  -5.954  1.00 7.37  ? 88  ASN A N   1 
ATOM   672  C  CA  . ASN A 1 88 ? 4.891   -9.325  -6.977  1.00 7.31  ? 88  ASN A CA  1 
ATOM   673  C  C   . ASN A 1 88 ? 6.266   -8.858  -7.526  1.00 9.33  ? 88  ASN A C   1 
ATOM   674  O  O   . ASN A 1 88 ? 7.143   -9.685  -7.833  1.00 8.13  ? 88  ASN A O   1 
ATOM   675  C  CB  . ASN A 1 88 ? 3.835   -9.508  -8.104  1.00 6.51  ? 88  ASN A CB  1 
ATOM   676  C  CG  . ASN A 1 88 ? 3.685   -8.282  -9.014  1.00 7.10  ? 88  ASN A CG  1 
ATOM   677  O  OD1 . ASN A 1 88 ? 3.439   -7.165  -8.559  1.00 6.77  ? 88  ASN A OD1 1 
ATOM   678  N  ND2 . ASN A 1 88 ? 3.825   -8.507  -10.326 1.00 7.43  ? 88  ASN A ND2 1 
ATOM   679  N  N   . LEU A 1 89 ? 6.471   -7.539  -7.651  1.00 8.43  ? 89  LEU A N   1 
ATOM   680  C  CA  . LEU A 1 89 ? 7.760   -7.040  -8.142  1.00 7.47  ? 89  LEU A CA  1 
ATOM   681  C  C   . LEU A 1 89 ? 8.651   -6.594  -6.997  1.00 6.63  ? 89  LEU A C   1 
ATOM   682  O  O   . LEU A 1 89 ? 9.870   -6.614  -7.138  1.00 6.25  ? 89  LEU A O   1 
ATOM   683  C  CB  . LEU A 1 89 ? 7.577   -5.883  -9.127  1.00 7.35  ? 89  LEU A CB  1 
ATOM   684  C  CG  . LEU A 1 89 ? 6.681   -6.212  -10.332 1.00 8.16  ? 89  LEU A CG  1 
ATOM   685  C  CD1 . LEU A 1 89 ? 6.678   -4.985  -11.229 1.00 9.94  ? 89  LEU A CD1 1 
ATOM   686  C  CD2 . LEU A 1 89 ? 7.176   -7.431  -11.098 1.00 8.94  ? 89  LEU A CD2 1 
ATOM   687  N  N   . LEU A 1 90 ? 8.068   -6.179  -5.873  1.00 6.83  ? 90  LEU A N   1 
ATOM   688  C  CA  . LEU A 1 90 ? 8.909   -5.795  -4.728  1.00 6.00  ? 90  LEU A CA  1 
ATOM   689  C  C   . LEU A 1 90 ? 9.717   -7.005  -4.279  1.00 7.00  ? 90  LEU A C   1 
ATOM   690  O  O   . LEU A 1 90 ? 10.857  -6.858  -3.879  1.00 8.26  ? 90  LEU A O   1 
ATOM   691  C  CB  . LEU A 1 90 ? 8.064   -5.271  -3.544  1.00 8.12  ? 90  LEU A CB  1 
ATOM   692  C  CG  . LEU A 1 90 ? 7.342   -3.930  -3.795  1.00 7.37  ? 90  LEU A CG  1 
ATOM   693  C  CD1 . LEU A 1 90 ? 6.378   -3.643  -2.653  1.00 5.62  ? 90  LEU A CD1 1 
ATOM   694  C  CD2 . LEU A 1 90 ? 8.370   -2.812  -3.960  1.00 6.52  ? 90  LEU A CD2 1 
ATOM   695  N  N   . THR A 1 91 ? 9.138   -8.201  -4.342  1.00 6.58  ? 91  THR A N   1 
ATOM   696  C  CA  . THR A 1 91 ? 9.899   -9.397  -3.958  1.00 7.55  ? 91  THR A CA  1 
ATOM   697  C  C   . THR A 1 91 ? 11.020  -9.667  -4.988  1.00 10.65 ? 91  THR A C   1 
ATOM   698  O  O   . THR A 1 91 ? 12.104  -10.124 -4.630  1.00 10.48 ? 91  THR A O   1 
ATOM   699  C  CB  . THR A 1 91 ? 9.005   -10.687 -3.880  1.00 9.23  ? 91  THR A CB  1 
ATOM   700  O  OG1 . THR A 1 91 ? 8.297   -10.844 -5.113  1.00 9.43  ? 91  THR A OG1 1 
ATOM   701  C  CG2 . THR A 1 91 ? 7.994   -10.611 -2.710  1.00 4.71  ? 91  THR A CG2 1 
ATOM   702  N  N   . GLN A 1 92 ? 10.768  -9.399  -6.269  1.00 9.56  ? 92  GLN A N   1 
ATOM   703  C  CA  . GLN A 1 92 ? 11.788  -9.641  -7.283  1.00 9.34  ? 92  GLN A CA  1 
ATOM   704  C  C   . GLN A 1 92 ? 13.047  -8.780  -7.101  1.00 12.03 ? 92  GLN A C   1 
ATOM   705  O  O   . GLN A 1 92 ? 14.139  -9.200  -7.473  1.00 13.69 ? 92  GLN A O   1 
ATOM   706  C  CB  . GLN A 1 92 ? 11.196  -9.420  -8.672  1.00 8.62  ? 92  GLN A CB  1 
ATOM   707  C  CG  . GLN A 1 92 ? 10.172  -10.502 -9.062  1.00 7.90  ? 92  GLN A CG  1 
ATOM   708  C  CD  . GLN A 1 92 ? 10.005  -10.564 -10.564 1.00 10.49 ? 92  GLN A CD  1 
ATOM   709  O  OE1 . GLN A 1 92 ? 10.889  -10.094 -11.298 1.00 10.63 ? 92  GLN A OE1 1 
ATOM   710  N  NE2 . GLN A 1 92 ? 8.895   -11.132 -11.040 1.00 8.90  ? 92  GLN A NE2 1 
ATOM   711  N  N   . ILE A 1 93 ? 12.903  -7.580  -6.535  1.00 11.63 ? 93  ILE A N   1 
ATOM   712  C  CA  . ILE A 1 93 ? 14.054  -6.697  -6.308  1.00 11.15 ? 93  ILE A CA  1 
ATOM   713  C  C   . ILE A 1 93 ? 14.617  -6.825  -4.886  1.00 12.29 ? 93  ILE A C   1 
ATOM   714  O  O   . ILE A 1 93 ? 15.499  -6.054  -4.485  1.00 13.24 ? 93  ILE A O   1 
ATOM   715  C  CB  . ILE A 1 93 ? 13.727  -5.200  -6.586  1.00 10.35 ? 93  ILE A CB  1 
ATOM   716  C  CG1 . ILE A 1 93 ? 12.711  -4.673  -5.566  1.00 9.45  ? 93  ILE A CG1 1 
ATOM   717  C  CG2 . ILE A 1 93 ? 13.234  -5.038  -8.020  1.00 11.05 ? 93  ILE A CG2 1 
ATOM   718  C  CD1 . ILE A 1 93 ? 12.342  -3.202  -5.806  1.00 13.20 ? 93  ILE A CD1 1 
ATOM   719  N  N   . GLY A 1 94 ? 14.101  -7.789  -4.127  1.00 11.49 ? 94  GLY A N   1 
ATOM   720  C  CA  . GLY A 1 94 ? 14.597  -8.028  -2.780  1.00 11.94 ? 94  GLY A CA  1 
ATOM   721  C  C   . GLY A 1 94 ? 14.177  -7.049  -1.701  1.00 13.89 ? 94  GLY A C   1 
ATOM   722  O  O   . GLY A 1 94 ? 14.875  -6.880  -0.707  1.00 14.00 ? 94  GLY A O   1 
ATOM   723  N  N   . CYS A 1 95 ? 13.024  -6.426  -1.867  1.00 10.42 ? 95  CYS A N   1 
ATOM   724  C  CA  . CYS A 1 95 ? 12.552  -5.445  -0.904  1.00 9.79  ? 95  CYS A CA  1 
ATOM   725  C  C   . CYS A 1 95 ? 11.925  -6.058  0.354   1.00 10.39 ? 95  CYS A C   1 
ATOM   726  O  O   . CYS A 1 95 ? 11.193  -7.050  0.279   1.00 12.05 ? 95  CYS A O   1 
ATOM   727  C  CB  . CYS A 1 95 ? 11.564  -4.513  -1.612  1.00 11.93 ? 95  CYS A CB  1 
ATOM   728  S  SG  . CYS A 1 95 ? 11.103  -3.053  -0.675  1.00 14.84 ? 95  CYS A SG  1 
ATOM   729  N  N   . THR A 1 96 ? 12.258  -5.492  1.511   1.00 8.78  ? 96  THR A N   1 
ATOM   730  C  CA  . THR A 1 96 ? 11.701  -5.946  2.783   1.00 11.14 ? 96  THR A CA  1 
ATOM   731  C  C   . THR A 1 96 ? 11.353  -4.702  3.584   1.00 11.14 ? 96  THR A C   1 
ATOM   732  O  O   . THR A 1 96 ? 11.827  -3.609  3.269   1.00 11.73 ? 96  THR A O   1 
ATOM   733  C  CB  . THR A 1 96 ? 12.723  -6.773  3.671   1.00 10.83 ? 96  THR A CB  1 
ATOM   734  O  OG1 . THR A 1 96 ? 13.851  -5.961  3.990   1.00 12.05 ? 96  THR A OG1 1 
ATOM   735  C  CG2 . THR A 1 96 ? 13.177  -8.027  2.973   1.00 13.61 ? 96  THR A CG2 1 
ATOM   736  N  N   . LEU A 1 97 ? 10.519  -4.884  4.612   1.00 9.84  ? 97  LEU A N   1 
ATOM   737  C  CA  . LEU A 1 97 ? 10.141  -3.822  5.550   1.00 10.13 ? 97  LEU A CA  1 
ATOM   738  C  C   . LEU A 1 97 ? 10.979  -4.107  6.797   1.00 11.39 ? 97  LEU A C   1 
ATOM   739  O  O   . LEU A 1 97 ? 11.123  -5.275  7.200   1.00 11.69 ? 97  LEU A O   1 
ATOM   740  C  CB  . LEU A 1 97 ? 8.658   -3.915  5.946   1.00 10.20 ? 97  LEU A CB  1 
ATOM   741  C  CG  . LEU A 1 97 ? 7.662   -3.306  4.957   1.00 10.94 ? 97  LEU A CG  1 
ATOM   742  C  CD1 . LEU A 1 97 ? 6.243   -3.756  5.344   1.00 10.21 ? 97  LEU A CD1 1 
ATOM   743  C  CD2 . LEU A 1 97 ? 7.791   -1.776  4.926   1.00 9.21  ? 97  LEU A CD2 1 
ATOM   744  N  N   . ASN A 1 98 ? 11.505  -3.054  7.412   1.00 11.57 ? 98  ASN A N   1 
ATOM   745  C  CA  . ASN A 1 98 ? 12.338  -3.217  8.586   1.00 11.47 ? 98  ASN A CA  1 
ATOM   746  C  C   . ASN A 1 98 ? 12.102  -2.170  9.653   1.00 13.36 ? 98  ASN A C   1 
ATOM   747  O  O   . ASN A 1 98 ? 11.952  -0.988  9.352   1.00 14.90 ? 98  ASN A O   1 
ATOM   748  C  CB  . ASN A 1 98 ? 13.799  -3.121  8.164   1.00 11.83 ? 98  ASN A CB  1 
ATOM   749  C  CG  . ASN A 1 98 ? 14.197  -4.231  7.218   1.00 14.01 ? 98  ASN A CG  1 
ATOM   750  O  OD1 . ASN A 1 98 ? 14.688  -5.272  7.650   1.00 18.26 ? 98  ASN A OD1 1 
ATOM   751  N  ND2 . ASN A 1 98 ? 13.974  -4.023  5.926   1.00 14.46 ? 98  ASN A ND2 1 
ATOM   752  N  N   . PHE A 1 99 ? 12.078  -2.604  10.903  1.00 14.79 ? 99  PHE A N   1 
ATOM   753  C  CA  . PHE A 1 99 ? 11.965  -1.680  12.023  1.00 15.94 ? 99  PHE A CA  1 
ATOM   754  C  C   . PHE A 1 99 ? 12.428  -2.408  13.278  1.00 18.71 ? 99  PHE A C   1 
ATOM   755  O  O   . PHE A 1 99 ? 12.900  -3.566  13.141  1.00 19.20 ? 99  PHE A O   1 
ATOM   756  C  CB  . PHE A 1 99 ? 10.543  -1.113  12.188  1.00 15.40 ? 99  PHE A CB  1 
ATOM   757  C  CG  . PHE A 1 99 ? 9.469   -2.136  12.474  1.00 17.62 ? 99  PHE A CG  1 
ATOM   758  C  CD1 . PHE A 1 99 ? 8.802   -2.778  11.437  1.00 18.49 ? 99  PHE A CD1 1 
ATOM   759  C  CD2 . PHE A 1 99 ? 9.089   -2.417  13.791  1.00 20.19 ? 99  PHE A CD2 1 
ATOM   760  C  CE1 . PHE A 1 99 ? 7.763   -3.690  11.704  1.00 18.81 ? 99  PHE A CE1 1 
ATOM   761  C  CE2 . PHE A 1 99 ? 8.055   -3.325  14.073  1.00 20.64 ? 99  PHE A CE2 1 
ATOM   762  C  CZ  . PHE A 1 99 ? 7.392   -3.961  13.022  1.00 21.56 ? 99  PHE A CZ  1 
ATOM   763  O  OXT . PHE A 1 99 ? 12.337  -1.813  14.371  1.00 21.23 ? 99  PHE A OXT 1 
ATOM   764  N  N   . PRO B 1 1  ? 12.189  -5.993  13.611  1.00 20.73 ? 1   PRO B N   1 
ATOM   765  C  CA  . PRO B 1 1  ? 12.049  -7.193  12.768  1.00 20.98 ? 1   PRO B CA  1 
ATOM   766  C  C   . PRO B 1 1  ? 12.252  -6.880  11.294  1.00 20.16 ? 1   PRO B C   1 
ATOM   767  O  O   . PRO B 1 1  ? 12.209  -5.709  10.898  1.00 17.70 ? 1   PRO B O   1 
ATOM   768  C  CB  . PRO B 1 1  ? 10.641  -7.735  12.990  1.00 22.75 ? 1   PRO B CB  1 
ATOM   769  C  CG  . PRO B 1 1  ? 9.899   -6.484  13.452  1.00 23.12 ? 1   PRO B CG  1 
ATOM   770  C  CD  . PRO B 1 1  ? 10.924  -5.742  14.327  1.00 23.14 ? 1   PRO B CD  1 
ATOM   771  N  N   . GLN B 1 2  ? 12.523  -7.926  10.504  1.00 19.26 ? 2   GLN B N   1 
ATOM   772  C  CA  . GLN B 1 2  ? 12.648  -7.781  9.057   1.00 17.45 ? 2   GLN B CA  1 
ATOM   773  C  C   . GLN B 1 2  ? 11.477  -8.570  8.497   1.00 19.15 ? 2   GLN B C   1 
ATOM   774  O  O   . GLN B 1 2  ? 11.373  -9.778  8.698   1.00 20.31 ? 2   GLN B O   1 
ATOM   775  C  CB  . GLN B 1 2  ? 13.939  -8.348  8.506   1.00 17.97 ? 2   GLN B CB  1 
ATOM   776  C  CG  . GLN B 1 2  ? 13.911  -8.301  6.994   1.00 18.57 ? 2   GLN B CG  1 
ATOM   777  C  CD  . GLN B 1 2  ? 15.254  -8.548  6.372   1.00 23.29 ? 2   GLN B CD  1 
ATOM   778  O  OE1 . GLN B 1 2  ? 15.564  -9.674  5.968   1.00 25.14 ? 2   GLN B OE1 1 
ATOM   779  N  NE2 . GLN B 1 2  ? 16.075  -7.497  6.291   1.00 22.88 ? 2   GLN B NE2 1 
ATOM   780  N  N   . ILE B 1 3  ? 10.596  -7.879  7.791   1.00 16.89 ? 3   ILE B N   1 
ATOM   781  C  CA  . ILE B 1 3  ? 9.399   -8.491  7.258   1.00 16.73 ? 3   ILE B CA  1 
ATOM   782  C  C   . ILE B 1 3  ? 9.466   -8.697  5.751   1.00 17.75 ? 3   ILE B C   1 
ATOM   783  O  O   . ILE B 1 3  ? 9.668   -7.739  4.978   1.00 12.71 ? 3   ILE B O   1 
ATOM   784  C  CB  . ILE B 1 3  ? 8.184   -7.624  7.657   1.00 20.63 ? 3   ILE B CB  1 
ATOM   785  C  CG1 . ILE B 1 3  ? 8.130   -7.573  9.201   1.00 20.62 ? 3   ILE B CG1 1 
ATOM   786  C  CG2 . ILE B 1 3  ? 6.847   -8.167  7.028   1.00 16.03 ? 3   ILE B CG2 1 
ATOM   787  C  CD1 . ILE B 1 3  ? 7.165   -6.564  9.752   1.00 23.83 ? 3   ILE B CD1 1 
ATOM   788  N  N   . THR B 1 4  ? 9.308   -9.968  5.369   1.00 17.71 ? 4   THR B N   1 
ATOM   789  C  CA  . THR B 1 4  ? 9.318   -10.435 3.982   1.00 16.25 ? 4   THR B CA  1 
ATOM   790  C  C   . THR B 1 4  ? 8.047   -9.948  3.262   1.00 13.25 ? 4   THR B C   1 
ATOM   791  O  O   . THR B 1 4  ? 7.000   -9.718  3.902   1.00 13.68 ? 4   THR B O   1 
ATOM   792  C  CB  . THR B 1 4  ? 9.324   -12.014 3.922   1.00 16.02 ? 4   THR B CB  1 
ATOM   793  O  OG1 . THR B 1 4  ? 9.586   -12.425 2.595   1.00 21.77 ? 4   THR B OG1 1 
ATOM   794  C  CG2 . THR B 1 4  ? 7.941   -12.610 4.266   1.00 18.11 ? 4   THR B CG2 1 
ATOM   795  N  N   . LEU B 1 5  ? 8.142   -9.792  1.937   1.00 10.88 ? 5   LEU B N   1 
ATOM   796  C  CA  . LEU B 1 5  ? 6.977   -9.388  1.164   1.00 10.13 ? 5   LEU B CA  1 
ATOM   797  C  C   . LEU B 1 5  ? 6.453   -10.543 0.317   1.00 9.02  ? 5   LEU B C   1 
ATOM   798  O  O   . LEU B 1 5  ? 5.634   -10.327 -0.560  1.00 8.96  ? 5   LEU B O   1 
ATOM   799  C  CB  . LEU B 1 5  ? 7.267   -8.138  0.310   1.00 9.50  ? 5   LEU B CB  1 
ATOM   800  C  CG  . LEU B 1 5  ? 7.554   -6.889  1.172   1.00 8.07  ? 5   LEU B CG  1 
ATOM   801  C  CD1 . LEU B 1 5  ? 7.912   -5.726  0.274   1.00 4.87  ? 5   LEU B CD1 1 
ATOM   802  C  CD2 . LEU B 1 5  ? 6.328   -6.548  2.051   1.00 8.55  ? 5   LEU B CD2 1 
ATOM   803  N  N   . TRP B 1 6  ? 6.904   -11.775 0.592   1.00 9.31  ? 6   TRP B N   1 
ATOM   804  C  CA  . TRP B 1 6  ? 6.373   -12.957 -0.110  1.00 9.49  ? 6   TRP B CA  1 
ATOM   805  C  C   . TRP B 1 6  ? 4.872   -13.046 0.192   1.00 9.65  ? 6   TRP B C   1 
ATOM   806  O  O   . TRP B 1 6  ? 4.099   -13.489 -0.659  1.00 11.06 ? 6   TRP B O   1 
ATOM   807  C  CB  . TRP B 1 6  ? 7.013   -14.251 0.375   1.00 7.06  ? 6   TRP B CB  1 
ATOM   808  C  CG  . TRP B 1 6  ? 8.432   -14.439 -0.067  1.00 10.44 ? 6   TRP B CG  1 
ATOM   809  C  CD1 . TRP B 1 6  ? 9.521   -14.575 0.734   1.00 10.41 ? 6   TRP B CD1 1 
ATOM   810  C  CD2 . TRP B 1 6  ? 8.899   -14.651 -1.418  1.00 10.65 ? 6   TRP B CD2 1 
ATOM   811  N  NE1 . TRP B 1 6  ? 10.636  -14.872 -0.020  1.00 12.82 ? 6   TRP B NE1 1 
ATOM   812  C  CE2 . TRP B 1 6  ? 10.280  -14.924 -1.341  1.00 12.01 ? 6   TRP B CE2 1 
ATOM   813  C  CE3 . TRP B 1 6  ? 8.278   -14.645 -2.675  1.00 12.60 ? 6   TRP B CE3 1 
ATOM   814  C  CZ2 . TRP B 1 6  ? 11.057  -15.190 -2.471  1.00 14.19 ? 6   TRP B CZ2 1 
ATOM   815  C  CZ3 . TRP B 1 6  ? 9.056   -14.912 -3.806  1.00 13.06 ? 6   TRP B CZ3 1 
ATOM   816  C  CH2 . TRP B 1 6  ? 10.428  -15.179 -3.689  1.00 13.72 ? 6   TRP B CH2 1 
ATOM   817  N  N   . GLN B 1 7  ? 4.477   -12.647 1.406   1.00 8.29  ? 7   GLN B N   1 
ATOM   818  C  CA  . GLN B 1 7  ? 3.064   -12.624 1.806   1.00 8.08  ? 7   GLN B CA  1 
ATOM   819  C  C   . GLN B 1 7  ? 2.668   -11.192 2.214   1.00 8.50  ? 7   GLN B C   1 
ATOM   820  O  O   . GLN B 1 7  ? 3.535   -10.327 2.400   1.00 8.17  ? 7   GLN B O   1 
ATOM   821  C  CB  . GLN B 1 7  ? 2.835   -13.552 3.009   1.00 9.94  ? 7   GLN B CB  1 
ATOM   822  C  CG  . GLN B 1 7  ? 3.000   -15.072 2.719   1.00 12.28 ? 7   GLN B CG  1 
ATOM   823  C  CD  . GLN B 1 7  ? 4.438   -15.564 2.743   1.00 13.13 ? 7   GLN B CD  1 
ATOM   824  O  OE1 . GLN B 1 7  ? 5.193   -15.266 3.664   1.00 14.90 ? 7   GLN B OE1 1 
ATOM   825  N  NE2 . GLN B 1 7  ? 4.816   -16.339 1.732   1.00 13.63 ? 7   GLN B NE2 1 
ATOM   826  N  N   . ARG B 1 8  ? 1.369   -10.939 2.361   1.00 9.83  ? 8   ARG B N   1 
ATOM   827  C  CA  . ARG B 1 8  ? 0.908   -9.620  2.805   1.00 8.11  ? 8   ARG B CA  1 
ATOM   828  C  C   . ARG B 1 8  ? 1.528   -9.400  4.188   1.00 9.44  ? 8   ARG B C   1 
ATOM   829  O  O   . ARG B 1 8  ? 1.517   -10.314 5.047   1.00 9.15  ? 8   ARG B O   1 
ATOM   830  C  CB  . ARG B 1 8  ? -0.613  -9.596  2.930   1.00 8.09  ? 8   ARG B CB  1 
ATOM   831  C  CG  . ARG B 1 8  ? -1.317  -9.740  1.605   1.00 7.23  ? 8   ARG B CG  1 
ATOM   832  C  CD  . ARG B 1 8  ? -2.849  -9.717  1.750   1.00 8.57  ? 8   ARG B CD  1 
ATOM   833  N  NE  . ARG B 1 8  ? -3.504  -9.892  0.444   1.00 12.74 ? 8   ARG B NE  1 
ATOM   834  C  CZ  . ARG B 1 8  ? -4.736  -10.378 0.260   1.00 13.68 ? 8   ARG B CZ  1 
ATOM   835  N  NH1 . ARG B 1 8  ? -5.483  -10.748 1.296   1.00 14.48 ? 8   ARG B NH1 1 
ATOM   836  N  NH2 . ARG B 1 8  ? -5.214  -10.530 -0.966  1.00 11.14 ? 8   ARG B NH2 1 
ATOM   837  N  N   . PRO B 1 9  ? 2.075   -8.194  4.434   1.00 9.45  ? 9   PRO B N   1 
ATOM   838  C  CA  . PRO B 1 9  ? 2.702   -7.903  5.740   1.00 9.48  ? 9   PRO B CA  1 
ATOM   839  C  C   . PRO B 1 9  ? 1.675   -7.567  6.830   1.00 11.62 ? 9   PRO B C   1 
ATOM   840  O  O   . PRO B 1 9  ? 1.536   -6.419  7.228   1.00 8.39  ? 9   PRO B O   1 
ATOM   841  C  CB  . PRO B 1 9  ? 3.647   -6.729  5.429   1.00 8.59  ? 9   PRO B CB  1 
ATOM   842  C  CG  . PRO B 1 9  ? 2.885   -5.971  4.321   1.00 7.58  ? 9   PRO B CG  1 
ATOM   843  C  CD  . PRO B 1 9  ? 2.324   -7.119  3.445   1.00 7.67  ? 9   PRO B CD  1 
ATOM   844  N  N   . LEU B 1 10 ? 0.971   -8.594  7.302   1.00 12.00 ? 10  LEU B N   1 
ATOM   845  C  CA  . LEU B 1 10 ? -0.059  -8.444  8.342   1.00 12.18 ? 10  LEU B CA  1 
ATOM   846  C  C   . LEU B 1 10 ? 0.602   -8.640  9.712   1.00 13.63 ? 10  LEU B C   1 
ATOM   847  O  O   . LEU B 1 10 ? 1.370   -9.588  9.898   1.00 14.05 ? 10  LEU B O   1 
ATOM   848  C  CB  . LEU B 1 10 ? -1.174  -9.477  8.102   1.00 14.33 ? 10  LEU B CB  1 
ATOM   849  C  CG  . LEU B 1 10 ? -2.067  -9.232  6.876   1.00 17.59 ? 10  LEU B CG  1 
ATOM   850  C  CD1 . LEU B 1 10 ? -2.838  -10.493 6.495   1.00 18.81 ? 10  LEU B CD1 1 
ATOM   851  C  CD2 . LEU B 1 10 ? -3.031  -8.122  7.190   1.00 16.33 ? 10  LEU B CD2 1 
ATOM   852  N  N   . VAL B 1 11 ? 0.351   -7.725  10.650  1.00 12.03 ? 11  VAL B N   1 
ATOM   853  C  CA  . VAL B 1 11 ? 0.934   -7.816  11.982  1.00 11.76 ? 11  VAL B CA  1 
ATOM   854  C  C   . VAL B 1 11 ? -0.155  -7.568  12.996  1.00 13.89 ? 11  VAL B C   1 
ATOM   855  O  O   . VAL B 1 11 ? -1.248  -7.152  12.632  1.00 14.27 ? 11  VAL B O   1 
ATOM   856  C  CB  . VAL B 1 11 ? 2.036   -6.766  12.193  1.00 13.40 ? 11  VAL B CB  1 
ATOM   857  C  CG1 . VAL B 1 11 ? 3.164   -7.012  11.232  1.00 13.31 ? 11  VAL B CG1 1 
ATOM   858  C  CG2 . VAL B 1 11 ? 1.474   -5.384  11.974  1.00 14.21 ? 11  VAL B CG2 1 
ATOM   859  N  N   . THR B 1 12 ? 0.131   -7.830  14.267  1.00 12.62 ? 12  THR B N   1 
ATOM   860  C  CA  . THR B 1 12 ? -0.846  -7.589  15.322  1.00 13.85 ? 12  THR B CA  1 
ATOM   861  C  C   . THR B 1 12 ? -0.600  -6.203  15.906  1.00 13.40 ? 12  THR B C   1 
ATOM   862  O  O   . THR B 1 12 ? 0.544   -5.804  16.134  1.00 15.35 ? 12  THR B O   1 
ATOM   863  C  CB  . THR B 1 12 ? -0.712  -8.605  16.479  1.00 17.18 ? 12  THR B CB  1 
ATOM   864  O  OG1 . THR B 1 12 ? -0.930  -9.934  15.979  1.00 19.61 ? 12  THR B OG1 1 
ATOM   865  C  CG2 . THR B 1 12 ? -1.729  -8.300  17.572  1.00 14.91 ? 12  THR B CG2 1 
ATOM   866  N  N   . ILE B 1 13 ? -1.678  -5.469  16.139  1.00 12.01 ? 13  ILE B N   1 
ATOM   867  C  CA  . ILE B 1 13 ? -1.579  -4.145  16.726  1.00 11.25 ? 13  ILE B CA  1 
ATOM   868  C  C   . ILE B 1 13 ? -2.506  -4.144  17.940  1.00 13.37 ? 13  ILE B C   1 
ATOM   869  O  O   . ILE B 1 13 ? -3.352  -5.025  18.085  1.00 13.56 ? 13  ILE B O   1 
ATOM   870  C  CB  . ILE B 1 13 ? -2.081  -3.054  15.744  1.00 11.49 ? 13  ILE B CB  1 
ATOM   871  C  CG1 . ILE B 1 13 ? -3.581  -3.272  15.449  1.00 11.70 ? 13  ILE B CG1 1 
ATOM   872  C  CG2 . ILE B 1 13 ? -1.259  -3.091  14.459  1.00 8.05  ? 13  ILE B CG2 1 
ATOM   873  C  CD1 . ILE B 1 13 ? -4.270  -2.095  14.764  1.00 12.19 ? 13  ILE B CD1 1 
ATOM   874  N  N   . LYS B 1 14 ? -2.350  -3.170  18.816  1.00 14.88 ? 14  LYS B N   1 
ATOM   875  C  CA  . LYS B 1 14 ? -3.243  -3.081  19.963  1.00 17.29 ? 14  LYS B CA  1 
ATOM   876  C  C   . LYS B 1 14 ? -3.750  -1.636  19.974  1.00 16.15 ? 14  LYS B C   1 
ATOM   877  O  O   . LYS B 1 14 ? -2.965  -0.685  19.865  1.00 16.97 ? 14  LYS B O   1 
ATOM   878  C  CB  . LYS B 1 14 ? -2.489  -3.422  21.259  1.00 19.75 ? 14  LYS B CB  1 
ATOM   879  C  CG  . LYS B 1 14 ? -3.388  -3.683  22.501  1.00 24.50 ? 14  LYS B CG  1 
ATOM   880  C  CD  . LYS B 1 14 ? -2.538  -4.093  23.708  1.00 26.38 ? 14  LYS B CD  1 
ATOM   881  C  CE  . LYS B 1 14 ? -3.365  -4.130  24.980  1.00 34.94 ? 14  LYS B CE  1 
ATOM   882  N  NZ  . LYS B 1 14 ? -2.503  -4.265  26.203  1.00 36.25 ? 14  LYS B NZ  1 
ATOM   883  N  N   . ILE B 1 15 ? -5.060  -1.469  20.065  1.00 15.56 ? 15  ILE B N   1 
ATOM   884  C  CA  . ILE B 1 15 ? -5.644  -0.134  20.081  1.00 19.98 ? 15  ILE B CA  1 
ATOM   885  C  C   . ILE B 1 15 ? -6.867  -0.176  20.959  1.00 24.77 ? 15  ILE B C   1 
ATOM   886  O  O   . ILE B 1 15 ? -7.739  -1.034  20.782  1.00 26.10 ? 15  ILE B O   1 
ATOM   887  C  CB  . ILE B 1 15 ? -6.034  0.363   18.659  1.00 18.52 ? 15  ILE B CB  1 
ATOM   888  C  CG1 . ILE B 1 15 ? -6.658  1.758   18.761  1.00 16.82 ? 15  ILE B CG1 1 
ATOM   889  C  CG2 . ILE B 1 15 ? -6.997  -0.620  17.987  1.00 17.12 ? 15  ILE B CG2 1 
ATOM   890  C  CD1 . ILE B 1 15 ? -6.854  2.471   17.424  1.00 18.70 ? 15  ILE B CD1 1 
ATOM   891  N  N   . GLY B 1 16 ? -6.922  0.746   21.921  1.00 28.43 ? 16  GLY B N   1 
ATOM   892  C  CA  . GLY B 1 16 ? -8.051  0.791   22.846  1.00 31.43 ? 16  GLY B CA  1 
ATOM   893  C  C   . GLY B 1 16 ? -8.206  -0.513  23.624  1.00 32.88 ? 16  GLY B C   1 
ATOM   894  O  O   . GLY B 1 16 ? -9.314  -0.902  23.976  1.00 34.04 ? 16  GLY B O   1 
ATOM   895  N  N   . GLY B 1 17 ? -7.095  -1.186  23.897  1.00 33.86 ? 17  GLY B N   1 
ATOM   896  C  CA  . GLY B 1 17 ? -7.161  -2.435  24.617  1.00 35.29 ? 17  GLY B CA  1 
ATOM   897  C  C   . GLY B 1 17 ? -7.344  -3.614  23.687  1.00 37.14 ? 17  GLY B C   1 
ATOM   898  O  O   . GLY B 1 17 ? -6.806  -4.688  23.971  1.00 41.25 ? 17  GLY B O   1 
ATOM   899  N  N   . GLN B 1 18 ? -8.086  -3.414  22.588  1.00 35.48 ? 18  GLN B N   1 
ATOM   900  C  CA  . GLN B 1 18 ? -8.379  -4.453  21.577  1.00 33.18 ? 18  GLN B CA  1 
ATOM   901  C  C   . GLN B 1 18 ? -7.151  -4.899  20.744  1.00 31.00 ? 18  GLN B C   1 
ATOM   902  O  O   . GLN B 1 18 ? -6.382  -4.058  20.286  1.00 29.25 ? 18  GLN B O   1 
ATOM   903  C  CB  . GLN B 1 18 ? -9.455  -3.940  20.583  1.00 36.25 ? 18  GLN B CB  1 
ATOM   904  C  CG  . GLN B 1 18 ? -10.855 -3.574  21.155  1.00 41.86 ? 18  GLN B CG  1 
ATOM   905  C  CD  . GLN B 1 18 ? -11.707 -2.665  20.204  1.00 46.58 ? 18  GLN B CD  1 
ATOM   906  O  OE1 . GLN B 1 18 ? -11.979 -3.018  19.045  1.00 50.12 ? 18  GLN B OE1 1 
ATOM   907  N  NE2 . GLN B 1 18 ? -12.128 -1.499  20.707  1.00 47.45 ? 18  GLN B NE2 1 
ATOM   908  N  N   . LEU B 1 19 ? -6.958  -6.211  20.561  1.00 26.76 ? 19  LEU B N   1 
ATOM   909  C  CA  . LEU B 1 19 ? -5.863  -6.700  19.708  1.00 22.96 ? 19  LEU B CA  1 
ATOM   910  C  C   . LEU B 1 19 ? -6.503  -6.898  18.330  1.00 20.34 ? 19  LEU B C   1 
ATOM   911  O  O   . LEU B 1 19 ? -7.597  -7.444  18.225  1.00 19.97 ? 19  LEU B O   1 
ATOM   912  C  CB  . LEU B 1 19 ? -5.264  -8.033  20.189  1.00 22.63 ? 19  LEU B CB  1 
ATOM   913  C  CG  . LEU B 1 19 ? -4.197  -8.099  21.287  1.00 22.81 ? 19  LEU B CG  1 
ATOM   914  C  CD1 . LEU B 1 19 ? -3.708  -9.529  21.389  1.00 24.28 ? 19  LEU B CD1 1 
ATOM   915  C  CD2 . LEU B 1 19 ? -3.038  -7.192  20.993  1.00 20.29 ? 19  LEU B CD2 1 
ATOM   916  N  N   . LYS B 1 20 ? -5.824  -6.439  17.277  1.00 18.64 ? 20  LYS B N   1 
ATOM   917  C  CA  . LYS B 1 20 ? -6.337  -6.530  15.911  1.00 15.40 ? 20  LYS B CA  1 
ATOM   918  C  C   . LYS B 1 20 ? -5.219  -6.902  14.938  1.00 12.98 ? 20  LYS B C   1 
ATOM   919  O  O   . LYS B 1 20 ? -4.041  -6.845  15.276  1.00 13.61 ? 20  LYS B O   1 
ATOM   920  C  CB  . LYS B 1 20 ? -6.935  -5.185  15.483  1.00 17.51 ? 20  LYS B CB  1 
ATOM   921  C  CG  . LYS B 1 20 ? -8.256  -4.820  16.175  1.00 23.31 ? 20  LYS B CG  1 
ATOM   922  C  CD  . LYS B 1 20 ? -8.687  -3.388  15.875  1.00 26.05 ? 20  LYS B CD  1 
ATOM   923  C  CE  . LYS B 1 20 ? -10.145 -3.128  16.300  1.00 29.75 ? 20  LYS B CE  1 
ATOM   924  N  NZ  . LYS B 1 20 ? -11.180 -3.688  15.344  1.00 30.92 ? 20  LYS B NZ  1 
ATOM   925  N  N   . GLU B 1 21 ? -5.615  -7.321  13.744  1.00 13.26 ? 21  GLU B N   1 
ATOM   926  C  CA  . GLU B 1 21 ? -4.677  -7.658  12.679  1.00 12.00 ? 21  GLU B CA  1 
ATOM   927  C  C   . GLU B 1 21 ? -4.677  -6.450  11.731  1.00 11.54 ? 21  GLU B C   1 
ATOM   928  O  O   . GLU B 1 21 ? -5.742  -5.924  11.423  1.00 12.42 ? 21  GLU B O   1 
ATOM   929  C  CB  . GLU B 1 21 ? -5.175  -8.887  11.928  1.00 17.40 ? 21  GLU B CB  1 
ATOM   930  C  CG  . GLU B 1 21 ? -4.293  -9.309  10.789  1.00 28.09 ? 21  GLU B CG  1 
ATOM   931  C  CD  . GLU B 1 21 ? -4.861  -10.488 10.004  1.00 35.52 ? 21  GLU B CD  1 
ATOM   932  O  OE1 . GLU B 1 21 ? -5.885  -10.326 9.288   1.00 38.55 ? 21  GLU B OE1 1 
ATOM   933  O  OE2 . GLU B 1 21 ? -4.271  -11.589 10.114  1.00 40.85 ? 21  GLU B OE2 1 
ATOM   934  N  N   . ALA B 1 22 ? -3.504  -5.988  11.297  1.00 9.59  ? 22  ALA B N   1 
ATOM   935  C  CA  . ALA B 1 22 ? -3.450  -4.856  10.376  1.00 8.10  ? 22  ALA B CA  1 
ATOM   936  C  C   . ALA B 1 22 ? -2.341  -5.053  9.360   1.00 9.04  ? 22  ALA B C   1 
ATOM   937  O  O   . ALA B 1 22 ? -1.348  -5.741  9.622   1.00 8.83  ? 22  ALA B O   1 
ATOM   938  C  CB  . ALA B 1 22 ? -3.229  -3.555  11.120  1.00 8.81  ? 22  ALA B CB  1 
ATOM   939  N  N   . LEU B 1 23 ? -2.514  -4.405  8.213   1.00 8.57  ? 23  LEU B N   1 
ATOM   940  C  CA  . LEU B 1 23 ? -1.592  -4.486  7.083   1.00 8.78  ? 23  LEU B CA  1 
ATOM   941  C  C   . LEU B 1 23 ? -0.609  -3.309  7.070   1.00 9.32  ? 23  LEU B C   1 
ATOM   942  O  O   . LEU B 1 23 ? -1.032  -2.168  7.041   1.00 10.86 ? 23  LEU B O   1 
ATOM   943  C  CB  . LEU B 1 23 ? -2.412  -4.474  5.789   1.00 9.18  ? 23  LEU B CB  1 
ATOM   944  C  CG  . LEU B 1 23 ? -1.715  -4.588  4.432   1.00 11.31 ? 23  LEU B CG  1 
ATOM   945  C  CD1 . LEU B 1 23 ? -1.009  -5.944  4.376   1.00 11.92 ? 23  LEU B CD1 1 
ATOM   946  C  CD2 . LEU B 1 23 ? -2.754  -4.435  3.276   1.00 11.11 ? 23  LEU B CD2 1 
ATOM   947  N  N   . LEU B 1 24 ? 0.692   -3.574  7.098   1.00 8.02  ? 24  LEU B N   1 
ATOM   948  C  CA  . LEU B 1 24 ? 1.677   -2.487  7.055   1.00 9.45  ? 24  LEU B CA  1 
ATOM   949  C  C   . LEU B 1 24 ? 1.678   -2.054  5.589   1.00 11.17 ? 24  LEU B C   1 
ATOM   950  O  O   . LEU B 1 24 ? 2.137   -2.796  4.700   1.00 10.54 ? 24  LEU B O   1 
ATOM   951  C  CB  . LEU B 1 24 ? 3.055   -3.004  7.472   1.00 9.11  ? 24  LEU B CB  1 
ATOM   952  C  CG  . LEU B 1 24 ? 3.060   -3.613  8.887   1.00 8.38  ? 24  LEU B CG  1 
ATOM   953  C  CD1 . LEU B 1 24 ? 4.467   -4.081  9.232   1.00 9.12  ? 24  LEU B CD1 1 
ATOM   954  C  CD2 . LEU B 1 24 ? 2.577   -2.577  9.899   1.00 9.34  ? 24  LEU B CD2 1 
ATOM   955  N  N   . ASP B 1 25 ? 1.194   -0.840  5.346   1.00 9.36  ? 25  ASP B N   1 
ATOM   956  C  CA  . ASP B 1 25 ? 1.002   -0.355  3.986   1.00 8.13  ? 25  ASP B CA  1 
ATOM   957  C  C   . ASP B 1 25 ? 1.769   0.916   3.632   1.00 8.60  ? 25  ASP B C   1 
ATOM   958  O  O   . ASP B 1 25 ? 1.322   2.017   3.948   1.00 8.38  ? 25  ASP B O   1 
ATOM   959  C  CB  . ASP B 1 25 ? -0.506  -0.132  3.841   1.00 7.92  ? 25  ASP B CB  1 
ATOM   960  C  CG  . ASP B 1 25 ? -0.935  0.197   2.440   1.00 12.09 ? 25  ASP B CG  1 
ATOM   961  O  OD1 . ASP B 1 25 ? -0.069  0.325   1.537   1.00 10.27 ? 25  ASP B OD1 1 
ATOM   962  O  OD2 . ASP B 1 25 ? -2.174  0.318   2.255   1.00 9.56  ? 25  ASP B OD2 1 
ATOM   963  N  N   . THR B 1 26 ? 2.913   0.782   2.969   1.00 6.89  ? 26  THR B N   1 
ATOM   964  C  CA  . THR B 1 26 ? 3.680   1.969   2.599   1.00 7.26  ? 26  THR B CA  1 
ATOM   965  C  C   . THR B 1 26 ? 2.965   2.796   1.514   1.00 9.26  ? 26  THR B C   1 
ATOM   966  O  O   . THR B 1 26 ? 3.366   3.940   1.246   1.00 9.10  ? 26  THR B O   1 
ATOM   967  C  CB  . THR B 1 26 ? 5.066   1.598   2.065   1.00 9.46  ? 26  THR B CB  1 
ATOM   968  O  OG1 . THR B 1 26 ? 4.906   0.795   0.889   1.00 6.63  ? 26  THR B OG1 1 
ATOM   969  C  CG2 . THR B 1 26 ? 5.875   0.811   3.134   1.00 9.54  ? 26  THR B CG2 1 
ATOM   970  N  N   . GLY B 1 27 ? 1.927   2.229   0.893   1.00 8.20  ? 27  GLY B N   1 
ATOM   971  C  CA  . GLY B 1 27 ? 1.175   2.960   -0.122  1.00 9.62  ? 27  GLY B CA  1 
ATOM   972  C  C   . GLY B 1 27 ? 0.073   3.879   0.432   1.00 11.88 ? 27  GLY B C   1 
ATOM   973  O  O   . GLY B 1 27 ? -0.538  4.680   -0.313  1.00 12.58 ? 27  GLY B O   1 
ATOM   974  N  N   . ALA B 1 28 ? -0.178  3.787   1.745   1.00 8.70  ? 28  ALA B N   1 
ATOM   975  C  CA  . ALA B 1 28 ? -1.212  4.595   2.397   1.00 7.37  ? 28  ALA B CA  1 
ATOM   976  C  C   . ALA B 1 28 ? -0.618  5.783   3.141   1.00 8.62  ? 28  ALA B C   1 
ATOM   977  O  O   . ALA B 1 28 ? 0.263   5.605   3.982   1.00 8.50  ? 28  ALA B O   1 
ATOM   978  C  CB  . ALA B 1 28 ? -2.002  3.724   3.401   1.00 7.80  ? 28  ALA B CB  1 
ATOM   979  N  N   . ASP B 1 29 ? -1.101  6.993   2.853   1.00 7.72  ? 29  ASP B N   1 
ATOM   980  C  CA  . ASP B 1 29 ? -0.603  8.163   3.577   1.00 8.96  ? 29  ASP B CA  1 
ATOM   981  C  C   . ASP B 1 29 ? -1.029  8.074   5.044   1.00 9.33  ? 29  ASP B C   1 
ATOM   982  O  O   . ASP B 1 29 ? -0.252  8.367   5.948   1.00 10.40 ? 29  ASP B O   1 
ATOM   983  C  CB  . ASP B 1 29 ? -1.162  9.466   2.997   1.00 12.88 ? 29  ASP B CB  1 
ATOM   984  C  CG  . ASP B 1 29 ? -0.841  9.649   1.518   1.00 15.19 ? 29  ASP B CG  1 
ATOM   985  O  OD1 . ASP B 1 29 ? 0.263   9.257   1.096   1.00 11.90 ? 29  ASP B OD1 1 
ATOM   986  O  OD2 . ASP B 1 29 ? -1.697  10.200  0.793   1.00 17.74 ? 29  ASP B OD2 1 
ATOM   987  N  N   . ASP B 1 30 ? -2.260  7.659   5.291   1.00 9.81  ? 30  ASP B N   1 
ATOM   988  C  CA  . ASP B 1 30 ? -2.761  7.560   6.653   1.00 12.33 ? 30  ASP B CA  1 
ATOM   989  C  C   . ASP B 1 30 ? -3.210  6.151   7.048   1.00 11.13 ? 30  ASP B C   1 
ATOM   990  O  O   . ASP B 1 30 ? -3.397  5.268   6.212   1.00 11.50 ? 30  ASP B O   1 
ATOM   991  C  CB  . ASP B 1 30 ? -3.963  8.478   6.842   1.00 18.95 ? 30  ASP B CB  1 
ATOM   992  C  CG  . ASP B 1 30 ? -3.610  9.956   6.728   1.00 28.95 ? 30  ASP B CG  1 
ATOM   993  O  OD1 . ASP B 1 30 ? -2.813  10.459  7.573   1.00 28.60 ? 30  ASP B OD1 1 
ATOM   994  O  OD2 . ASP B 1 30 ? -4.146  10.594  5.788   1.00 33.37 ? 30  ASP B OD2 1 
ATOM   995  N  N   . THR B 1 31 ? -3.390  5.978   8.346   1.00 9.52  ? 31  THR B N   1 
ATOM   996  C  CA  . THR B 1 31 ? -3.841  4.731   8.923   1.00 8.52  ? 31  THR B CA  1 
ATOM   997  C  C   . THR B 1 31 ? -5.383  4.717   8.880   1.00 10.14 ? 31  THR B C   1 
ATOM   998  O  O   . THR B 1 31 ? -6.041  5.696   9.269   1.00 8.56  ? 31  THR B O   1 
ATOM   999  C  CB  . THR B 1 31 ? -3.322  4.646   10.362  1.00 8.00  ? 31  THR B CB  1 
ATOM   1000 O  OG1 . THR B 1 31 ? -1.896  4.555   10.306  1.00 9.18  ? 31  THR B OG1 1 
ATOM   1001 C  CG2 . THR B 1 31 ? -3.916  3.467   11.098  1.00 4.83  ? 31  THR B CG2 1 
ATOM   1002 N  N   . VAL B 1 32 ? -5.954  3.616   8.382   1.00 9.15  ? 32  VAL B N   1 
ATOM   1003 C  CA  . VAL B 1 32 ? -7.413  3.510   8.256   1.00 8.59  ? 32  VAL B CA  1 
ATOM   1004 C  C   . VAL B 1 32 ? -7.819  2.173   8.852   1.00 11.13 ? 32  VAL B C   1 
ATOM   1005 O  O   . VAL B 1 32 ? -7.352  1.117   8.401   1.00 11.07 ? 32  VAL B O   1 
ATOM   1006 C  CB  . VAL B 1 32 ? -7.877  3.509   6.786   1.00 9.20  ? 32  VAL B CB  1 
ATOM   1007 C  CG1 . VAL B 1 32 ? -9.375  3.758   6.733   1.00 9.16  ? 32  VAL B CG1 1 
ATOM   1008 C  CG2 . VAL B 1 32 ? -7.097  4.552   5.977   1.00 12.26 ? 32  VAL B CG2 1 
ATOM   1009 N  N   . LEU B 1 33 ? -8.673  2.230   9.872   1.00 12.12 ? 33  LEU B N   1 
ATOM   1010 C  CA  . LEU B 1 33 ? -9.153  1.023   10.537  1.00 12.99 ? 33  LEU B CA  1 
ATOM   1011 C  C   . LEU B 1 33 ? -10.618 0.775   10.201  1.00 13.51 ? 33  LEU B C   1 
ATOM   1012 O  O   . LEU B 1 33 ? -11.367 1.710   9.878   1.00 10.35 ? 33  LEU B O   1 
ATOM   1013 C  CB  . LEU B 1 33 ? -9.001  1.153   12.054  1.00 14.34 ? 33  LEU B CB  1 
ATOM   1014 C  CG  . LEU B 1 33 ? -7.551  1.360   12.519  1.00 14.02 ? 33  LEU B CG  1 
ATOM   1015 C  CD1 . LEU B 1 33 ? -7.551  1.437   14.041  1.00 14.86 ? 33  LEU B CD1 1 
ATOM   1016 C  CD2 . LEU B 1 33 ? -6.651  0.228   12.014  1.00 13.58 ? 33  LEU B CD2 1 
ATOM   1017 N  N   . GLU B 1 34 ? -11.024 -0.490  10.274  1.00 13.02 ? 34  GLU B N   1 
ATOM   1018 C  CA  . GLU B 1 34 ? -12.410 -0.847  9.999   1.00 13.84 ? 34  GLU B CA  1 
ATOM   1019 C  C   . GLU B 1 34 ? -13.278 -0.203  11.094  1.00 13.76 ? 34  GLU B C   1 
ATOM   1020 O  O   . GLU B 1 34 ? -12.757 0.165   12.171  1.00 10.21 ? 34  GLU B O   1 
ATOM   1021 C  CB  . GLU B 1 34 ? -12.549 -2.373  10.009  1.00 17.70 ? 34  GLU B CB  1 
ATOM   1022 C  CG  . GLU B 1 34 ? -11.716 -3.067  8.935   1.00 22.78 ? 34  GLU B CG  1 
ATOM   1023 C  CD  . GLU B 1 34 ? -11.843 -4.573  9.025   1.00 29.18 ? 34  GLU B CD  1 
ATOM   1024 O  OE1 . GLU B 1 34 ? -12.673 -5.042  9.836   1.00 35.01 ? 34  GLU B OE1 1 
ATOM   1025 O  OE2 . GLU B 1 34 ? -11.133 -5.282  8.297   1.00 30.82 ? 34  GLU B OE2 1 
ATOM   1026 N  N   . GLU B 1 35 ? -14.586 -0.070  10.819  1.00 13.12 ? 35  GLU B N   1 
ATOM   1027 C  CA  . GLU B 1 35 ? -15.504 0.573   11.765  1.00 13.95 ? 35  GLU B CA  1 
ATOM   1028 C  C   . GLU B 1 35 ? -15.306 0.157   13.221  1.00 13.57 ? 35  GLU B C   1 
ATOM   1029 O  O   . GLU B 1 35 ? -15.244 -1.033  13.551  1.00 14.05 ? 35  GLU B O   1 
ATOM   1030 C  CB  . GLU B 1 35 ? -16.967 0.329   11.370  1.00 15.30 ? 35  GLU B CB  1 
ATOM   1031 C  CG  . GLU B 1 35 ? -17.483 1.207   10.286  1.00 16.35 ? 35  GLU B CG  1 
ATOM   1032 C  CD  . GLU B 1 35 ? -17.412 2.664   10.649  1.00 19.88 ? 35  GLU B CD  1 
ATOM   1033 O  OE1 . GLU B 1 35 ? -17.329 3.005   11.848  1.00 19.91 ? 35  GLU B OE1 1 
ATOM   1034 O  OE2 . GLU B 1 35 ? -17.441 3.483   9.723   1.00 25.67 ? 35  GLU B OE2 1 
ATOM   1035 N  N   . MET B 1 36 ? -15.207 1.166   14.075  1.00 12.40 ? 36  MET B N   1 
ATOM   1036 C  CA  . MET B 1 36 ? -15.028 0.980   15.496  1.00 12.70 ? 36  MET B CA  1 
ATOM   1037 C  C   . MET B 1 36 ? -15.211 2.354   16.124  1.00 14.47 ? 36  MET B C   1 
ATOM   1038 O  O   . MET B 1 36 ? -15.221 3.382   15.447  1.00 13.04 ? 36  MET B O   1 
ATOM   1039 C  CB  . MET B 1 36 ? -13.624 0.451   15.805  1.00 14.66 ? 36  MET B CB  1 
ATOM   1040 C  CG  . MET B 1 36 ? -12.504 1.495   15.607  1.00 14.22 ? 36  MET B CG  1 
ATOM   1041 S  SD  . MET B 1 36 ? -10.859 0.889   16.079  1.00 17.43 ? 36  MET B SD  1 
ATOM   1042 C  CE  . MET B 1 36 ? -11.106 0.444   17.815  1.00 19.77 ? 36  MET B CE  1 
ATOM   1043 N  N   . SER B 1 37 ? -15.356 2.362   17.435  1.00 17.69 ? 37  SER B N   1 
ATOM   1044 C  CA  . SER B 1 37 ? -15.527 3.608   18.150  1.00 18.97 ? 37  SER B CA  1 
ATOM   1045 C  C   . SER B 1 37 ? -14.181 3.977   18.758  1.00 17.64 ? 37  SER B C   1 
ATOM   1046 O  O   . SER B 1 37 ? -13.428 3.105   19.200  1.00 18.17 ? 37  SER B O   1 
ATOM   1047 C  CB  . SER B 1 37 ? -16.565 3.443   19.265  1.00 21.57 ? 37  SER B CB  1 
ATOM   1048 O  OG  . SER B 1 37 ? -16.716 4.681   19.935  1.00 30.78 ? 37  SER B OG  1 
ATOM   1049 N  N   . LEU B 1 38 ? -13.868 5.261   18.755  1.00 16.15 ? 38  LEU B N   1 
ATOM   1050 C  CA  . LEU B 1 38 ? -12.627 5.729   19.342  1.00 16.85 ? 38  LEU B CA  1 
ATOM   1051 C  C   . LEU B 1 38 ? -12.996 6.908   20.209  1.00 18.71 ? 38  LEU B C   1 
ATOM   1052 O  O   . LEU B 1 38 ? -14.033 7.538   20.002  1.00 17.71 ? 38  LEU B O   1 
ATOM   1053 C  CB  . LEU B 1 38 ? -11.612 6.160   18.267  1.00 14.32 ? 38  LEU B CB  1 
ATOM   1054 C  CG  . LEU B 1 38 ? -10.882 4.991   17.608  1.00 12.69 ? 38  LEU B CG  1 
ATOM   1055 C  CD1 . LEU B 1 38 ? -10.025 5.517   16.473  1.00 11.58 ? 38  LEU B CD1 1 
ATOM   1056 C  CD2 . LEU B 1 38 ? -10.026 4.236   18.674  1.00 14.21 ? 38  LEU B CD2 1 
ATOM   1057 N  N   . PRO B 1 39 ? -12.158 7.215   21.202  1.00 20.25 ? 39  PRO B N   1 
ATOM   1058 C  CA  . PRO B 1 39 ? -12.443 8.340   22.085  1.00 21.69 ? 39  PRO B CA  1 
ATOM   1059 C  C   . PRO B 1 39 ? -12.104 9.675   21.434  1.00 22.39 ? 39  PRO B C   1 
ATOM   1060 O  O   . PRO B 1 39 ? -11.248 9.756   20.539  1.00 23.10 ? 39  PRO B O   1 
ATOM   1061 C  CB  . PRO B 1 39 ? -11.536 8.054   23.265  1.00 23.93 ? 39  PRO B CB  1 
ATOM   1062 C  CG  . PRO B 1 39 ? -10.284 7.509   22.566  1.00 25.02 ? 39  PRO B CG  1 
ATOM   1063 C  CD  . PRO B 1 39 ? -10.899 6.541   21.581  1.00 20.88 ? 39  PRO B CD  1 
ATOM   1064 N  N   . GLY B 1 40 ? -12.766 10.726  21.897  1.00 22.28 ? 40  GLY B N   1 
ATOM   1065 C  CA  . GLY B 1 40 ? -12.475 12.049  21.384  1.00 22.66 ? 40  GLY B CA  1 
ATOM   1066 C  C   . GLY B 1 40 ? -13.394 12.481  20.267  1.00 23.65 ? 40  GLY B C   1 
ATOM   1067 O  O   . GLY B 1 40 ? -14.302 11.745  19.862  1.00 22.79 ? 40  GLY B O   1 
ATOM   1068 N  N   . ARG B 1 41 ? -13.173 13.694  19.775  1.00 23.18 ? 41  ARG B N   1 
ATOM   1069 C  CA  . ARG B 1 41 ? -13.997 14.171  18.694  1.00 23.70 ? 41  ARG B CA  1 
ATOM   1070 C  C   . ARG B 1 41 ? -13.341 13.712  17.401  1.00 19.74 ? 41  ARG B C   1 
ATOM   1071 O  O   . ARG B 1 41 ? -12.186 13.262  17.394  1.00 17.07 ? 41  ARG B O   1 
ATOM   1072 C  CB  . ARG B 1 41 ? -14.165 15.705  18.762  1.00 28.88 ? 41  ARG B CB  1 
ATOM   1073 C  CG  . ARG B 1 41 ? -12.983 16.507  19.313  1.00 34.27 ? 41  ARG B CG  1 
ATOM   1074 C  CD  . ARG B 1 41 ? -13.390 17.985  19.565  1.00 37.82 ? 41  ARG B CD  1 
ATOM   1075 N  NE  . ARG B 1 41 ? -12.290 18.786  20.117  1.00 42.87 ? 41  ARG B NE  1 
ATOM   1076 C  CZ  . ARG B 1 41 ? -12.422 20.027  20.575  0.00 41.48 ? 41  ARG B CZ  1 
ATOM   1077 N  NH1 . ARG B 1 41 ? -13.606 20.624  20.553  0.00 41.99 ? 41  ARG B NH1 1 
ATOM   1078 N  NH2 . ARG B 1 41 ? -11.369 20.670  21.061  0.00 41.99 ? 41  ARG B NH2 1 
ATOM   1079 N  N   . TRP B 1 42 ? -14.100 13.781  16.320  1.00 19.37 ? 42  TRP B N   1 
ATOM   1080 C  CA  . TRP B 1 42 ? -13.608 13.376  15.013  1.00 18.70 ? 42  TRP B CA  1 
ATOM   1081 C  C   . TRP B 1 42 ? -14.205 14.312  13.989  1.00 19.62 ? 42  TRP B C   1 
ATOM   1082 O  O   . TRP B 1 42 ? -15.131 15.060  14.307  1.00 19.91 ? 42  TRP B O   1 
ATOM   1083 C  CB  . TRP B 1 42 ? -14.048 11.942  14.702  1.00 17.67 ? 42  TRP B CB  1 
ATOM   1084 C  CG  . TRP B 1 42 ? -15.527 11.727  14.812  1.00 22.68 ? 42  TRP B CG  1 
ATOM   1085 C  CD1 . TRP B 1 42 ? -16.219 11.377  15.937  1.00 24.06 ? 42  TRP B CD1 1 
ATOM   1086 C  CD2 . TRP B 1 42 ? -16.511 11.887  13.768  1.00 23.95 ? 42  TRP B CD2 1 
ATOM   1087 N  NE1 . TRP B 1 42 ? -17.561 11.306  15.663  1.00 25.73 ? 42  TRP B NE1 1 
ATOM   1088 C  CE2 . TRP B 1 42 ? -17.774 11.616  14.343  1.00 24.49 ? 42  TRP B CE2 1 
ATOM   1089 C  CE3 . TRP B 1 42 ? -16.449 12.241  12.399  1.00 23.59 ? 42  TRP B CE3 1 
ATOM   1090 C  CZ2 . TRP B 1 42 ? -18.971 11.687  13.605  1.00 24.58 ? 42  TRP B CZ2 1 
ATOM   1091 C  CZ3 . TRP B 1 42 ? -17.652 12.313  11.657  1.00 23.31 ? 42  TRP B CZ3 1 
ATOM   1092 C  CH2 . TRP B 1 42 ? -18.890 12.037  12.269  1.00 25.74 ? 42  TRP B CH2 1 
ATOM   1093 N  N   . LYS B 1 43 ? -13.662 14.313  12.774  1.00 17.66 ? 43  LYS B N   1 
ATOM   1094 C  CA  . LYS B 1 43 ? -14.242 15.131  11.710  1.00 18.04 ? 43  LYS B CA  1 
ATOM   1095 C  C   . LYS B 1 43 ? -14.302 14.275  10.446  1.00 15.17 ? 43  LYS B C   1 
ATOM   1096 O  O   . LYS B 1 43 ? -13.484 13.368  10.263  1.00 13.96 ? 43  LYS B O   1 
ATOM   1097 C  CB  . LYS B 1 43 ? -13.425 16.398  11.475  1.00 19.60 ? 43  LYS B CB  1 
ATOM   1098 C  CG  . LYS B 1 43 ? -12.018 16.173  11.078  1.00 24.45 ? 43  LYS B CG  1 
ATOM   1099 C  CD  . LYS B 1 43 ? -11.283 17.489  11.007  1.00 30.43 ? 43  LYS B CD  1 
ATOM   1100 C  CE  . LYS B 1 43 ? -9.812  17.232  10.704  1.00 35.81 ? 43  LYS B CE  1 
ATOM   1101 N  NZ  . LYS B 1 43 ? -8.968  18.466  10.754  1.00 37.29 ? 43  LYS B NZ  1 
ATOM   1102 N  N   . PRO B 1 44 ? -15.285 14.528  9.572   1.00 14.48 ? 44  PRO B N   1 
ATOM   1103 C  CA  . PRO B 1 44 ? -15.342 13.701  8.357   1.00 12.88 ? 44  PRO B CA  1 
ATOM   1104 C  C   . PRO B 1 44 ? -14.229 14.002  7.358   1.00 12.09 ? 44  PRO B C   1 
ATOM   1105 O  O   . PRO B 1 44 ? -13.693 15.114  7.299   1.00 12.11 ? 44  PRO B O   1 
ATOM   1106 C  CB  . PRO B 1 44 ? -16.738 13.983  7.799   1.00 14.80 ? 44  PRO B CB  1 
ATOM   1107 C  CG  . PRO B 1 44 ? -17.002 15.390  8.241   1.00 15.08 ? 44  PRO B CG  1 
ATOM   1108 C  CD  . PRO B 1 44 ? -16.439 15.442  9.665   1.00 14.44 ? 44  PRO B CD  1 
ATOM   1109 N  N   . LYS B 1 45 ? -13.897 12.993  6.559   1.00 12.09 ? 45  LYS B N   1 
ATOM   1110 C  CA  . LYS B 1 45 ? -12.843 13.111  5.558   1.00 10.82 ? 45  LYS B CA  1 
ATOM   1111 C  C   . LYS B 1 45 ? -13.138 12.097  4.473   1.00 9.75  ? 45  LYS B C   1 
ATOM   1112 O  O   . LYS B 1 45 ? -13.858 11.129  4.718   1.00 9.77  ? 45  LYS B O   1 
ATOM   1113 C  CB  . LYS B 1 45 ? -11.503 12.791  6.209   1.00 11.71 ? 45  LYS B CB  1 
ATOM   1114 C  CG  . LYS B 1 45 ? -10.283 12.947  5.346   1.00 15.53 ? 45  LYS B CG  1 
ATOM   1115 C  CD  . LYS B 1 45 ? -9.100  12.398  6.149   1.00 20.54 ? 45  LYS B CD  1 
ATOM   1116 C  CE  . LYS B 1 45 ? -7.774  12.382  5.383   1.00 22.69 ? 45  LYS B CE  1 
ATOM   1117 N  NZ  . LYS B 1 45 ? -7.334  13.748  4.984   1.00 25.50 ? 45  LYS B NZ  1 
ATOM   1118 N  N   . MET B 1 46 ? -12.606 12.329  3.273   1.00 8.91  ? 46  MET B N   1 
ATOM   1119 C  CA  . MET B 1 46 ? -12.776 11.402  2.159   1.00 8.77  ? 46  MET B CA  1 
ATOM   1120 C  C   . MET B 1 46 ? -11.384 10.922  1.781   1.00 10.60 ? 46  MET B C   1 
ATOM   1121 O  O   . MET B 1 46 ? -10.476 11.751  1.658   1.00 11.58 ? 46  MET B O   1 
ATOM   1122 C  CB  . MET B 1 46 ? -13.391 12.099  0.943   1.00 10.69 ? 46  MET B CB  1 
ATOM   1123 C  CG  . MET B 1 46 ? -14.835 12.473  1.103   1.00 14.33 ? 46  MET B CG  1 
ATOM   1124 S  SD  . MET B 1 46 ? -15.812 11.034  0.845   1.00 21.39 ? 46  MET B SD  1 
ATOM   1125 C  CE  . MET B 1 46 ? -15.897 11.112  -1.000  1.00 21.84 ? 46  MET B CE  1 
ATOM   1126 N  N   . ILE B 1 47 ? -11.187 9.610   1.629   1.00 7.65  ? 47  ILE B N   1 
ATOM   1127 C  CA  . ILE B 1 47 ? -9.884  9.123   1.208   1.00 8.17  ? 47  ILE B CA  1 
ATOM   1128 C  C   . ILE B 1 47 ? -10.065 8.286   -0.050  1.00 8.63  ? 47  ILE B C   1 
ATOM   1129 O  O   . ILE B 1 47 ? -11.087 7.628   -0.226  1.00 9.65  ? 47  ILE B O   1 
ATOM   1130 C  CB  . ILE B 1 47 ? -9.172  8.290   2.301   1.00 9.69  ? 47  ILE B CB  1 
ATOM   1131 C  CG1 . ILE B 1 47 ? -10.108 7.206   2.832   1.00 12.48 ? 47  ILE B CG1 1 
ATOM   1132 C  CG2 . ILE B 1 47 ? -8.686  9.203   3.416   1.00 9.68  ? 47  ILE B CG2 1 
ATOM   1133 C  CD1 . ILE B 1 47 ? -9.459  6.286   3.857   1.00 14.76 ? 47  ILE B CD1 1 
ATOM   1134 N  N   . GLY B 1 48 ? -9.080  8.308   -0.935  1.00 7.54  ? 48  GLY B N   1 
ATOM   1135 C  CA  . GLY B 1 48 ? -9.238  7.566   -2.168  1.00 8.17  ? 48  GLY B CA  1 
ATOM   1136 C  C   . GLY B 1 48 ? -8.158  6.539   -2.426  1.00 12.89 ? 48  GLY B C   1 
ATOM   1137 O  O   . GLY B 1 48 ? -7.098  6.570   -1.810  1.00 12.96 ? 48  GLY B O   1 
ATOM   1138 N  N   . GLY B 1 49 ? -8.442  5.611   -3.333  1.00 13.57 ? 49  GLY B N   1 
ATOM   1139 C  CA  . GLY B 1 49 ? -7.476  4.588   -3.692  1.00 13.98 ? 49  GLY B CA  1 
ATOM   1140 C  C   . GLY B 1 49 ? -8.026  3.891   -4.922  1.00 12.63 ? 49  GLY B C   1 
ATOM   1141 O  O   . GLY B 1 49 ? -8.823  4.480   -5.653  1.00 11.64 ? 49  GLY B O   1 
ATOM   1142 N  N   . ILE B 1 50 ? -7.603  2.658   -5.167  1.00 13.08 ? 50  ILE B N   1 
ATOM   1143 C  CA  . ILE B 1 50 ? -8.113  1.893   -6.300  1.00 12.30 ? 50  ILE B CA  1 
ATOM   1144 C  C   . ILE B 1 50 ? -9.617  1.769   -6.023  1.00 13.56 ? 50  ILE B C   1 
ATOM   1145 O  O   . ILE B 1 50 ? -10.033 1.445   -4.908  1.00 12.68 ? 50  ILE B O   1 
ATOM   1146 C  CB  . ILE B 1 50 ? -7.494  0.457   -6.327  1.00 13.67 ? 50  ILE B CB  1 
ATOM   1147 C  CG1 . ILE B 1 50 ? -6.034  0.530   -6.777  1.00 14.15 ? 50  ILE B CG1 1 
ATOM   1148 C  CG2 . ILE B 1 50 ? -8.322  -0.465  -7.206  1.00 11.46 ? 50  ILE B CG2 1 
ATOM   1149 C  CD1 . ILE B 1 50 ? -5.849  1.085   -8.153  1.00 12.89 ? 50  ILE B CD1 1 
ATOM   1150 N  N   . GLY B 1 51 ? -10.444 2.028   -7.015  1.00 15.54 ? 51  GLY B N   1 
ATOM   1151 C  CA  . GLY B 1 51 ? -11.862 1.878   -6.759  1.00 13.94 ? 51  GLY B CA  1 
ATOM   1152 C  C   . GLY B 1 51 ? -12.573 3.166   -6.411  1.00 14.43 ? 51  GLY B C   1 
ATOM   1153 O  O   . GLY B 1 51 ? -13.806 3.216   -6.418  1.00 16.20 ? 51  GLY B O   1 
ATOM   1154 N  N   . GLY B 1 52 ? -11.815 4.206   -6.084  1.00 12.49 ? 52  GLY B N   1 
ATOM   1155 C  CA  . GLY B 1 52 ? -12.469 5.463   -5.758  1.00 11.41 ? 52  GLY B CA  1 
ATOM   1156 C  C   . GLY B 1 52 ? -12.298 5.885   -4.318  1.00 11.49 ? 52  GLY B C   1 
ATOM   1157 O  O   . GLY B 1 52 ? -11.314 5.515   -3.671  1.00 11.42 ? 52  GLY B O   1 
ATOM   1158 N  N   . PHE B 1 53 ? -13.279 6.635   -3.818  1.00 10.32 ? 53  PHE B N   1 
ATOM   1159 C  CA  . PHE B 1 53 ? -13.250 7.193   -2.467  1.00 10.32 ? 53  PHE B CA  1 
ATOM   1160 C  C   . PHE B 1 53 ? -14.261 6.625   -1.477  1.00 12.15 ? 53  PHE B C   1 
ATOM   1161 O  O   . PHE B 1 53 ? -15.329 6.128   -1.869  1.00 11.75 ? 53  PHE B O   1 
ATOM   1162 C  CB  . PHE B 1 53 ? -13.489 8.708   -2.545  1.00 9.63  ? 53  PHE B CB  1 
ATOM   1163 C  CG  . PHE B 1 53 ? -12.356 9.470   -3.160  1.00 10.85 ? 53  PHE B CG  1 
ATOM   1164 C  CD1 . PHE B 1 53 ? -12.117 9.406   -4.522  1.00 10.31 ? 53  PHE B CD1 1 
ATOM   1165 C  CD2 . PHE B 1 53 ? -11.513 10.240  -2.368  1.00 9.28  ? 53  PHE B CD2 1 
ATOM   1166 C  CE1 . PHE B 1 53 ? -11.054 10.098  -5.083  1.00 12.15 ? 53  PHE B CE1 1 
ATOM   1167 C  CE2 . PHE B 1 53 ? -10.459 10.928  -2.922  1.00 9.92  ? 53  PHE B CE2 1 
ATOM   1168 C  CZ  . PHE B 1 53 ? -10.227 10.857  -4.281  1.00 11.99 ? 53  PHE B CZ  1 
ATOM   1169 N  N   . ILE B 1 54 ? -13.913 6.689   -0.194  1.00 9.93  ? 54  ILE B N   1 
ATOM   1170 C  CA  . ILE B 1 54 ? -14.824 6.269   0.881   1.00 9.88  ? 54  ILE B CA  1 
ATOM   1171 C  C   . ILE B 1 54 ? -14.798 7.391   1.953   1.00 11.32 ? 54  ILE B C   1 
ATOM   1172 O  O   . ILE B 1 54 ? -13.795 8.121   2.094   1.00 10.28 ? 54  ILE B O   1 
ATOM   1173 C  CB  . ILE B 1 54 ? -14.426 4.910   1.553   1.00 8.71  ? 54  ILE B CB  1 
ATOM   1174 C  CG1 . ILE B 1 54 ? -12.998 4.995   2.153   1.00 8.92  ? 54  ILE B CG1 1 
ATOM   1175 C  CG2 . ILE B 1 54 ? -14.587 3.780   0.539   1.00 9.11  ? 54  ILE B CG2 1 
ATOM   1176 C  CD1 . ILE B 1 54 ? -12.621 3.850   3.119   1.00 9.04  ? 54  ILE B CD1 1 
ATOM   1177 N  N   . LYS B 1 55 ? -15.912 7.576   2.663   1.00 10.81 ? 55  LYS B N   1 
ATOM   1178 C  CA  . LYS B 1 55 ? -15.956 8.593   3.718   1.00 10.31 ? 55  LYS B CA  1 
ATOM   1179 C  C   . LYS B 1 55 ? -15.514 7.907   5.007   1.00 9.03  ? 55  LYS B C   1 
ATOM   1180 O  O   . LYS B 1 55 ? -15.941 6.776   5.306   1.00 8.46  ? 55  LYS B O   1 
ATOM   1181 C  CB  . LYS B 1 55 ? -17.379 9.156   3.906   1.00 12.82 ? 55  LYS B CB  1 
ATOM   1182 C  CG  . LYS B 1 55 ? -17.429 10.374  4.834   1.00 15.84 ? 55  LYS B CG  1 
ATOM   1183 C  CD  . LYS B 1 55 ? -18.840 10.898  4.952   1.00 26.74 ? 55  LYS B CD  1 
ATOM   1184 C  CE  . LYS B 1 55 ? -19.754 9.814   5.550   1.00 33.29 ? 55  LYS B CE  1 
ATOM   1185 N  NZ  . LYS B 1 55 ? -21.165 10.269  5.826   1.00 39.88 ? 55  LYS B NZ  1 
ATOM   1186 N  N   . VAL B 1 56 ? -14.659 8.594   5.762   1.00 8.62  ? 56  VAL B N   1 
ATOM   1187 C  CA  . VAL B 1 56 ? -14.145 8.076   7.024   1.00 8.30  ? 56  VAL B CA  1 
ATOM   1188 C  C   . VAL B 1 56 ? -14.242 9.159   8.097   1.00 9.44  ? 56  VAL B C   1 
ATOM   1189 O  O   . VAL B 1 56 ? -14.459 10.331  7.787   1.00 10.34 ? 56  VAL B O   1 
ATOM   1190 C  CB  . VAL B 1 56 ? -12.631 7.617   6.902   1.00 8.04  ? 56  VAL B CB  1 
ATOM   1191 C  CG1 . VAL B 1 56 ? -12.484 6.486   5.885   1.00 8.04  ? 56  VAL B CG1 1 
ATOM   1192 C  CG2 . VAL B 1 56 ? -11.751 8.793   6.516   1.00 7.65  ? 56  VAL B CG2 1 
ATOM   1193 N  N   . ARG B 1 57 ? -14.110 8.753   9.364   1.00 9.37  ? 57  ARG B N   1 
ATOM   1194 C  CA  . ARG B 1 57 ? -14.107 9.691   10.486  1.00 11.09 ? 57  ARG B CA  1 
ATOM   1195 C  C   . ARG B 1 57 ? -12.638 9.829   10.915  1.00 10.51 ? 57  ARG B C   1 
ATOM   1196 O  O   . ARG B 1 57 ? -11.929 8.835   11.121  1.00 10.24 ? 57  ARG B O   1 
ATOM   1197 C  CB  . ARG B 1 57 ? -14.933 9.134   11.622  1.00 12.06 ? 57  ARG B CB  1 
ATOM   1198 C  CG  . ARG B 1 57 ? -16.337 8.798   11.180  1.00 15.31 ? 57  ARG B CG  1 
ATOM   1199 C  CD  . ARG B 1 57 ? -17.242 8.661   12.376  1.00 18.68 ? 57  ARG B CD  1 
ATOM   1200 N  NE  . ARG B 1 57 ? -16.726 7.682   13.319  1.00 15.96 ? 57  ARG B NE  1 
ATOM   1201 C  CZ  . ARG B 1 57 ? -16.847 6.375   13.172  1.00 19.54 ? 57  ARG B CZ  1 
ATOM   1202 N  NH1 . ARG B 1 57 ? -17.473 5.890   12.108  1.00 18.65 ? 57  ARG B NH1 1 
ATOM   1203 N  NH2 . ARG B 1 57 ? -16.352 5.564   14.102  1.00 21.62 ? 57  ARG B NH2 1 
ATOM   1204 N  N   . GLN B 1 58 ? -12.172 11.057  11.023  1.00 8.79  ? 58  GLN B N   1 
ATOM   1205 C  CA  . GLN B 1 58 ? -10.801 11.289  11.389  1.00 9.00  ? 58  GLN B CA  1 
ATOM   1206 C  C   . GLN B 1 58 ? -10.629 11.598  12.875  1.00 11.35 ? 58  GLN B C   1 
ATOM   1207 O  O   . GLN B 1 58 ? -11.185 12.587  13.375  1.00 10.54 ? 58  GLN B O   1 
ATOM   1208 C  CB  . GLN B 1 58 ? -10.258 12.442  10.564  1.00 6.88  ? 58  GLN B CB  1 
ATOM   1209 C  CG  . GLN B 1 58 ? -8.871  12.861  10.995  1.00 10.70 ? 58  GLN B CG  1 
ATOM   1210 C  CD  . GLN B 1 58 ? -8.415  14.140  10.329  1.00 15.98 ? 58  GLN B CD  1 
ATOM   1211 O  OE1 . GLN B 1 58 ? -8.799  14.413  9.199   1.00 18.04 ? 58  GLN B OE1 1 
ATOM   1212 N  NE2 . GLN B 1 58 ? -7.576  14.922  11.014  1.00 15.87 ? 58  GLN B NE2 1 
ATOM   1213 N  N   . TYR B 1 59 ? -9.863  10.756  13.576  1.00 10.66 ? 59  TYR B N   1 
ATOM   1214 C  CA  . TYR B 1 59 ? -9.576  10.978  15.006  1.00 11.80 ? 59  TYR B CA  1 
ATOM   1215 C  C   . TYR B 1 59 ? -8.095  11.320  15.141  1.00 12.72 ? 59  TYR B C   1 
ATOM   1216 O  O   . TYR B 1 59 ? -7.238  10.608  14.623  1.00 12.47 ? 59  TYR B O   1 
ATOM   1217 C  CB  . TYR B 1 59 ? -9.825  9.729   15.861  1.00 9.13  ? 59  TYR B CB  1 
ATOM   1218 C  CG  . TYR B 1 59 ? -11.261 9.290   15.933  1.00 14.37 ? 59  TYR B CG  1 
ATOM   1219 C  CD1 . TYR B 1 59 ? -11.814 8.521   14.906  1.00 14.34 ? 59  TYR B CD1 1 
ATOM   1220 C  CD2 . TYR B 1 59 ? -12.058 9.599   17.049  1.00 13.61 ? 59  TYR B CD2 1 
ATOM   1221 C  CE1 . TYR B 1 59 ? -13.112 8.045   14.977  1.00 15.14 ? 59  TYR B CE1 1 
ATOM   1222 C  CE2 . TYR B 1 59 ? -13.373 9.134   17.130  1.00 17.49 ? 59  TYR B CE2 1 
ATOM   1223 C  CZ  . TYR B 1 59 ? -13.892 8.346   16.087  1.00 19.57 ? 59  TYR B CZ  1 
ATOM   1224 O  OH  . TYR B 1 59 ? -15.165 7.797   16.149  1.00 19.73 ? 59  TYR B OH  1 
ATOM   1225 N  N   . ASP B 1 60 ? -7.792  12.389  15.869  1.00 13.52 ? 60  ASP B N   1 
ATOM   1226 C  CA  . ASP B 1 60 ? -6.410  12.768  16.062  1.00 13.15 ? 60  ASP B CA  1 
ATOM   1227 C  C   . ASP B 1 60 ? -5.857  12.266  17.408  1.00 15.98 ? 60  ASP B C   1 
ATOM   1228 O  O   . ASP B 1 60 ? -6.618  11.921  18.339  1.00 14.66 ? 60  ASP B O   1 
ATOM   1229 C  CB  . ASP B 1 60 ? -6.264  14.288  15.979  1.00 14.54 ? 60  ASP B CB  1 
ATOM   1230 C  CG  . ASP B 1 60 ? -6.565  14.829  14.596  1.00 18.87 ? 60  ASP B CG  1 
ATOM   1231 O  OD1 . ASP B 1 60 ? -6.330  14.107  13.599  1.00 18.05 ? 60  ASP B OD1 1 
ATOM   1232 O  OD2 . ASP B 1 60 ? -7.029  15.992  14.506  1.00 25.17 ? 60  ASP B OD2 1 
ATOM   1233 N  N   . GLN B 1 61 ? -4.525  12.218  17.486  1.00 14.68 ? 61  GLN B N   1 
ATOM   1234 C  CA  . GLN B 1 61 ? -3.824  11.804  18.676  1.00 16.60 ? 61  GLN B CA  1 
ATOM   1235 C  C   . GLN B 1 61 ? -4.345  10.512  19.273  1.00 17.44 ? 61  GLN B C   1 
ATOM   1236 O  O   . GLN B 1 61 ? -4.694  10.476  20.453  1.00 20.75 ? 61  GLN B O   1 
ATOM   1237 C  CB  . GLN B 1 61 ? -3.916  12.893  19.727  1.00 19.63 ? 61  GLN B CB  1 
ATOM   1238 C  CG  . GLN B 1 61 ? -3.261  14.161  19.311  1.00 31.90 ? 61  GLN B CG  1 
ATOM   1239 C  CD  . GLN B 1 61 ? -3.362  15.207  20.399  1.00 41.19 ? 61  GLN B CD  1 
ATOM   1240 O  OE1 . GLN B 1 61 ? -4.350  15.964  20.494  1.00 45.78 ? 61  GLN B OE1 1 
ATOM   1241 N  NE2 . GLN B 1 61 ? -2.344  15.243  21.257  1.00 46.57 ? 61  GLN B NE2 1 
ATOM   1242 N  N   . ILE B 1 62 ? -4.379  9.445   18.486  1.00 14.41 ? 62  ILE B N   1 
ATOM   1243 C  CA  . ILE B 1 62 ? -4.843  8.143   18.963  1.00 12.47 ? 62  ILE B CA  1 
ATOM   1244 C  C   . ILE B 1 62 ? -3.567  7.334   19.145  1.00 13.42 ? 62  ILE B C   1 
ATOM   1245 O  O   . ILE B 1 62 ? -2.629  7.458   18.351  1.00 13.04 ? 62  ILE B O   1 
ATOM   1246 C  CB  . ILE B 1 62 ? -5.765  7.459   17.901  1.00 11.23 ? 62  ILE B CB  1 
ATOM   1247 C  CG1 . ILE B 1 62 ? -7.080  8.243   17.776  1.00 10.50 ? 62  ILE B CG1 1 
ATOM   1248 C  CG2 . ILE B 1 62 ? -5.974  5.991   18.246  1.00 11.66 ? 62  ILE B CG2 1 
ATOM   1249 C  CD1 . ILE B 1 62 ? -7.849  8.379   19.104  1.00 14.20 ? 62  ILE B CD1 1 
ATOM   1250 N  N   . LEU B 1 63 ? -3.519  6.529   20.193  1.00 13.36 ? 63  LEU B N   1 
ATOM   1251 C  CA  . LEU B 1 63 ? -2.341  5.720   20.435  1.00 15.90 ? 63  LEU B CA  1 
ATOM   1252 C  C   . LEU B 1 63 ? -2.584  4.307   19.958  1.00 17.49 ? 63  LEU B C   1 
ATOM   1253 O  O   . LEU B 1 63 ? -3.671  3.772   20.157  1.00 20.14 ? 63  LEU B O   1 
ATOM   1254 C  CB  . LEU B 1 63 ? -1.997  5.696   21.930  1.00 20.75 ? 63  LEU B CB  1 
ATOM   1255 C  CG  . LEU B 1 63 ? -0.879  4.717   22.372  1.00 25.77 ? 63  LEU B CG  1 
ATOM   1256 C  CD1 . LEU B 1 63 ? 0.447   5.016   21.627  1.00 26.05 ? 63  LEU B CD1 1 
ATOM   1257 C  CD2 . LEU B 1 63 ? -0.691  4.835   23.895  1.00 28.01 ? 63  LEU B CD2 1 
ATOM   1258 N  N   . ILE B 1 64 ? -1.578  3.714   19.316  1.00 17.36 ? 64  ILE B N   1 
ATOM   1259 C  CA  . ILE B 1 64 ? -1.645  2.330   18.850  1.00 18.14 ? 64  ILE B CA  1 
ATOM   1260 C  C   . ILE B 1 64 ? -0.285  1.660   19.117  1.00 20.50 ? 64  ILE B C   1 
ATOM   1261 O  O   . ILE B 1 64 ? 0.771   2.325   19.111  1.00 22.66 ? 64  ILE B O   1 
ATOM   1262 C  CB  . ILE B 1 64 ? -1.904  2.227   17.320  1.00 19.84 ? 64  ILE B CB  1 
ATOM   1263 C  CG1 . ILE B 1 64 ? -3.213  2.895   16.961  1.00 21.29 ? 64  ILE B CG1 1 
ATOM   1264 C  CG2 . ILE B 1 64 ? -2.023  0.751   16.879  1.00 21.79 ? 64  ILE B CG2 1 
ATOM   1265 C  CD1 . ILE B 1 64 ? -3.580  2.611   15.489  1.00 25.26 ? 64  ILE B CD1 1 
ATOM   1266 N  N   . GLU B 1 65 ? -0.311  0.360   19.395  1.00 17.74 ? 65  GLU B N   1 
ATOM   1267 C  CA  . GLU B 1 65 ? 0.928   -0.383  19.551  1.00 19.30 ? 65  GLU B CA  1 
ATOM   1268 C  C   . GLU B 1 65 ? 1.002   -1.259  18.309  1.00 17.26 ? 65  GLU B C   1 
ATOM   1269 O  O   . GLU B 1 65 ? 0.031   -1.939  17.992  1.00 16.30 ? 65  GLU B O   1 
ATOM   1270 C  CB  . GLU B 1 65 ? 0.873   -1.285  20.758  1.00 23.32 ? 65  GLU B CB  1 
ATOM   1271 C  CG  . GLU B 1 65 ? 1.325   -0.625  21.994  1.00 35.07 ? 65  GLU B CG  1 
ATOM   1272 C  CD  . GLU B 1 65 ? 1.360   -1.612  23.124  1.00 43.97 ? 65  GLU B CD  1 
ATOM   1273 O  OE1 . GLU B 1 65 ? 1.990   -2.682  22.925  1.00 47.15 ? 65  GLU B OE1 1 
ATOM   1274 O  OE2 . GLU B 1 65 ? 0.757   -1.327  24.193  1.00 50.19 ? 65  GLU B OE2 1 
ATOM   1275 N  N   . ILE B 1 66 ? 2.120   -1.207  17.595  1.00 15.31 ? 66  ILE B N   1 
ATOM   1276 C  CA  . ILE B 1 66 ? 2.299   -2.023  16.393  1.00 16.61 ? 66  ILE B CA  1 
ATOM   1277 C  C   . ILE B 1 66 ? 3.468   -2.960  16.689  1.00 17.85 ? 66  ILE B C   1 
ATOM   1278 O  O   . ILE B 1 66 ? 4.629   -2.532  16.811  1.00 17.48 ? 66  ILE B O   1 
ATOM   1279 C  CB  . ILE B 1 66 ? 2.650   -1.162  15.161  1.00 16.04 ? 66  ILE B CB  1 
ATOM   1280 C  CG1 . ILE B 1 66 ? 1.553   -0.132  14.921  1.00 14.41 ? 66  ILE B CG1 1 
ATOM   1281 C  CG2 . ILE B 1 66 ? 2.841   -2.057  13.918  1.00 15.69 ? 66  ILE B CG2 1 
ATOM   1282 C  CD1 . ILE B 1 66 ? 2.055   1.109   14.242  1.00 14.78 ? 66  ILE B CD1 1 
ATOM   1283 N  N   . CYS B 1 67 ? 3.165   -4.243  16.817  1.00 21.33 ? 67  CYS B N   1 
ATOM   1284 C  CA  . CYS B 1 67 ? 4.214   -5.202  17.139  1.00 24.65 ? 67  CYS B CA  1 
ATOM   1285 C  C   . CYS B 1 67 ? 4.998   -4.721  18.342  1.00 25.16 ? 67  CYS B C   1 
ATOM   1286 O  O   . CYS B 1 67 ? 6.227   -4.778  18.349  1.00 28.15 ? 67  CYS B O   1 
ATOM   1287 C  CB  . CYS B 1 67 ? 5.192   -5.376  15.983  1.00 29.23 ? 67  CYS B CB  1 
ATOM   1288 S  SG  . CYS B 1 67 ? 4.524   -6.288  14.572  1.00 36.51 ? 67  CYS B SG  1 
ATOM   1289 N  N   . GLY B 1 68 ? 4.296   -4.210  19.341  1.00 25.54 ? 68  GLY B N   1 
ATOM   1290 C  CA  . GLY B 1 68 ? 4.982   -3.766  20.538  1.00 25.57 ? 68  GLY B CA  1 
ATOM   1291 C  C   . GLY B 1 68 ? 5.571   -2.377  20.548  1.00 26.08 ? 68  GLY B C   1 
ATOM   1292 O  O   . GLY B 1 68 ? 6.012   -1.921  21.594  1.00 27.65 ? 68  GLY B O   1 
ATOM   1293 N  N   . HIS B 1 69 ? 5.610   -1.707  19.405  1.00 23.35 ? 69  HIS B N   1 
ATOM   1294 C  CA  . HIS B 1 69 ? 6.147   -0.345  19.373  1.00 22.84 ? 69  HIS B CA  1 
ATOM   1295 C  C   . HIS B 1 69 ? 4.989   0.663   19.428  1.00 21.53 ? 69  HIS B C   1 
ATOM   1296 O  O   . HIS B 1 69 ? 4.043   0.591   18.624  1.00 19.35 ? 69  HIS B O   1 
ATOM   1297 C  CB  . HIS B 1 69 ? 6.948   -0.100  18.099  1.00 23.95 ? 69  HIS B CB  1 
ATOM   1298 C  CG  . HIS B 1 69 ? 8.087   -1.056  17.887  1.00 27.27 ? 69  HIS B CG  1 
ATOM   1299 N  ND1 . HIS B 1 69 ? 9.361   -0.632  17.568  1.00 28.21 ? 69  HIS B ND1 1 
ATOM   1300 C  CD2 . HIS B 1 69 ? 8.126   -2.408  17.872  1.00 27.57 ? 69  HIS B CD2 1 
ATOM   1301 C  CE1 . HIS B 1 69 ? 10.134  -1.681  17.363  1.00 28.35 ? 69  HIS B CE1 1 
ATOM   1302 N  NE2 . HIS B 1 69 ? 9.409   -2.771  17.541  1.00 28.89 ? 69  HIS B NE2 1 
ATOM   1303 N  N   . LYS B 1 70 ? 5.046   1.592   20.378  1.00 21.69 ? 70  LYS B N   1 
ATOM   1304 C  CA  . LYS B 1 70 ? 3.979   2.584   20.483  1.00 22.20 ? 70  LYS B CA  1 
ATOM   1305 C  C   . LYS B 1 70 ? 4.099   3.643   19.394  1.00 21.57 ? 70  LYS B C   1 
ATOM   1306 O  O   . LYS B 1 70 ? 5.201   4.000   18.970  1.00 20.48 ? 70  LYS B O   1 
ATOM   1307 C  CB  . LYS B 1 70 ? 3.987   3.253   21.851  1.00 25.93 ? 70  LYS B CB  1 
ATOM   1308 C  CG  . LYS B 1 70 ? 3.597   2.309   22.991  1.00 32.08 ? 70  LYS B CG  1 
ATOM   1309 C  CD  . LYS B 1 70 ? 3.546   3.048   24.326  1.00 35.11 ? 70  LYS B CD  1 
ATOM   1310 C  CE  . LYS B 1 70 ? 3.285   2.121   25.497  1.00 38.00 ? 70  LYS B CE  1 
ATOM   1311 N  NZ  . LYS B 1 70 ? 3.440   2.860   26.787  1.00 43.01 ? 70  LYS B NZ  1 
ATOM   1312 N  N   . ALA B 1 71 ? 2.955   4.122   18.918  1.00 18.65 ? 71  ALA B N   1 
ATOM   1313 C  CA  . ALA B 1 71 ? 2.924   5.147   17.881  1.00 17.92 ? 71  ALA B CA  1 
ATOM   1314 C  C   . ALA B 1 71 ? 1.656   5.968   18.125  1.00 17.71 ? 71  ALA B C   1 
ATOM   1315 O  O   . ALA B 1 71 ? 0.599   5.414   18.427  1.00 17.76 ? 71  ALA B O   1 
ATOM   1316 C  CB  . ALA B 1 71 ? 2.888   4.500   16.486  1.00 17.47 ? 71  ALA B CB  1 
ATOM   1317 N  N   . ILE B 1 72 ? 1.771   7.285   18.023  1.00 15.39 ? 72  ILE B N   1 
ATOM   1318 C  CA  . ILE B 1 72 ? 0.627   8.156   18.235  1.00 14.86 ? 72  ILE B CA  1 
ATOM   1319 C  C   . ILE B 1 72 ? 0.420   8.905   16.948  1.00 12.26 ? 72  ILE B C   1 
ATOM   1320 O  O   . ILE B 1 72 ? 1.390   9.257   16.294  1.00 12.32 ? 72  ILE B O   1 
ATOM   1321 C  CB  . ILE B 1 72 ? 0.901   9.174   19.366  1.00 18.22 ? 72  ILE B CB  1 
ATOM   1322 C  CG1 . ILE B 1 72 ? 1.177   8.416   20.660  1.00 24.56 ? 72  ILE B CG1 1 
ATOM   1323 C  CG2 . ILE B 1 72 ? -0.299  10.090  19.571  1.00 19.20 ? 72  ILE B CG2 1 
ATOM   1324 C  CD1 . ILE B 1 72 ? 1.748   9.293   21.754  1.00 31.42 ? 72  ILE B CD1 1 
ATOM   1325 N  N   . GLY B 1 73 ? -0.833  9.146   16.584  1.00 10.38 ? 73  GLY B N   1 
ATOM   1326 C  CA  . GLY B 1 73 ? -1.103  9.882   15.372  1.00 9.94  ? 73  GLY B CA  1 
ATOM   1327 C  C   . GLY B 1 73 ? -2.573  9.851   15.026  1.00 12.28 ? 73  GLY B C   1 
ATOM   1328 O  O   . GLY B 1 73 ? -3.385  9.408   15.824  1.00 10.66 ? 73  GLY B O   1 
ATOM   1329 N  N   . THR B 1 74 ? -2.904  10.323  13.828  1.00 11.89 ? 74  THR B N   1 
ATOM   1330 C  CA  . THR B 1 74 ? -4.272  10.350  13.335  1.00 11.07 ? 74  THR B CA  1 
ATOM   1331 C  C   . THR B 1 74 ? -4.661  8.955   12.864  1.00 12.47 ? 74  THR B C   1 
ATOM   1332 O  O   . THR B 1 74 ? -3.857  8.251   12.231  1.00 10.73 ? 74  THR B O   1 
ATOM   1333 C  CB  . THR B 1 74 ? -4.381  11.333  12.142  1.00 12.76 ? 74  THR B CB  1 
ATOM   1334 O  OG1 . THR B 1 74 ? -4.167  12.652  12.639  1.00 14.44 ? 74  THR B OG1 1 
ATOM   1335 C  CG2 . THR B 1 74 ? -5.752  11.243  11.439  1.00 9.56  ? 74  THR B CG2 1 
ATOM   1336 N  N   . VAL B 1 75 ? -5.901  8.571   13.177  1.00 11.61 ? 75  VAL B N   1 
ATOM   1337 C  CA  . VAL B 1 75 ? -6.418  7.277   12.771  1.00 10.83 ? 75  VAL B CA  1 
ATOM   1338 C  C   . VAL B 1 75 ? -7.778  7.562   12.135  1.00 10.26 ? 75  VAL B C   1 
ATOM   1339 O  O   . VAL B 1 75 ? -8.627  8.242   12.719  1.00 10.90 ? 75  VAL B O   1 
ATOM   1340 C  CB  . VAL B 1 75 ? -6.568  6.288   14.000  1.00 9.44  ? 75  VAL B CB  1 
ATOM   1341 C  CG1 . VAL B 1 75 ? -7.349  5.033   13.596  1.00 10.49 ? 75  VAL B CG1 1 
ATOM   1342 C  CG2 . VAL B 1 75 ? -5.175  5.892   14.535  1.00 10.04 ? 75  VAL B CG2 1 
ATOM   1343 N  N   . LEU B 1 76 ? -7.945  7.086   10.912  1.00 7.90  ? 76  LEU B N   1 
ATOM   1344 C  CA  . LEU B 1 76 ? -9.191  7.242   10.190  1.00 8.09  ? 76  LEU B CA  1 
ATOM   1345 C  C   . LEU B 1 76 ? -9.964  5.947   10.395  1.00 9.79  ? 76  LEU B C   1 
ATOM   1346 O  O   . LEU B 1 76 ? -9.370  4.854   10.405  1.00 12.07 ? 76  LEU B O   1 
ATOM   1347 C  CB  . LEU B 1 76 ? -8.927  7.456   8.684   1.00 8.09  ? 76  LEU B CB  1 
ATOM   1348 C  CG  . LEU B 1 76 ? -7.899  8.558   8.349   1.00 7.00  ? 76  LEU B CG  1 
ATOM   1349 C  CD1 . LEU B 1 76 ? -7.792  8.671   6.846   1.00 6.29  ? 76  LEU B CD1 1 
ATOM   1350 C  CD2 . LEU B 1 76 ? -8.325  9.898   8.927   1.00 6.64  ? 76  LEU B CD2 1 
ATOM   1351 N  N   . VAL B 1 77 ? -11.282 6.061   10.551  1.00 8.86  ? 77  VAL B N   1 
ATOM   1352 C  CA  . VAL B 1 77 ? -12.150 4.893   10.744  1.00 8.75  ? 77  VAL B CA  1 
ATOM   1353 C  C   . VAL B 1 77 ? -13.252 4.876   9.664   1.00 8.46  ? 77  VAL B C   1 
ATOM   1354 O  O   . VAL B 1 77 ? -13.942 5.872   9.439   1.00 7.25  ? 77  VAL B O   1 
ATOM   1355 C  CB  . VAL B 1 77 ? -12.789 4.935   12.157  1.00 10.33 ? 77  VAL B CB  1 
ATOM   1356 C  CG1 . VAL B 1 77 ? -13.747 3.759   12.355  1.00 9.32  ? 77  VAL B CG1 1 
ATOM   1357 C  CG2 . VAL B 1 77 ? -11.661 4.924   13.201  1.00 11.03 ? 77  VAL B CG2 1 
ATOM   1358 N  N   . GLY B 1 78 ? -13.408 3.740   8.987   1.00 9.02  ? 78  GLY B N   1 
ATOM   1359 C  CA  . GLY B 1 78 ? -14.407 3.688   7.940   1.00 10.63 ? 78  GLY B CA  1 
ATOM   1360 C  C   . GLY B 1 78 ? -14.518 2.334   7.278   1.00 9.68  ? 78  GLY B C   1 
ATOM   1361 O  O   . GLY B 1 78 ? -13.917 1.359   7.747   1.00 9.93  ? 78  GLY B O   1 
ATOM   1362 N  N   . PRO B 1 79 ? -15.252 2.255   6.151   1.00 9.41  ? 79  PRO B N   1 
ATOM   1363 C  CA  . PRO B 1 79 ? -15.430 0.979   5.457   1.00 10.96 ? 79  PRO B CA  1 
ATOM   1364 C  C   . PRO B 1 79 ? -14.248 0.465   4.631   1.00 13.98 ? 79  PRO B C   1 
ATOM   1365 O  O   . PRO B 1 79 ? -14.381 0.174   3.433   1.00 14.76 ? 79  PRO B O   1 
ATOM   1366 C  CB  . PRO B 1 79 ? -16.693 1.228   4.634   1.00 11.75 ? 79  PRO B CB  1 
ATOM   1367 C  CG  . PRO B 1 79 ? -16.558 2.649   4.258   1.00 11.20 ? 79  PRO B CG  1 
ATOM   1368 C  CD  . PRO B 1 79 ? -16.075 3.311   5.532   1.00 11.05 ? 79  PRO B CD  1 
ATOM   1369 N  N   . THR B 1 80 ? -13.090 0.356   5.265   1.00 13.03 ? 80  THR B N   1 
ATOM   1370 C  CA  . THR B 1 80 ? -11.924 -0.166  4.566   1.00 15.16 ? 80  THR B CA  1 
ATOM   1371 C  C   . THR B 1 80 ? -12.063 -1.688  4.645   1.00 17.26 ? 80  THR B C   1 
ATOM   1372 O  O   . THR B 1 80 ? -12.592 -2.214  5.634   1.00 17.10 ? 80  THR B O   1 
ATOM   1373 C  CB  . THR B 1 80 ? -10.603 0.270   5.234   1.00 14.28 ? 80  THR B CB  1 
ATOM   1374 O  OG1 . THR B 1 80 ? -9.507  -0.414  4.606   1.00 13.50 ? 80  THR B OG1 1 
ATOM   1375 C  CG2 . THR B 1 80 ? -10.617 -0.067  6.721   1.00 12.56 ? 80  THR B CG2 1 
ATOM   1376 N  N   . PRO B 1 81 ? -11.609 -2.418  3.604   1.00 18.44 ? 81  PRO B N   1 
ATOM   1377 C  CA  . PRO B 1 81 ? -11.735 -3.877  3.647   1.00 18.87 ? 81  PRO B CA  1 
ATOM   1378 C  C   . PRO B 1 81 ? -10.841 -4.584  4.675   1.00 18.79 ? 81  PRO B C   1 
ATOM   1379 O  O   . PRO B 1 81 ? -11.127 -5.708  5.063   1.00 18.38 ? 81  PRO B O   1 
ATOM   1380 C  CB  . PRO B 1 81 ? -11.433 -4.273  2.203   1.00 19.48 ? 81  PRO B CB  1 
ATOM   1381 C  CG  . PRO B 1 81 ? -10.460 -3.220  1.775   1.00 19.49 ? 81  PRO B CG  1 
ATOM   1382 C  CD  . PRO B 1 81 ? -11.072 -1.974  2.298   1.00 15.96 ? 81  PRO B CD  1 
ATOM   1383 N  N   . VAL B 1 82 ? -9.764  -3.920  5.111   1.00 17.23 ? 82  VAL B N   1 
ATOM   1384 C  CA  . VAL B 1 82 ? -8.827  -4.465  6.098   1.00 16.82 ? 82  VAL B CA  1 
ATOM   1385 C  C   . VAL B 1 82 ? -8.196  -3.293  6.865   1.00 15.11 ? 82  VAL B C   1 
ATOM   1386 O  O   . VAL B 1 82 ? -8.119  -2.184  6.337   1.00 14.63 ? 82  VAL B O   1 
ATOM   1387 C  CB  . VAL B 1 82 ? -7.677  -5.311  5.409   1.00 20.63 ? 82  VAL B CB  1 
ATOM   1388 C  CG1 . VAL B 1 82 ? -6.881  -4.466  4.460   1.00 20.54 ? 82  VAL B CG1 1 
ATOM   1389 C  CG2 . VAL B 1 82 ? -6.745  -5.902  6.464   1.00 23.47 ? 82  VAL B CG2 1 
ATOM   1390 N  N   . ASN B 1 83 ? -7.782  -3.513  8.108   1.00 12.36 ? 83  ASN B N   1 
ATOM   1391 C  CA  . ASN B 1 83 ? -7.139  -2.445  8.870   1.00 11.83 ? 83  ASN B CA  1 
ATOM   1392 C  C   . ASN B 1 83 ? -5.827  -2.157  8.164   1.00 13.18 ? 83  ASN B C   1 
ATOM   1393 O  O   . ASN B 1 83 ? -5.081  -3.077  7.823   1.00 12.66 ? 83  ASN B O   1 
ATOM   1394 C  CB  . ASN B 1 83 ? -6.856  -2.871  10.311  1.00 11.82 ? 83  ASN B CB  1 
ATOM   1395 C  CG  . ASN B 1 83 ? -8.128  -3.135  11.094  1.00 15.75 ? 83  ASN B CG  1 
ATOM   1396 O  OD1 . ASN B 1 83 ? -9.097  -2.389  10.979  1.00 15.20 ? 83  ASN B OD1 1 
ATOM   1397 N  ND2 . ASN B 1 83 ? -8.129  -4.197  11.897  1.00 15.02 ? 83  ASN B ND2 1 
ATOM   1398 N  N   . ILE B 1 84 ? -5.532  -0.881  7.985   1.00 10.74 ? 84  ILE B N   1 
ATOM   1399 C  CA  . ILE B 1 84 ? -4.328  -0.456  7.288   1.00 10.41 ? 84  ILE B CA  1 
ATOM   1400 C  C   . ILE B 1 84 ? -3.476  0.461   8.159   1.00 8.17  ? 84  ILE B C   1 
ATOM   1401 O  O   . ILE B 1 84 ? -3.986  1.441   8.708   1.00 10.45 ? 84  ILE B O   1 
ATOM   1402 C  CB  . ILE B 1 84 ? -4.735  0.341   6.005   1.00 11.93 ? 84  ILE B CB  1 
ATOM   1403 C  CG1 . ILE B 1 84 ? -5.319  -0.614  4.967   1.00 13.79 ? 84  ILE B CG1 1 
ATOM   1404 C  CG2 . ILE B 1 84 ? -3.543  1.138   5.447   1.00 14.80 ? 84  ILE B CG2 1 
ATOM   1405 C  CD1 . ILE B 1 84 ? -6.140  0.129   3.919   1.00 15.66 ? 84  ILE B CD1 1 
ATOM   1406 N  N   . ILE B 1 85 ? -2.192  0.139   8.311   1.00 7.69  ? 85  ILE B N   1 
ATOM   1407 C  CA  . ILE B 1 85 ? -1.305  1.025   9.055   1.00 7.89  ? 85  ILE B CA  1 
ATOM   1408 C  C   . ILE B 1 85 ? -0.567  1.810   7.947   1.00 8.40  ? 85  ILE B C   1 
ATOM   1409 O  O   . ILE B 1 85 ? 0.184   1.222   7.160   1.00 6.49  ? 85  ILE B O   1 
ATOM   1410 C  CB  . ILE B 1 85 ? -0.276  0.253   9.908   1.00 10.10 ? 85  ILE B CB  1 
ATOM   1411 C  CG1 . ILE B 1 85 ? -1.004  -0.685  10.883  1.00 10.15 ? 85  ILE B CG1 1 
ATOM   1412 C  CG2 . ILE B 1 85 ? 0.623   1.243   10.649  1.00 7.86  ? 85  ILE B CG2 1 
ATOM   1413 C  CD1 . ILE B 1 85 ? -2.051  -0.007  11.753  1.00 10.43 ? 85  ILE B CD1 1 
ATOM   1414 N  N   . GLY B 1 86 ? -0.794  3.124   7.889   1.00 6.13  ? 86  GLY B N   1 
ATOM   1415 C  CA  . GLY B 1 86 ? -0.170  3.944   6.857   1.00 7.14  ? 86  GLY B CA  1 
ATOM   1416 C  C   . GLY B 1 86 ? 1.110   4.633   7.310   1.00 7.24  ? 86  GLY B C   1 
ATOM   1417 O  O   . GLY B 1 86 ? 1.534   4.502   8.470   1.00 8.29  ? 86  GLY B O   1 
ATOM   1418 N  N   . ARG B 1 87 ? 1.718   5.394   6.413   1.00 8.21  ? 87  ARG B N   1 
ATOM   1419 C  CA  . ARG B 1 87 ? 2.983   6.059   6.708   1.00 5.95  ? 87  ARG B CA  1 
ATOM   1420 C  C   . ARG B 1 87 ? 2.976   6.968   7.928   1.00 9.00  ? 87  ARG B C   1 
ATOM   1421 O  O   . ARG B 1 87 ? 4.006   7.111   8.573   1.00 9.67  ? 87  ARG B O   1 
ATOM   1422 C  CB  . ARG B 1 87 ? 3.444   6.859   5.488   1.00 5.70  ? 87  ARG B CB  1 
ATOM   1423 C  CG  . ARG B 1 87 ? 3.694   6.019   4.224   1.00 4.55  ? 87  ARG B CG  1 
ATOM   1424 C  CD  . ARG B 1 87 ? 4.289   6.885   3.086   1.00 6.05  ? 87  ARG B CD  1 
ATOM   1425 N  NE  . ARG B 1 87 ? 3.356   7.947   2.660   1.00 8.92  ? 87  ARG B NE  1 
ATOM   1426 C  CZ  . ARG B 1 87 ? 3.417   9.231   3.025   1.00 12.11 ? 87  ARG B CZ  1 
ATOM   1427 N  NH1 . ARG B 1 87 ? 4.385   9.679   3.825   1.00 10.24 ? 87  ARG B NH1 1 
ATOM   1428 N  NH2 . ARG B 1 87 ? 2.468   10.074  2.638   1.00 9.57  ? 87  ARG B NH2 1 
ATOM   1429 N  N   . ASN B 1 88 ? 1.842   7.592   8.266   1.00 7.91  ? 88  ASN B N   1 
ATOM   1430 C  CA  . ASN B 1 88 ? 1.820   8.498   9.426   1.00 7.20  ? 88  ASN B CA  1 
ATOM   1431 C  C   . ASN B 1 88 ? 2.224   7.782   10.722  1.00 9.01  ? 88  ASN B C   1 
ATOM   1432 O  O   . ASN B 1 88 ? 2.764   8.423   11.618  1.00 10.05 ? 88  ASN B O   1 
ATOM   1433 C  CB  . ASN B 1 88 ? 0.444   9.204   9.584   1.00 6.81  ? 88  ASN B CB  1 
ATOM   1434 C  CG  . ASN B 1 88 ? -0.644  8.295   10.183  1.00 9.10  ? 88  ASN B CG  1 
ATOM   1435 O  OD1 . ASN B 1 88 ? -0.914  7.194   9.687   1.00 9.04  ? 88  ASN B OD1 1 
ATOM   1436 N  ND2 . ASN B 1 88 ? -1.271  8.766   11.251  1.00 8.90  ? 88  ASN B ND2 1 
ATOM   1437 N  N   . LEU B 1 89 ? 1.959   6.473   10.828  1.00 7.16  ? 89  LEU B N   1 
ATOM   1438 C  CA  . LEU B 1 89 ? 2.345   5.694   12.014  1.00 7.78  ? 89  LEU B CA  1 
ATOM   1439 C  C   . LEU B 1 89 ? 3.571   4.814   11.718  1.00 8.94  ? 89  LEU B C   1 
ATOM   1440 O  O   . LEU B 1 89 ? 4.346   4.529   12.622  1.00 8.78  ? 89  LEU B O   1 
ATOM   1441 C  CB  . LEU B 1 89 ? 1.175   4.839   12.518  1.00 7.00  ? 89  LEU B CB  1 
ATOM   1442 C  CG  . LEU B 1 89 ? -0.049  5.650   12.989  1.00 10.94 ? 89  LEU B CG  1 
ATOM   1443 C  CD1 . LEU B 1 89 ? -1.102  4.685   13.498  1.00 11.89 ? 89  LEU B CD1 1 
ATOM   1444 C  CD2 . LEU B 1 89 ? 0.327   6.628   14.093  1.00 9.16  ? 89  LEU B CD2 1 
ATOM   1445 N  N   . LEU B 1 90 ? 3.773   4.385   10.466  1.00 6.94  ? 90  LEU B N   1 
ATOM   1446 C  CA  . LEU B 1 90 ? 4.979   3.592   10.157  1.00 7.15  ? 90  LEU B CA  1 
ATOM   1447 C  C   . LEU B 1 90 ? 6.274   4.374   10.465  1.00 8.19  ? 90  LEU B C   1 
ATOM   1448 O  O   . LEU B 1 90 ? 7.247   3.806   10.930  1.00 9.71  ? 90  LEU B O   1 
ATOM   1449 C  CB  . LEU B 1 90 ? 4.987   3.132   8.679   1.00 7.73  ? 90  LEU B CB  1 
ATOM   1450 C  CG  . LEU B 1 90 ? 3.867   2.140   8.319   1.00 7.46  ? 90  LEU B CG  1 
ATOM   1451 C  CD1 . LEU B 1 90 ? 3.869   1.853   6.829   1.00 7.83  ? 90  LEU B CD1 1 
ATOM   1452 C  CD2 . LEU B 1 90 ? 4.030   0.856   9.110   1.00 7.87  ? 90  LEU B CD2 1 
ATOM   1453 N  N   . THR B 1 91 ? 6.280   5.677   10.213  1.00 7.70  ? 91  THR B N   1 
ATOM   1454 C  CA  . THR B 1 91 ? 7.452   6.512   10.502  1.00 7.97  ? 91  THR B CA  1 
ATOM   1455 C  C   . THR B 1 91 ? 7.775   6.498   12.003  1.00 9.59  ? 91  THR B C   1 
ATOM   1456 O  O   . THR B 1 91 ? 8.949   6.498   12.412  1.00 11.05 ? 91  THR B O   1 
ATOM   1457 C  CB  . THR B 1 91 ? 7.205   8.011   10.131  1.00 8.17  ? 91  THR B CB  1 
ATOM   1458 O  OG1 . THR B 1 91 ? 6.026   8.494   10.807  1.00 7.36  ? 91  THR B OG1 1 
ATOM   1459 C  CG2 . THR B 1 91 ? 7.035   8.175   8.639   1.00 8.24  ? 91  THR B CG2 1 
ATOM   1460 N  N   . GLN B 1 92 ? 6.720   6.508   12.819  1.00 7.89  ? 92  GLN B N   1 
ATOM   1461 C  CA  . GLN B 1 92 ? 6.882   6.572   14.260  1.00 8.38  ? 92  GLN B CA  1 
ATOM   1462 C  C   . GLN B 1 92 ? 7.556   5.354   14.839  1.00 8.96  ? 92  GLN B C   1 
ATOM   1463 O  O   . GLN B 1 92 ? 8.135   5.449   15.892  1.00 9.31  ? 92  GLN B O   1 
ATOM   1464 C  CB  . GLN B 1 92 ? 5.527   6.809   14.961  1.00 8.51  ? 92  GLN B CB  1 
ATOM   1465 C  CG  . GLN B 1 92 ? 4.828   8.110   14.532  1.00 9.10  ? 92  GLN B CG  1 
ATOM   1466 C  CD  . GLN B 1 92 ? 5.660   9.336   14.817  1.00 10.49 ? 92  GLN B CD  1 
ATOM   1467 O  OE1 . GLN B 1 92 ? 5.768   9.763   15.960  1.00 9.31  ? 92  GLN B OE1 1 
ATOM   1468 N  NE2 . GLN B 1 92 ? 6.268   9.904   13.777  1.00 9.45  ? 92  GLN B NE2 1 
ATOM   1469 N  N   . ILE B 1 93 ? 7.467   4.208   14.181  1.00 9.71  ? 93  ILE B N   1 
ATOM   1470 C  CA  . ILE B 1 93 ? 8.109   3.012   14.706  1.00 8.43  ? 93  ILE B CA  1 
ATOM   1471 C  C   . ILE B 1 93 ? 9.421   2.758   13.975  1.00 10.53 ? 93  ILE B C   1 
ATOM   1472 O  O   . ILE B 1 93 ? 10.057  1.734   14.165  1.00 12.72 ? 93  ILE B O   1 
ATOM   1473 C  CB  . ILE B 1 93 ? 7.181   1.775   14.619  1.00 8.32  ? 93  ILE B CB  1 
ATOM   1474 C  CG1 . ILE B 1 93 ? 6.906   1.371   13.167  1.00 7.96  ? 93  ILE B CG1 1 
ATOM   1475 C  CG2 . ILE B 1 93 ? 5.855   2.074   15.341  1.00 9.85  ? 93  ILE B CG2 1 
ATOM   1476 C  CD1 . ILE B 1 93 ? 6.017   0.085   13.068  1.00 8.73  ? 93  ILE B CD1 1 
ATOM   1477 N  N   . GLY B 1 94 ? 9.834   3.725   13.154  1.00 11.38 ? 94  GLY B N   1 
ATOM   1478 C  CA  . GLY B 1 94 ? 11.095  3.638   12.431  1.00 11.95 ? 94  GLY B CA  1 
ATOM   1479 C  C   . GLY B 1 94 ? 11.093  2.653   11.290  1.00 12.27 ? 94  GLY B C   1 
ATOM   1480 O  O   . GLY B 1 94 ? 12.135  2.076   10.959  1.00 12.56 ? 94  GLY B O   1 
ATOM   1481 N  N   . CYS B 1 95 ? 9.922   2.469   10.675  1.00 10.47 ? 95  CYS B N   1 
ATOM   1482 C  CA  . CYS B 1 95 ? 9.793   1.514   9.582   1.00 11.59 ? 95  CYS B CA  1 
ATOM   1483 C  C   . CYS B 1 95 ? 10.360  2.020   8.259   1.00 10.90 ? 95  CYS B C   1 
ATOM   1484 O  O   . CYS B 1 95 ? 10.048  3.120   7.829   1.00 13.24 ? 95  CYS B O   1 
ATOM   1485 C  CB  . CYS B 1 95 ? 8.322   1.121   9.414   1.00 12.49 ? 95  CYS B CB  1 
ATOM   1486 S  SG  . CYS B 1 95 ? 8.062   -0.258  8.286   1.00 14.10 ? 95  CYS B SG  1 
ATOM   1487 N  N   . THR B 1 96 ? 11.202  1.211   7.622   1.00 10.79 ? 96  THR B N   1 
ATOM   1488 C  CA  . THR B 1 96 ? 11.791  1.571   6.336   1.00 10.91 ? 96  THR B CA  1 
ATOM   1489 C  C   . THR B 1 96 ? 11.656  0.417   5.313   1.00 10.46 ? 96  THR B C   1 
ATOM   1490 O  O   . THR B 1 96 ? 11.419  -0.757  5.684   1.00 10.79 ? 96  THR B O   1 
ATOM   1491 C  CB  . THR B 1 96 ? 13.324  1.909   6.458   1.00 12.02 ? 96  THR B CB  1 
ATOM   1492 O  OG1 . THR B 1 96 ? 14.030  0.761   6.949   1.00 12.02 ? 96  THR B OG1 1 
ATOM   1493 C  CG2 . THR B 1 96 ? 13.553  3.080   7.396   1.00 11.16 ? 96  THR B CG2 1 
ATOM   1494 N  N   . LEU B 1 97 ? 11.792  0.778   4.032   1.00 7.81  ? 97  LEU B N   1 
ATOM   1495 C  CA  . LEU B 1 97 ? 11.777  -0.194  2.950   1.00 9.29  ? 97  LEU B CA  1 
ATOM   1496 C  C   . LEU B 1 97 ? 13.253  -0.324  2.633   1.00 10.90 ? 97  LEU B C   1 
ATOM   1497 O  O   . LEU B 1 97 ? 13.959  0.696   2.602   1.00 11.03 ? 97  LEU B O   1 
ATOM   1498 C  CB  . LEU B 1 97 ? 11.069  0.364   1.713   1.00 10.97 ? 97  LEU B CB  1 
ATOM   1499 C  CG  . LEU B 1 97 ? 9.551   0.374   1.757   1.00 10.29 ? 97  LEU B CG  1 
ATOM   1500 C  CD1 . LEU B 1 97 ? 9.033   1.345   0.719   1.00 12.98 ? 97  LEU B CD1 1 
ATOM   1501 C  CD2 . LEU B 1 97 ? 9.037   -1.051  1.506   1.00 13.76 ? 97  LEU B CD2 1 
ATOM   1502 N  N   . ASN B 1 98 ? 13.723  -1.551  2.410   1.00 11.49 ? 98  ASN B N   1 
ATOM   1503 C  CA  . ASN B 1 98 ? 15.129  -1.757  2.091   1.00 11.57 ? 98  ASN B CA  1 
ATOM   1504 C  C   . ASN B 1 98 ? 15.303  -2.770  0.983   1.00 13.18 ? 98  ASN B C   1 
ATOM   1505 O  O   . ASN B 1 98 ? 14.620  -3.784  0.981   1.00 12.63 ? 98  ASN B O   1 
ATOM   1506 C  CB  . ASN B 1 98 ? 15.882  -2.287  3.302   1.00 12.68 ? 98  ASN B CB  1 
ATOM   1507 C  CG  . ASN B 1 98 ? 15.789  -1.372  4.501   1.00 15.06 ? 98  ASN B CG  1 
ATOM   1508 O  OD1 . ASN B 1 98 ? 14.788  -1.377  5.230   1.00 15.72 ? 98  ASN B OD1 1 
ATOM   1509 N  ND2 . ASN B 1 98 ? 16.829  -0.571  4.711   1.00 14.41 ? 98  ASN B ND2 1 
ATOM   1510 N  N   . PHE B 1 99 ? 16.204  -2.485  0.048   1.00 14.03 ? 99  PHE B N   1 
ATOM   1511 C  CA  . PHE B 1 99 ? 16.547  -3.415  -1.039  1.00 17.38 ? 99  PHE B CA  1 
ATOM   1512 C  C   . PHE B 1 99 ? 17.936  -3.068  -1.633  1.00 20.68 ? 99  PHE B C   1 
ATOM   1513 O  O   . PHE B 1 99 ? 18.544  -2.073  -1.153  1.00 20.56 ? 99  PHE B O   1 
ATOM   1514 C  CB  . PHE B 1 99 ? 15.466  -3.455  -2.145  1.00 16.39 ? 99  PHE B CB  1 
ATOM   1515 C  CG  . PHE B 1 99 ? 15.221  -2.134  -2.854  1.00 17.43 ? 99  PHE B CG  1 
ATOM   1516 C  CD1 . PHE B 1 99 ? 15.804  -1.875  -4.097  1.00 19.44 ? 99  PHE B CD1 1 
ATOM   1517 C  CD2 . PHE B 1 99 ? 14.370  -1.177  -2.311  1.00 13.63 ? 99  PHE B CD2 1 
ATOM   1518 C  CE1 . PHE B 1 99 ? 15.528  -0.683  -4.773  1.00 19.72 ? 99  PHE B CE1 1 
ATOM   1519 C  CE2 . PHE B 1 99 ? 14.099  -0.004  -2.975  1.00 14.59 ? 99  PHE B CE2 1 
ATOM   1520 C  CZ  . PHE B 1 99 ? 14.669  0.249   -4.201  1.00 18.80 ? 99  PHE B CZ  1 
ATOM   1521 O  OXT . PHE B 1 99 ? 18.412  -3.798  -2.543  1.00 20.43 ? 99  PHE B OXT 1 
ATOM   1522 N  N   . TYR C 2 1  ? -9.272  -12.337 -3.070  1.00 33.30 ? 59  TYR I N   1 
ATOM   1523 C  CA  . TYR C 2 1  ? -9.170  -11.520 -4.336  1.00 32.26 ? 59  TYR I CA  1 
ATOM   1524 C  C   . TYR C 2 1  ? -7.827  -10.782 -4.337  1.00 29.44 ? 59  TYR I C   1 
ATOM   1525 O  O   . TYR C 2 1  ? -7.147  -10.754 -3.300  1.00 29.64 ? 59  TYR I O   1 
ATOM   1526 C  CB  . TYR C 2 1  ? -10.329 -10.510 -4.419  1.00 35.10 ? 59  TYR I CB  1 
ATOM   1527 C  CG  . TYR C 2 1  ? -10.309 -9.484  -3.297  1.00 39.87 ? 59  TYR I CG  1 
ATOM   1528 C  CD1 . TYR C 2 1  ? -9.398  -8.421  -3.314  1.00 40.08 ? 59  TYR I CD1 1 
ATOM   1529 C  CD2 . TYR C 2 1  ? -11.140 -9.622  -2.178  1.00 40.94 ? 59  TYR I CD2 1 
ATOM   1530 C  CE1 . TYR C 2 1  ? -9.302  -7.528  -2.249  1.00 40.68 ? 59  TYR I CE1 1 
ATOM   1531 C  CE2 . TYR C 2 1  ? -11.046 -8.721  -1.093  1.00 42.84 ? 59  TYR I CE2 1 
ATOM   1532 C  CZ  . TYR C 2 1  ? -10.118 -7.679  -1.144  1.00 42.21 ? 59  TYR I CZ  1 
ATOM   1533 O  OH  . TYR C 2 1  ? -9.990  -6.790  -0.096  1.00 42.12 ? 59  TYR I OH  1 
ATOM   1534 N  N   . ASP C 2 2  ? -7.446  -10.215 -5.491  1.00 22.02 ? 60  ASP I N   1 
ATOM   1535 C  CA  . ASP C 2 2  ? -6.180  -9.468  -5.639  1.00 21.07 ? 60  ASP I CA  1 
ATOM   1536 C  C   . ASP C 2 2  ? -6.464  -8.110  -4.962  1.00 18.68 ? 60  ASP I C   1 
ATOM   1537 O  O   . ASP C 2 2  ? -7.282  -7.309  -5.433  1.00 17.48 ? 60  ASP I O   1 
ATOM   1538 C  CB  . ASP C 2 2  ? -5.858  -9.298  -7.136  1.00 25.87 ? 60  ASP I CB  1 
ATOM   1539 C  CG  . ASP C 2 2  ? -4.377  -8.929  -7.426  1.00 31.63 ? 60  ASP I CG  1 
ATOM   1540 O  OD1 . ASP C 2 2  ? -3.704  -8.258  -6.603  1.00 34.51 ? 60  ASP I OD1 1 
ATOM   1541 O  OD2 . ASP C 2 2  ? -3.900  -9.287  -8.529  1.00 32.10 ? 60  ASP I OD2 1 
ATOM   1542 N  N   . GLN C 2 3  ? -5.785  -7.868  -3.850  1.00 13.65 ? 61  GLN I N   1 
ATOM   1543 C  CA  . GLN C 2 3  ? -5.983  -6.660  -3.057  1.00 12.54 ? 61  GLN I CA  1 
ATOM   1544 C  C   . GLN C 2 3  ? -4.920  -5.554  -3.294  1.00 13.13 ? 61  GLN I C   1 
ATOM   1545 O  O   . GLN C 2 3  ? -3.714  -5.758  -3.089  1.00 13.36 ? 61  GLN I O   1 
ATOM   1546 C  CB  . GLN C 2 3  ? -6.034  -7.102  -1.589  1.00 14.90 ? 61  GLN I CB  1 
ATOM   1547 C  CG  . GLN C 2 3  ? -6.002  -6.026  -0.546  1.00 19.56 ? 61  GLN I CG  1 
ATOM   1548 C  CD  . GLN C 2 3  ? -6.286  -6.620  0.825   1.00 24.89 ? 61  GLN I CD  1 
ATOM   1549 O  OE1 . GLN C 2 3  ? -7.453  -6.767  1.220   1.00 26.12 ? 61  GLN I OE1 1 
ATOM   1550 N  NE2 . GLN C 2 3  ? -5.221  -6.997  1.549   1.00 17.87 ? 61  GLN I NE2 1 
ATOM   1551 N  N   . ILE C 2 4  ? -5.371  -4.383  -3.719  1.00 10.34 ? 62  ILE I N   1 
ATOM   1552 C  CA  . ILE C 2 4  ? -4.456  -3.298  -3.991  1.00 10.31 ? 62  ILE I CA  1 
ATOM   1553 C  C   . ILE C 2 4  ? -4.795  -2.141  -3.061  1.00 12.98 ? 62  ILE I C   1 
ATOM   1554 O  O   . ILE C 2 4  ? -5.667  -1.297  -3.365  1.00 12.64 ? 62  ILE I O   1 
ATOM   1555 C  CB  . ILE C 2 4  ? -4.564  -2.830  -5.471  1.00 10.03 ? 62  ILE I CB  1 
ATOM   1556 C  CG1 . ILE C 2 4  ? -4.479  -4.030  -6.425  1.00 11.14 ? 62  ILE I CG1 1 
ATOM   1557 C  CG2 . ILE C 2 4  ? -3.454  -1.842  -5.788  1.00 11.01 ? 62  ILE I CG2 1 
ATOM   1558 C  CD1 . ILE C 2 4  ? -3.241  -4.862  -6.281  1.00 11.65 ? 62  ILE I CD1 1 
ATOM   1559 N  N   . LEU C 2 5  ? -4.096  -2.099  -1.924  1.00 10.93 ? 63  LEU I N   1 
ATOM   1560 C  CA  . LEU C 2 5  ? -4.279  -1.043  -0.904  1.00 11.08 ? 63  LEU I CA  1 
ATOM   1561 C  C   . LEU C 2 5  ? -3.010  -0.201  -0.715  1.00 13.00 ? 63  LEU I C   1 
ATOM   1562 O  O   . LEU C 2 5  ? -3.082  0.818   0.007   1.00 13.41 ? 63  LEU I O   1 
ATOM   1563 C  CB  . LEU C 2 5  ? -4.666  -1.671  0.441   1.00 10.85 ? 63  LEU I CB  1 
ATOM   1564 C  CG  . LEU C 2 5  ? -6.003  -2.363  0.408   1.00 12.24 ? 63  LEU I CG  1 
ATOM   1565 C  CD1 . LEU C 2 5  ? -6.094  -3.350  1.538   1.00 14.56 ? 63  LEU I CD1 1 
ATOM   1566 C  CD2 . LEU C 2 5  ? -7.096  -1.287  0.480   1.00 14.99 ? 63  LEU I CD2 1 
ATOM   1567 O  OXT . LEU C 2 5  ? -1.955  -0.567  -1.285  1.00 16.16 ? 63  LEU I OXT 1 
HETATM 1568 CL CL  . CL  D 3 .  ? 13.775  8.344   10.539  1.00 16.62 ? 601 CL  A CL  1 
HETATM 1569 CL CL  . CL  E 3 .  ? 4.706   -11.483 -11.220 1.00 15.67 ? 602 CL  A CL  1 
HETATM 1570 C  C1  . BME F 4 .  ? 14.596  5.682   -7.819  0.50 21.38 ? 401 BME A C1  1 
HETATM 1571 C  C2  . BME F 4 .  ? 15.392  5.772   -6.526  0.50 24.48 ? 401 BME A C2  1 
HETATM 1572 O  O1  . BME F 4 .  ? 14.352  6.976   -8.343  0.50 19.99 ? 401 BME A O1  1 
HETATM 1573 S  S2  . BME F 4 .  ? 15.344  4.265   -5.499  0.50 28.90 ? 401 BME A S2  1 
HETATM 1574 C  C1  . BME G 4 .  ? 16.989  4.337   -13.063 1.00 36.15 ? 403 BME A C1  1 
HETATM 1575 C  C2  . BME G 4 .  ? 15.543  3.947   -12.943 1.00 36.91 ? 403 BME A C2  1 
HETATM 1576 O  O1  . BME G 4 .  ? 17.216  5.570   -12.426 1.00 37.84 ? 403 BME A O1  1 
HETATM 1577 S  S2  . BME G 4 .  ? 15.254  2.240   -13.410 1.00 41.56 ? 403 BME A S2  1 
HETATM 1578 S  S   . DMS H 5 .  ? -9.839  -1.708  -18.857 1.00 40.31 ? 501 DMS A S   1 
HETATM 1579 O  O   . DMS H 5 .  ? -9.188  -1.727  -20.220 1.00 35.40 ? 501 DMS A O   1 
HETATM 1580 C  C1  . DMS H 5 .  ? -10.035 -3.403  -18.401 1.00 35.81 ? 501 DMS A C1  1 
HETATM 1581 C  C2  . DMS H 5 .  ? -8.551  -1.190  -17.728 1.00 34.94 ? 501 DMS A C2  1 
HETATM 1582 CL CL  . CL  I 3 .  ? -0.566  11.815  12.086  1.00 18.34 ? 603 CL  B CL  1 
HETATM 1583 C  C1  . BME J 4 .  ? 6.181   -9.100  13.971  1.00 49.09 ? 402 BME B C1  1 
HETATM 1584 C  C2  . BME J 4 .  ? 5.369   -9.148  15.272  1.00 45.98 ? 402 BME B C2  1 
HETATM 1585 O  O1  . BME J 4 .  ? 5.785   -10.115 13.057  1.00 53.75 ? 402 BME B O1  1 
HETATM 1586 S  S2  . BME J 4 .  ? 3.884   -8.079  15.338  1.00 44.12 ? 402 BME B S2  1 
HETATM 1587 O  O   . HOH K 6 .  ? -9.817  -14.155 -25.805 1.00 10.22 ? 603 HOH A O   1 
HETATM 1588 O  O   . HOH K 6 .  ? 4.991   9.212   -14.322 1.00 12.34 ? 604 HOH A O   1 
HETATM 1589 O  O   . HOH K 6 .  ? -2.585  -6.605  0.014   1.00 7.07  ? 605 HOH A O   1 
HETATM 1590 O  O   . HOH K 6 .  ? 0.180   -6.693  0.612   1.00 9.15  ? 606 HOH A O   1 
HETATM 1591 O  O   . HOH K 6 .  ? 4.374   -12.693 -15.345 1.00 12.04 ? 607 HOH A O   1 
HETATM 1592 O  O   . HOH K 6 .  ? 9.074   -13.466 -15.423 1.00 11.86 ? 608 HOH A O   1 
HETATM 1593 O  O   . HOH K 6 .  ? 6.777   -12.142 -9.199  1.00 13.75 ? 609 HOH A O   1 
HETATM 1594 O  O   . HOH K 6 .  ? -10.119 -11.901 -11.668 1.00 15.41 ? 610 HOH A O   1 
HETATM 1595 O  O   . HOH K 6 .  ? 1.696   4.121   -16.631 1.00 15.06 ? 611 HOH A O   1 
HETATM 1596 O  O   . HOH K 6 .  ? 9.727   7.763   0.958   1.00 14.96 ? 612 HOH A O   1 
HETATM 1597 O  O   . HOH K 6 .  ? 0.848   -7.303  -11.139 1.00 16.71 ? 613 HOH A O   1 
HETATM 1598 O  O   . HOH K 6 .  ? 8.283   -6.070  -21.756 1.00 19.35 ? 614 HOH A O   1 
HETATM 1599 O  O   . HOH K 6 .  ? 12.660  -0.664  -20.675 1.00 23.46 ? 615 HOH A O   1 
HETATM 1600 O  O   . HOH K 6 .  ? -9.605  3.377   -9.480  1.00 18.77 ? 616 HOH A O   1 
HETATM 1601 O  O   . HOH K 6 .  ? 9.528   -2.910  -20.849 1.00 17.19 ? 617 HOH A O   1 
HETATM 1602 O  O   . HOH K 6 .  ? 19.078  -5.903  -11.672 1.00 22.67 ? 618 HOH A O   1 
HETATM 1603 O  O   . HOH K 6 .  ? -7.497  -15.132 -23.829 1.00 22.21 ? 619 HOH A O   1 
HETATM 1604 O  O   . HOH K 6 .  ? 10.707  -9.700  0.392   1.00 16.47 ? 620 HOH A O   1 
HETATM 1605 O  O   . HOH K 6 .  ? 1.465   -11.175 -5.037  1.00 24.11 ? 621 HOH A O   1 
HETATM 1606 O  O   . HOH K 6 .  ? -14.169 -1.396  -13.547 1.00 16.85 ? 622 HOH A O   1 
HETATM 1607 O  O   . HOH K 6 .  ? 16.078  -6.264  2.107   1.00 23.00 ? 623 HOH A O   1 
HETATM 1608 O  O   . HOH K 6 .  ? 14.271  5.095   -24.013 1.00 21.29 ? 624 HOH A O   1 
HETATM 1609 O  O   . HOH K 6 .  ? -0.777  -5.325  -26.710 1.00 27.82 ? 625 HOH A O   1 
HETATM 1610 O  O   . HOH K 6 .  ? 3.190   -6.693  -29.375 1.00 24.35 ? 626 HOH A O   1 
HETATM 1611 O  O   . HOH K 6 .  ? 16.541  -7.828  -9.403  1.00 32.94 ? 627 HOH A O   1 
HETATM 1612 O  O   . HOH K 6 .  ? 2.954   7.421   -15.846 1.00 16.54 ? 628 HOH A O   1 
HETATM 1613 O  O   . HOH K 6 .  ? -5.273  5.223   -16.513 1.00 19.07 ? 629 HOH A O   1 
HETATM 1614 O  O   . HOH K 6 .  ? 0.492   -13.178 -1.541  1.00 24.16 ? 630 HOH A O   1 
HETATM 1615 O  O   . HOH K 6 .  ? -2.730  -3.971  -25.540 1.00 26.34 ? 631 HOH A O   1 
HETATM 1616 O  O   . HOH K 6 .  ? -4.159  10.963  -8.348  1.00 27.86 ? 632 HOH A O   1 
HETATM 1617 O  O   . HOH K 6 .  ? 11.122  10.096  3.662   1.00 9.06  ? 633 HOH A O   1 
HETATM 1618 O  O   . HOH K 6 .  ? 4.786   12.985  0.163   1.00 12.24 ? 634 HOH A O   1 
HETATM 1619 O  O   . HOH K 6 .  ? 1.546   -9.278  -22.802 1.00 24.04 ? 635 HOH A O   1 
HETATM 1620 O  O   . HOH K 6 .  ? -17.206 -2.692  -5.905  1.00 22.45 ? 636 HOH A O   1 
HETATM 1621 O  O   . HOH K 6 .  ? 11.428  8.757   -20.879 1.00 21.72 ? 637 HOH A O   1 
HETATM 1622 O  O   . HOH K 6 .  ? 19.992  4.524   1.138   1.00 26.63 ? 638 HOH A O   1 
HETATM 1623 O  O   . HOH K 6 .  ? 2.544   7.812   -10.392 1.00 23.06 ? 639 HOH A O   1 
HETATM 1624 O  O   . HOH K 6 .  ? 5.073   -10.094 -22.743 1.00 30.06 ? 640 HOH A O   1 
HETATM 1625 O  O   . HOH K 6 .  ? -1.649  7.379   -18.642 1.00 30.36 ? 641 HOH A O   1 
HETATM 1626 O  O   . HOH K 6 .  ? -16.174 3.988   -3.905  1.00 32.54 ? 642 HOH A O   1 
HETATM 1627 O  O   . HOH K 6 .  ? 6.194   -13.018 -6.140  1.00 27.58 ? 643 HOH A O   1 
HETATM 1628 O  O   . HOH K 6 .  ? -4.585  -5.402  -27.027 1.00 25.57 ? 644 HOH A O   1 
HETATM 1629 O  O   . HOH K 6 .  ? 13.239  -2.849  16.607  1.00 31.88 ? 645 HOH A O   1 
HETATM 1630 O  O   . HOH K 6 .  ? 1.121   -12.450 -25.735 1.00 26.28 ? 646 HOH A O   1 
HETATM 1631 O  O   . HOH K 6 .  ? 14.655  7.932   2.177   1.00 31.68 ? 647 HOH A O   1 
HETATM 1632 O  O   . HOH K 6 .  ? 15.813  -5.436  10.335  1.00 28.94 ? 648 HOH A O   1 
HETATM 1633 O  O   . HOH K 6 .  ? 14.712  10.646  6.865   1.00 38.31 ? 649 HOH A O   1 
HETATM 1634 O  O   . HOH K 6 .  ? -11.807 4.081   -10.612 1.00 21.15 ? 650 HOH A O   1 
HETATM 1635 O  O   . HOH K 6 .  ? -5.276  -13.431 -23.412 1.00 28.93 ? 651 HOH A O   1 
HETATM 1636 O  O   . HOH K 6 .  ? 7.664   11.614  -2.411  1.00 27.61 ? 652 HOH A O   1 
HETATM 1637 O  O   . HOH K 6 .  ? -14.389 -0.296  0.534   1.00 31.93 ? 653 HOH A O   1 
HETATM 1638 O  O   . HOH K 6 .  ? -7.252  2.029   -18.605 1.00 29.75 ? 654 HOH A O   1 
HETATM 1639 O  O   . HOH K 6 .  ? 12.649  0.847   14.444  1.00 31.56 ? 655 HOH A O   1 
HETATM 1640 O  O   . HOH K 6 .  ? 1.304   9.791   -12.368 1.00 31.04 ? 656 HOH A O   1 
HETATM 1641 O  O   . HOH K 6 .  ? -3.185  3.115   -24.234 1.00 35.43 ? 657 HOH A O   1 
HETATM 1642 O  O   . HOH K 6 .  ? -0.714  -11.964 -20.924 1.00 32.01 ? 658 HOH A O   1 
HETATM 1643 O  O   . HOH K 6 .  ? 20.501  0.072   -5.660  1.00 37.42 ? 659 HOH A O   1 
HETATM 1644 O  O   . HOH K 6 .  ? -11.803 -0.511  -15.168 1.00 34.80 ? 660 HOH A O   1 
HETATM 1645 O  O   . HOH K 6 .  ? -9.339  -10.328 -7.576  1.00 33.09 ? 661 HOH A O   1 
HETATM 1646 O  O   . HOH K 6 .  ? 19.166  0.341   -18.026 1.00 33.08 ? 662 HOH A O   1 
HETATM 1647 O  O   . HOH K 6 .  ? -1.190  -15.362 -15.911 1.00 33.61 ? 663 HOH A O   1 
HETATM 1648 O  O   . HOH K 6 .  ? 17.794  -6.559  -7.542  1.00 35.39 ? 664 HOH A O   1 
HETATM 1649 O  O   . HOH K 6 .  ? 7.832   -3.685  -22.256 1.00 30.98 ? 665 HOH A O   1 
HETATM 1650 O  O   . HOH K 6 .  ? 2.970   -10.917 -22.070 1.00 22.86 ? 666 HOH A O   1 
HETATM 1651 O  O   . HOH K 6 .  ? -10.682 -2.475  -22.257 1.00 29.53 ? 667 HOH A O   1 
HETATM 1652 O  O   . HOH K 6 .  ? 2.037   10.843  -5.549  1.00 35.54 ? 668 HOH A O   1 
HETATM 1653 O  O   . HOH K 6 .  ? -5.724  1.243   -24.374 1.00 49.22 ? 669 HOH A O   1 
HETATM 1654 O  O   . HOH K 6 .  ? -13.083 -4.147  -21.009 1.00 37.51 ? 670 HOH A O   1 
HETATM 1655 O  O   . HOH K 6 .  ? 18.914  2.711   -15.110 1.00 38.62 ? 671 HOH A O   1 
HETATM 1656 O  O   . HOH K 6 .  ? -6.366  -13.351 -14.295 1.00 35.04 ? 672 HOH A O   1 
HETATM 1657 O  O   . HOH K 6 .  ? 0.985   7.643   -17.462 1.00 50.79 ? 673 HOH A O   1 
HETATM 1658 O  O   . HOH K 6 .  ? -11.500 -15.692 -26.327 1.00 26.38 ? 674 HOH A O   1 
HETATM 1659 O  O   . HOH K 6 .  ? 2.422   4.171   -23.756 1.00 20.67 ? 675 HOH A O   1 
HETATM 1660 O  O   . HOH K 6 .  ? 1.716   -12.330 -28.343 1.00 29.93 ? 676 HOH A O   1 
HETATM 1661 O  O   . HOH K 6 .  ? 13.728  -6.043  -17.022 1.00 34.39 ? 677 HOH A O   1 
HETATM 1662 O  O   . HOH K 6 .  ? -3.088  3.765   -3.765  1.00 17.36 ? 678 HOH A O   1 
HETATM 1663 O  O   . HOH K 6 .  ? -0.578  8.275   -3.782  1.00 32.49 ? 679 HOH A O   1 
HETATM 1664 O  O   . HOH L 6 .  ? -18.267 5.545   1.784   1.00 9.18  ? 604 HOH B O   1 
HETATM 1665 O  O   . HOH L 6 .  ? -0.543  -13.355 1.614   1.00 7.14  ? 605 HOH B O   1 
HETATM 1666 O  O   . HOH L 6 .  ? -8.727  -7.911  13.446  1.00 14.49 ? 606 HOH B O   1 
HETATM 1667 O  O   . HOH L 6 .  ? 4.606   8.478   18.008  1.00 12.58 ? 607 HOH B O   1 
HETATM 1668 O  O   . HOH L 6 .  ? 2.362   6.537   0.437   1.00 10.20 ? 608 HOH B O   1 
HETATM 1669 O  O   . HOH L 6 .  ? 10.216  5.917   8.102   1.00 8.91  ? 609 HOH B O   1 
HETATM 1670 O  O   . HOH L 6 .  ? -6.656  9.915   -0.198  1.00 12.82 ? 610 HOH B O   1 
HETATM 1671 O  O   . HOH L 6 .  ? 11.048  6.469   10.590  1.00 10.91 ? 611 HOH B O   1 
HETATM 1672 O  O   . HOH L 6 .  ? -16.095 -1.766  8.471   1.00 12.84 ? 612 HOH B O   1 
HETATM 1673 O  O   . HOH L 6 .  ? -2.886  13.249  15.303  1.00 16.47 ? 613 HOH B O   1 
HETATM 1674 O  O   . HOH L 6 .  ? 4.935   -10.375 5.058   1.00 20.37 ? 614 HOH B O   1 
HETATM 1675 O  O   . HOH L 6 .  ? -6.021  6.591   22.053  1.00 20.13 ? 615 HOH B O   1 
HETATM 1676 O  O   . HOH L 6 .  ? 18.004  -5.908  -3.755  1.00 22.53 ? 616 HOH B O   1 
HETATM 1677 O  O   . HOH L 6 .  ? 20.993  -2.777  -3.212  1.00 41.91 ? 617 HOH B O   1 
HETATM 1678 O  O   . HOH L 6 .  ? 7.713   -15.923 3.962   1.00 10.54 ? 618 HOH B O   1 
HETATM 1679 O  O   . HOH L 6 .  ? 4.849   -14.539 6.220   1.00 18.38 ? 619 HOH B O   1 
HETATM 1680 O  O   . HOH L 6 .  ? -18.549 5.687   4.752   1.00 29.95 ? 620 HOH B O   1 
HETATM 1681 O  O   . HOH L 6 .  ? -10.649 -5.490  13.313  1.00 25.98 ? 621 HOH B O   1 
HETATM 1682 O  O   . HOH L 6 .  ? -8.683  15.846  3.336   1.00 30.74 ? 622 HOH B O   1 
HETATM 1683 O  O   . HOH L 6 .  ? 14.567  0.466   9.810   1.00 23.76 ? 623 HOH B O   1 
HETATM 1684 O  O   . HOH L 6 .  ? -11.083 -1.863  13.318  1.00 26.55 ? 624 HOH B O   1 
HETATM 1685 O  O   . HOH L 6 .  ? 0.365   -12.782 5.711   1.00 20.73 ? 625 HOH B O   1 
HETATM 1686 O  O   . HOH L 6 .  ? -16.004 7.251   -5.461  1.00 28.06 ? 626 HOH B O   1 
HETATM 1687 O  O   . HOH L 6 .  ? -4.268  8.369   9.621   1.00 30.53 ? 627 HOH B O   1 
HETATM 1688 O  O   . HOH L 6 .  ? 7.128   1.598   22.666  1.00 30.77 ? 628 HOH B O   1 
HETATM 1689 O  O   . HOH L 6 .  ? 3.285   12.624  4.229   1.00 30.48 ? 629 HOH B O   1 
HETATM 1690 O  O   . HOH L 6 .  ? -6.031  3.481   21.965  1.00 28.84 ? 630 HOH B O   1 
HETATM 1691 O  O   . HOH L 6 .  ? 8.614   -11.887 7.710   1.00 32.42 ? 631 HOH B O   1 
HETATM 1692 O  O   . HOH L 6 .  ? 4.537   -11.887 7.150   1.00 31.69 ? 632 HOH B O   1 
HETATM 1693 O  O   . HOH L 6 .  ? -7.829  11.485  21.503  1.00 36.35 ? 633 HOH B O   1 
HETATM 1694 O  O   . HOH L 6 .  ? -7.848  -6.700  9.026   1.00 33.70 ? 634 HOH B O   1 
HETATM 1695 O  O   . HOH L 6 .  ? -10.364 15.237  14.034  1.00 31.48 ? 635 HOH B O   1 
HETATM 1696 O  O   . HOH L 6 .  ? -0.993  13.388  17.039  1.00 26.82 ? 636 HOH B O   1 
HETATM 1697 O  O   . HOH L 6 .  ? -14.073 17.963  7.642   1.00 33.92 ? 637 HOH B O   1 
HETATM 1698 O  O   . HOH L 6 .  ? 1.337   10.965  6.050   1.00 35.01 ? 638 HOH B O   1 
HETATM 1699 O  O   . HOH L 6 .  ? -16.332 -3.944  9.965   1.00 36.25 ? 639 HOH B O   1 
HETATM 1700 O  O   . HOH L 6 .  ? 14.978  -6.713  12.813  1.00 35.23 ? 640 HOH B O   1 
HETATM 1701 O  O   . HOH L 6 .  ? 12.065  -12.002 7.102   1.00 38.57 ? 641 HOH B O   1 
HETATM 1702 O  O   . HOH L 6 .  ? 0.904   -5.236  19.678  1.00 20.30 ? 642 HOH B O   1 
HETATM 1703 O  O   . HOH L 6 .  ? -18.441 2.241   7.708   1.00 28.04 ? 643 HOH B O   1 
HETATM 1704 O  O   . HOH L 6 .  ? -15.535 9.499   20.533  1.00 34.13 ? 644 HOH B O   1 
HETATM 1705 O  O   . HOH L 6 .  ? 12.365  -10.974 11.719  1.00 35.39 ? 645 HOH B O   1 
HETATM 1706 O  O   . HOH L 6 .  ? -16.664 8.765   18.415  1.00 35.78 ? 646 HOH B O   1 
HETATM 1707 O  O   . HOH L 6 .  ? -7.107  14.984  7.223   1.00 36.98 ? 647 HOH B O   1 
HETATM 1708 O  O   . HOH L 6 .  ? -9.553  13.748  17.781  1.00 47.68 ? 648 HOH B O   1 
HETATM 1709 O  O   . HOH L 6 .  ? 19.500  -1.062  2.859   1.00 39.78 ? 649 HOH B O   1 
HETATM 1710 O  O   . HOH L 6 .  ? -8.476  12.914  19.628  1.00 20.48 ? 650 HOH B O   1 
HETATM 1711 O  O   . HOH L 6 .  ? 2.691   -14.615 -2.226  1.00 31.50 ? 651 HOH B O   1 
HETATM 1712 O  O   . HOH L 6 .  ? -8.041  -11.758 0.115   1.00 27.49 ? 652 HOH B O   1 
HETATM 1713 O  O   . HOH L 6 .  ? 0.075   7.155   -0.897  1.00 22.78 ? 653 HOH B O   1 
HETATM 1714 O  O   . HOH L 6 .  ? -4.822  6.967   3.138   1.00 26.78 ? 654 HOH B O   1 
HETATM 1715 O  O   . HOH L 6 .  ? -5.575  4.988   1.022   1.00 29.08 ? 655 HOH B O   1 
HETATM 1716 O  O   . HOH L 6 .  ? -3.261  6.916   0.677   1.00 29.21 ? 656 HOH B O   1 
HETATM 1717 O  O   . HOH L 6 .  ? -10.213 14.681  20.796  1.00 33.00 ? 657 HOH B O   1 
HETATM 1718 O  O   . HOH L 6 .  ? -4.844  10.248  1.979   1.00 34.94 ? 658 HOH B O   1 
HETATM 1719 O  O   . HOH M 6 .  ? -6.796  1.157   -2.684  1.00 11.15 ? 1   HOH I O   1 
HETATM 1720 O  O   . HOH M 6 .  ? -5.297  -8.922  4.171   1.00 9.70  ? 16  HOH I O   1 
HETATM 1721 O  O   . HOH M 6 .  ? -5.558  2.315   -0.454  1.00 19.27 ? 56  HOH I O   1 
# 
loop_
_pdbx_poly_seq_scheme.asym_id 
_pdbx_poly_seq_scheme.entity_id 
_pdbx_poly_seq_scheme.seq_id 
_pdbx_poly_seq_scheme.mon_id 
_pdbx_poly_seq_scheme.ndb_seq_num 
_pdbx_poly_seq_scheme.pdb_seq_num 
_pdbx_poly_seq_scheme.auth_seq_num 
_pdbx_poly_seq_scheme.pdb_mon_id 
_pdbx_poly_seq_scheme.auth_mon_id 
_pdbx_poly_seq_scheme.pdb_strand_id 
_pdbx_poly_seq_scheme.pdb_ins_code 
_pdbx_poly_seq_scheme.hetero 
A 1 1  PRO 1  1  1  PRO PRO A . n 
A 1 2  GLN 2  2  2  GLN GLN A . n 
A 1 3  ILE 3  3  3  ILE ILE A . n 
A 1 4  THR 4  4  4  THR THR A . n 
A 1 5  LEU 5  5  5  LEU LEU A . n 
A 1 6  TRP 6  6  6  TRP TRP A . n 
A 1 7  GLN 7  7  7  GLN GLN A . n 
A 1 8  ARG 8  8  8  ARG ARG A . n 
A 1 9  PRO 9  9  9  PRO PRO A . n 
A 1 10 LEU 10 10 10 LEU LEU A . n 
A 1 11 VAL 11 11 11 VAL VAL A . n 
A 1 12 THR 12 12 12 THR THR A . n 
A 1 13 ILE 13 13 13 ILE ILE A . n 
A 1 14 LYS 14 14 14 LYS LYS A . n 
A 1 15 ILE 15 15 15 ILE ILE A . n 
A 1 16 GLY 16 16 16 GLY GLY A . n 
A 1 17 GLY 17 17 17 GLY GLY A . n 
A 1 18 GLN 18 18 18 GLN GLN A . n 
A 1 19 LEU 19 19 19 LEU LEU A . n 
A 1 20 LYS 20 20 20 LYS LYS A . n 
A 1 21 GLU 21 21 21 GLU GLU A . n 
A 1 22 ALA 22 22 22 ALA ALA A . n 
A 1 23 LEU 23 23 23 LEU LEU A . n 
A 1 24 LEU 24 24 24 LEU LEU A . n 
A 1 25 ASP 25 25 25 ASP ASP A . n 
A 1 26 THR 26 26 26 THR THR A . n 
A 1 27 GLY 27 27 27 GLY GLY A . n 
A 1 28 ALA 28 28 28 ALA ALA A . n 
A 1 29 ASP 29 29 29 ASP ASP A . n 
A 1 30 ASP 30 30 30 ASP ASP A . n 
A 1 31 THR 31 31 31 THR THR A . n 
A 1 32 VAL 32 32 32 VAL VAL A . n 
A 1 33 LEU 33 33 33 LEU LEU A . n 
A 1 34 GLU 34 34 34 GLU GLU A . n 
A 1 35 GLU 35 35 35 GLU GLU A . n 
A 1 36 MET 36 36 36 MET MET A . n 
A 1 37 SER 37 37 37 SER SER A . n 
A 1 38 LEU 38 38 38 LEU LEU A . n 
A 1 39 PRO 39 39 39 PRO PRO A . n 
A 1 40 GLY 40 40 40 GLY GLY A . n 
A 1 41 ARG 41 41 41 ARG ARG A . n 
A 1 42 TRP 42 42 42 TRP TRP A . n 
A 1 43 LYS 43 43 43 LYS LYS A . n 
A 1 44 PRO 44 44 44 PRO PRO A . n 
A 1 45 LYS 45 45 45 LYS LYS A . n 
A 1 46 MET 46 46 46 MET MET A . n 
A 1 47 ILE 47 47 47 ILE ILE A . n 
A 1 48 GLY 48 48 48 GLY GLY A . n 
A 1 49 GLY 49 49 49 GLY GLY A . n 
A 1 50 ILE 50 50 50 ILE ILE A . n 
A 1 51 GLY 51 51 51 GLY GLY A . n 
A 1 52 GLY 52 52 52 GLY GLY A . n 
A 1 53 PHE 53 53 53 PHE PHE A . n 
A 1 54 ILE 54 54 54 ILE ILE A . n 
A 1 55 LYS 55 55 55 LYS LYS A . n 
A 1 56 VAL 56 56 56 VAL VAL A . n 
A 1 57 ARG 57 57 57 ARG ARG A . n 
A 1 58 GLN 58 58 58 GLN GLN A . n 
A 1 59 TYR 59 59 59 TYR TYR A . n 
A 1 60 ASP 60 60 60 ASP ASP A . n 
A 1 61 GLN 61 61 61 GLN GLN A . n 
A 1 62 ILE 62 62 62 ILE ILE A . n 
A 1 63 LEU 63 63 63 LEU LEU A . n 
A 1 64 ILE 64 64 64 ILE ILE A . n 
A 1 65 GLU 65 65 65 GLU GLU A . n 
A 1 66 ILE 66 66 66 ILE ILE A . n 
A 1 67 CYS 67 67 67 CYS CYS A . n 
A 1 68 GLY 68 68 68 GLY GLY A . n 
A 1 69 HIS 69 69 69 HIS HIS A . n 
A 1 70 LYS 70 70 70 LYS LYS A . n 
A 1 71 ALA 71 71 71 ALA ALA A . n 
A 1 72 ILE 72 72 72 ILE ILE A . n 
A 1 73 GLY 73 73 73 GLY GLY A . n 
A 1 74 THR 74 74 74 THR THR A . n 
A 1 75 VAL 75 75 75 VAL VAL A . n 
A 1 76 LEU 76 76 76 LEU LEU A . n 
A 1 77 VAL 77 77 77 VAL VAL A . n 
A 1 78 GLY 78 78 78 GLY GLY A . n 
A 1 79 PRO 79 79 79 PRO PRO A . n 
A 1 80 THR 80 80 80 THR THR A . n 
A 1 81 PRO 81 81 81 PRO PRO A . n 
A 1 82 VAL 82 82 82 VAL VAL A . n 
A 1 83 ASN 83 83 83 ASN ASN A . n 
A 1 84 ILE 84 84 84 ILE ILE A . n 
A 1 85 ILE 85 85 85 ILE ILE A . n 
A 1 86 GLY 86 86 86 GLY GLY A . n 
A 1 87 ARG 87 87 87 ARG ARG A . n 
A 1 88 ASN 88 88 88 ASN ASN A . n 
A 1 89 LEU 89 89 89 LEU LEU A . n 
A 1 90 LEU 90 90 90 LEU LEU A . n 
A 1 91 THR 91 91 91 THR THR A . n 
A 1 92 GLN 92 92 92 GLN GLN A . n 
A 1 93 ILE 93 93 93 ILE ILE A . n 
A 1 94 GLY 94 94 94 GLY GLY A . n 
A 1 95 CYS 95 95 95 CYS CYS A . n 
A 1 96 THR 96 96 96 THR THR A . n 
A 1 97 LEU 97 97 97 LEU LEU A . n 
A 1 98 ASN 98 98 98 ASN ASN A . n 
A 1 99 PHE 99 99 99 PHE PHE A . n 
B 1 1  PRO 1  1  1  PRO PRO B . n 
B 1 2  GLN 2  2  2  GLN GLN B . n 
B 1 3  ILE 3  3  3  ILE ILE B . n 
B 1 4  THR 4  4  4  THR THR B . n 
B 1 5  LEU 5  5  5  LEU LEU B . n 
B 1 6  TRP 6  6  6  TRP TRP B . n 
B 1 7  GLN 7  7  7  GLN GLN B . n 
B 1 8  ARG 8  8  8  ARG ARG B . n 
B 1 9  PRO 9  9  9  PRO PRO B . n 
B 1 10 LEU 10 10 10 LEU LEU B . n 
B 1 11 VAL 11 11 11 VAL VAL B . n 
B 1 12 THR 12 12 12 THR THR B . n 
B 1 13 ILE 13 13 13 ILE ILE B . n 
B 1 14 LYS 14 14 14 LYS LYS B . n 
B 1 15 ILE 15 15 15 ILE ILE B . n 
B 1 16 GLY 16 16 16 GLY GLY B . n 
B 1 17 GLY 17 17 17 GLY GLY B . n 
B 1 18 GLN 18 18 18 GLN GLN B . n 
B 1 19 LEU 19 19 19 LEU LEU B . n 
B 1 20 LYS 20 20 20 LYS LYS B . n 
B 1 21 GLU 21 21 21 GLU GLU B . n 
B 1 22 ALA 22 22 22 ALA ALA B . n 
B 1 23 LEU 23 23 23 LEU LEU B . n 
B 1 24 LEU 24 24 24 LEU LEU B . n 
B 1 25 ASP 25 25 25 ASP ASP B . n 
B 1 26 THR 26 26 26 THR THR B . n 
B 1 27 GLY 27 27 27 GLY GLY B . n 
B 1 28 ALA 28 28 28 ALA ALA B . n 
B 1 29 ASP 29 29 29 ASP ASP B . n 
B 1 30 ASP 30 30 30 ASP ASP B . n 
B 1 31 THR 31 31 31 THR THR B . n 
B 1 32 VAL 32 32 32 VAL VAL B . n 
B 1 33 LEU 33 33 33 LEU LEU B . n 
B 1 34 GLU 34 34 34 GLU GLU B . n 
B 1 35 GLU 35 35 35 GLU GLU B . n 
B 1 36 MET 36 36 36 MET MET B . n 
B 1 37 SER 37 37 37 SER SER B . n 
B 1 38 LEU 38 38 38 LEU LEU B . n 
B 1 39 PRO 39 39 39 PRO PRO B . n 
B 1 40 GLY 40 40 40 GLY GLY B . n 
B 1 41 ARG 41 41 41 ARG ARG B . n 
B 1 42 TRP 42 42 42 TRP TRP B . n 
B 1 43 LYS 43 43 43 LYS LYS B . n 
B 1 44 PRO 44 44 44 PRO PRO B . n 
B 1 45 LYS 45 45 45 LYS LYS B . n 
B 1 46 MET 46 46 46 MET MET B . n 
B 1 47 ILE 47 47 47 ILE ILE B . n 
B 1 48 GLY 48 48 48 GLY GLY B . n 
B 1 49 GLY 49 49 49 GLY GLY B . n 
B 1 50 ILE 50 50 50 ILE ILE B . n 
B 1 51 GLY 51 51 51 GLY GLY B . n 
B 1 52 GLY 52 52 52 GLY GLY B . n 
B 1 53 PHE 53 53 53 PHE PHE B . n 
B 1 54 ILE 54 54 54 ILE ILE B . n 
B 1 55 LYS 55 55 55 LYS LYS B . n 
B 1 56 VAL 56 56 56 VAL VAL B . n 
B 1 57 ARG 57 57 57 ARG ARG B . n 
B 1 58 GLN 58 58 58 GLN GLN B . n 
B 1 59 TYR 59 59 59 TYR TYR B . n 
B 1 60 ASP 60 60 60 ASP ASP B . n 
B 1 61 GLN 61 61 61 GLN GLN B . n 
B 1 62 ILE 62 62 62 ILE ILE B . n 
B 1 63 LEU 63 63 63 LEU LEU B . n 
B 1 64 ILE 64 64 64 ILE ILE B . n 
B 1 65 GLU 65 65 65 GLU GLU B . n 
B 1 66 ILE 66 66 66 ILE ILE B . n 
B 1 67 CYS 67 67 67 CYS CYS B . n 
B 1 68 GLY 68 68 68 GLY GLY B . n 
B 1 69 HIS 69 69 69 HIS HIS B . n 
B 1 70 LYS 70 70 70 LYS LYS B . n 
B 1 71 ALA 71 71 71 ALA ALA B . n 
B 1 72 ILE 72 72 72 ILE ILE B . n 
B 1 73 GLY 73 73 73 GLY GLY B . n 
B 1 74 THR 74 74 74 THR THR B . n 
B 1 75 VAL 75 75 75 VAL VAL B . n 
B 1 76 LEU 76 76 76 LEU LEU B . n 
B 1 77 VAL 77 77 77 VAL VAL B . n 
B 1 78 GLY 78 78 78 GLY GLY B . n 
B 1 79 PRO 79 79 79 PRO PRO B . n 
B 1 80 THR 80 80 80 THR THR B . n 
B 1 81 PRO 81 81 81 PRO PRO B . n 
B 1 82 VAL 82 82 82 VAL VAL B . n 
B 1 83 ASN 83 83 83 ASN ASN B . n 
B 1 84 ILE 84 84 84 ILE ILE B . n 
B 1 85 ILE 85 85 85 ILE ILE B . n 
B 1 86 GLY 86 86 86 GLY GLY B . n 
B 1 87 ARG 87 87 87 ARG ARG B . n 
B 1 88 ASN 88 88 88 ASN ASN B . n 
B 1 89 LEU 89 89 89 LEU LEU B . n 
B 1 90 LEU 90 90 90 LEU LEU B . n 
B 1 91 THR 91 91 91 THR THR B . n 
B 1 92 GLN 92 92 92 GLN GLN B . n 
B 1 93 ILE 93 93 93 ILE ILE B . n 
B 1 94 GLY 94 94 94 GLY GLY B . n 
B 1 95 CYS 95 95 95 CYS CYS B . n 
B 1 96 THR 96 96 96 THR THR B . n 
B 1 97 LEU 97 97 97 LEU LEU B . n 
B 1 98 ASN 98 98 98 ASN ASN B . n 
B 1 99 PHE 99 99 99 PHE PHE B . n 
C 2 1  TYR 1  59 59 TYR TYR I . n 
C 2 2  ASP 2  60 60 ASP ASP I . n 
C 2 3  GLN 3  61 61 GLN GLN I . n 
C 2 4  ILE 4  62 62 ILE ILE I . n 
C 2 5  LEU 5  63 63 LEU LEU I . n 
# 
loop_
_pdbx_nonpoly_scheme.asym_id 
_pdbx_nonpoly_scheme.entity_id 
_pdbx_nonpoly_scheme.mon_id 
_pdbx_nonpoly_scheme.ndb_seq_num 
_pdbx_nonpoly_scheme.pdb_seq_num 
_pdbx_nonpoly_scheme.auth_seq_num 
_pdbx_nonpoly_scheme.pdb_mon_id 
_pdbx_nonpoly_scheme.auth_mon_id 
_pdbx_nonpoly_scheme.pdb_strand_id 
_pdbx_nonpoly_scheme.pdb_ins_code 
D 3 CL  1  601 601 CL  CL  A . 
E 3 CL  1  602 602 CL  CL  A . 
F 4 BME 1  401 401 BME BME A . 
G 4 BME 1  403 403 BME BME A . 
H 5 DMS 1  501 501 DMS DMS A . 
I 3 CL  1  603 603 CL  CL  B . 
J 4 BME 1  402 402 BME BME B . 
K 6 HOH 1  603 2   HOH WAT A . 
K 6 HOH 2  604 5   HOH WAT A . 
K 6 HOH 3  605 6   HOH WAT A . 
K 6 HOH 4  606 8   HOH WAT A . 
K 6 HOH 5  607 11  HOH WAT A . 
K 6 HOH 6  608 12  HOH WAT A . 
K 6 HOH 7  609 13  HOH WAT A . 
K 6 HOH 8  610 18  HOH WAT A . 
K 6 HOH 9  611 20  HOH WAT A . 
K 6 HOH 10 612 21  HOH WAT A . 
K 6 HOH 11 613 23  HOH WAT A . 
K 6 HOH 12 614 24  HOH WAT A . 
K 6 HOH 13 615 25  HOH WAT A . 
K 6 HOH 14 616 27  HOH WAT A . 
K 6 HOH 15 617 28  HOH WAT A . 
K 6 HOH 16 618 29  HOH WAT A . 
K 6 HOH 17 619 30  HOH WAT A . 
K 6 HOH 18 620 31  HOH WAT A . 
K 6 HOH 19 621 32  HOH WAT A . 
K 6 HOH 20 622 34  HOH WAT A . 
K 6 HOH 21 623 35  HOH WAT A . 
K 6 HOH 22 624 36  HOH WAT A . 
K 6 HOH 23 625 38  HOH WAT A . 
K 6 HOH 24 626 39  HOH WAT A . 
K 6 HOH 25 627 40  HOH WAT A . 
K 6 HOH 26 628 42  HOH WAT A . 
K 6 HOH 27 629 44  HOH WAT A . 
K 6 HOH 28 630 46  HOH WAT A . 
K 6 HOH 29 631 47  HOH WAT A . 
K 6 HOH 30 632 48  HOH WAT A . 
K 6 HOH 31 633 50  HOH WAT A . 
K 6 HOH 32 634 51  HOH WAT A . 
K 6 HOH 33 635 53  HOH WAT A . 
K 6 HOH 34 636 54  HOH WAT A . 
K 6 HOH 35 637 55  HOH WAT A . 
K 6 HOH 36 638 58  HOH WAT A . 
K 6 HOH 37 639 59  HOH WAT A . 
K 6 HOH 38 640 60  HOH WAT A . 
K 6 HOH 39 641 62  HOH WAT A . 
K 6 HOH 40 642 64  HOH WAT A . 
K 6 HOH 41 643 65  HOH WAT A . 
K 6 HOH 42 644 67  HOH WAT A . 
K 6 HOH 43 645 68  HOH WAT A . 
K 6 HOH 44 646 69  HOH WAT A . 
K 6 HOH 45 647 70  HOH WAT A . 
K 6 HOH 46 648 71  HOH WAT A . 
K 6 HOH 47 649 72  HOH WAT A . 
K 6 HOH 48 650 73  HOH WAT A . 
K 6 HOH 49 651 74  HOH WAT A . 
K 6 HOH 50 652 79  HOH WAT A . 
K 6 HOH 51 653 81  HOH WAT A . 
K 6 HOH 52 654 83  HOH WAT A . 
K 6 HOH 53 655 85  HOH WAT A . 
K 6 HOH 54 656 88  HOH WAT A . 
K 6 HOH 55 657 89  HOH WAT A . 
K 6 HOH 56 658 91  HOH WAT A . 
K 6 HOH 57 659 92  HOH WAT A . 
K 6 HOH 58 660 95  HOH WAT A . 
K 6 HOH 59 661 96  HOH WAT A . 
K 6 HOH 60 662 97  HOH WAT A . 
K 6 HOH 61 663 100 HOH WAT A . 
K 6 HOH 62 664 104 HOH WAT A . 
K 6 HOH 63 665 105 HOH WAT A . 
K 6 HOH 64 666 106 HOH WAT A . 
K 6 HOH 65 667 108 HOH WAT A . 
K 6 HOH 66 668 111 HOH WAT A . 
K 6 HOH 67 669 113 HOH WAT A . 
K 6 HOH 68 670 115 HOH WAT A . 
K 6 HOH 69 671 118 HOH WAT A . 
K 6 HOH 70 672 119 HOH WAT A . 
K 6 HOH 71 673 120 HOH WAT A . 
K 6 HOH 72 674 121 HOH WAT A . 
K 6 HOH 73 675 124 HOH WAT A . 
K 6 HOH 74 676 125 HOH WAT A . 
K 6 HOH 75 677 127 HOH WAT A . 
K 6 HOH 76 678 128 HOH WAT A . 
K 6 HOH 77 679 133 HOH WAT A . 
L 6 HOH 1  604 3   HOH WAT B . 
L 6 HOH 2  605 4   HOH WAT B . 
L 6 HOH 3  606 7   HOH WAT B . 
L 6 HOH 4  607 9   HOH WAT B . 
L 6 HOH 5  608 10  HOH WAT B . 
L 6 HOH 6  609 14  HOH WAT B . 
L 6 HOH 7  610 15  HOH WAT B . 
L 6 HOH 8  611 17  HOH WAT B . 
L 6 HOH 9  612 19  HOH WAT B . 
L 6 HOH 10 613 22  HOH WAT B . 
L 6 HOH 11 614 26  HOH WAT B . 
L 6 HOH 12 615 33  HOH WAT B . 
L 6 HOH 13 616 37  HOH WAT B . 
L 6 HOH 14 617 41  HOH WAT B . 
L 6 HOH 15 618 43  HOH WAT B . 
L 6 HOH 16 619 45  HOH WAT B . 
L 6 HOH 17 620 49  HOH WAT B . 
L 6 HOH 18 621 52  HOH WAT B . 
L 6 HOH 19 622 57  HOH WAT B . 
L 6 HOH 20 623 61  HOH WAT B . 
L 6 HOH 21 624 63  HOH WAT B . 
L 6 HOH 22 625 66  HOH WAT B . 
L 6 HOH 23 626 75  HOH WAT B . 
L 6 HOH 24 627 76  HOH WAT B . 
L 6 HOH 25 628 77  HOH WAT B . 
L 6 HOH 26 629 78  HOH WAT B . 
L 6 HOH 27 630 80  HOH WAT B . 
L 6 HOH 28 631 82  HOH WAT B . 
L 6 HOH 29 632 84  HOH WAT B . 
L 6 HOH 30 633 86  HOH WAT B . 
L 6 HOH 31 634 87  HOH WAT B . 
L 6 HOH 32 635 90  HOH WAT B . 
L 6 HOH 33 636 93  HOH WAT B . 
L 6 HOH 34 637 94  HOH WAT B . 
L 6 HOH 35 638 98  HOH WAT B . 
L 6 HOH 36 639 99  HOH WAT B . 
L 6 HOH 37 640 101 HOH WAT B . 
L 6 HOH 38 641 102 HOH WAT B . 
L 6 HOH 39 642 103 HOH WAT B . 
L 6 HOH 40 643 107 HOH WAT B . 
L 6 HOH 41 644 109 HOH WAT B . 
L 6 HOH 42 645 110 HOH WAT B . 
L 6 HOH 43 646 112 HOH WAT B . 
L 6 HOH 44 647 114 HOH WAT B . 
L 6 HOH 45 648 116 HOH WAT B . 
L 6 HOH 46 649 117 HOH WAT B . 
L 6 HOH 47 650 122 HOH WAT B . 
L 6 HOH 48 651 123 HOH WAT B . 
L 6 HOH 49 652 126 HOH WAT B . 
L 6 HOH 50 653 129 HOH WAT B . 
L 6 HOH 51 654 130 HOH WAT B . 
L 6 HOH 52 655 131 HOH WAT B . 
L 6 HOH 53 656 132 HOH WAT B . 
L 6 HOH 54 657 134 HOH WAT B . 
L 6 HOH 55 658 135 HOH WAT B . 
M 6 HOH 1  1   1   HOH WAT I . 
M 6 HOH 2  16  16  HOH WAT I . 
M 6 HOH 3  56  56  HOH WAT I . 
# 
_pdbx_struct_assembly.id                   1 
_pdbx_struct_assembly.details              author_and_software_defined_assembly 
_pdbx_struct_assembly.method_details       PISA 
_pdbx_struct_assembly.oligomeric_details   trimeric 
_pdbx_struct_assembly.oligomeric_count     3 
# 
_pdbx_struct_assembly_gen.assembly_id       1 
_pdbx_struct_assembly_gen.oper_expression   1 
_pdbx_struct_assembly_gen.asym_id_list      A,B,C,D,E,F,G,H,I,J,K,L,M 
# 
loop_
_pdbx_struct_assembly_prop.biol_id 
_pdbx_struct_assembly_prop.type 
_pdbx_struct_assembly_prop.value 
_pdbx_struct_assembly_prop.details 
1 'ABSA (A^2)' 5810 ? 
1 MORE         -60  ? 
1 'SSA (A^2)'  9370 ? 
# 
_pdbx_struct_oper_list.id                   1 
_pdbx_struct_oper_list.type                 'identity operation' 
_pdbx_struct_oper_list.name                 1_555 
_pdbx_struct_oper_list.symmetry_operation   x,y,z 
_pdbx_struct_oper_list.matrix[1][1]         1.0000000000 
_pdbx_struct_oper_list.matrix[1][2]         0.0000000000 
_pdbx_struct_oper_list.matrix[1][3]         0.0000000000 
_pdbx_struct_oper_list.vector[1]            0.0000000000 
_pdbx_struct_oper_list.matrix[2][1]         0.0000000000 
_pdbx_struct_oper_list.matrix[2][2]         1.0000000000 
_pdbx_struct_oper_list.matrix[2][3]         0.0000000000 
_pdbx_struct_oper_list.vector[2]            0.0000000000 
_pdbx_struct_oper_list.matrix[3][1]         0.0000000000 
_pdbx_struct_oper_list.matrix[3][2]         0.0000000000 
_pdbx_struct_oper_list.matrix[3][3]         1.0000000000 
_pdbx_struct_oper_list.vector[3]            0.0000000000 
# 
loop_
_pdbx_audit_revision_history.ordinal 
_pdbx_audit_revision_history.data_content_type 
_pdbx_audit_revision_history.major_revision 
_pdbx_audit_revision_history.minor_revision 
_pdbx_audit_revision_history.revision_date 
1 'Structure model' 1 0 2005-07-19 
2 'Structure model' 1 1 2008-04-29 
3 'Structure model' 1 2 2011-07-13 
4 'Structure model' 1 3 2023-10-25 
# 
_pdbx_audit_revision_details.ordinal             1 
_pdbx_audit_revision_details.revision_ordinal    1 
_pdbx_audit_revision_details.data_content_type   'Structure model' 
_pdbx_audit_revision_details.provider            repository 
_pdbx_audit_revision_details.type                'Initial release' 
_pdbx_audit_revision_details.description         ? 
_pdbx_audit_revision_details.details             ? 
# 
loop_
_pdbx_audit_revision_group.ordinal 
_pdbx_audit_revision_group.revision_ordinal 
_pdbx_audit_revision_group.data_content_type 
_pdbx_audit_revision_group.group 
1 2 'Structure model' 'Version format compliance' 
2 3 'Structure model' 'Version format compliance' 
3 4 'Structure model' 'Data collection'           
4 4 'Structure model' 'Database references'       
5 4 'Structure model' 'Derived calculations'      
6 4 'Structure model' 'Refinement description'    
# 
loop_
_pdbx_audit_revision_category.ordinal 
_pdbx_audit_revision_category.revision_ordinal 
_pdbx_audit_revision_category.data_content_type 
_pdbx_audit_revision_category.category 
1 4 'Structure model' chem_comp_atom                
2 4 'Structure model' chem_comp_bond                
3 4 'Structure model' database_2                    
4 4 'Structure model' pdbx_initial_refinement_model 
5 4 'Structure model' struct_conn                   
6 4 'Structure model' struct_site                   
# 
loop_
_pdbx_audit_revision_item.ordinal 
_pdbx_audit_revision_item.revision_ordinal 
_pdbx_audit_revision_item.data_content_type 
_pdbx_audit_revision_item.item 
1  4 'Structure model' '_database_2.pdbx_DOI'                 
2  4 'Structure model' '_database_2.pdbx_database_accession'  
3  4 'Structure model' '_struct_conn.pdbx_leaving_atom_flag'  
4  4 'Structure model' '_struct_conn.pdbx_ptnr1_label_alt_id' 
5  4 'Structure model' '_struct_conn.pdbx_ptnr2_label_alt_id' 
6  4 'Structure model' '_struct_conn.ptnr1_auth_comp_id'      
7  4 'Structure model' '_struct_conn.ptnr1_auth_seq_id'       
8  4 'Structure model' '_struct_conn.ptnr1_label_asym_id'     
9  4 'Structure model' '_struct_conn.ptnr1_label_atom_id'     
10 4 'Structure model' '_struct_conn.ptnr1_label_comp_id'     
11 4 'Structure model' '_struct_conn.ptnr1_label_seq_id'      
12 4 'Structure model' '_struct_conn.ptnr2_auth_comp_id'      
13 4 'Structure model' '_struct_conn.ptnr2_auth_seq_id'       
14 4 'Structure model' '_struct_conn.ptnr2_label_asym_id'     
15 4 'Structure model' '_struct_conn.ptnr2_label_atom_id'     
16 4 'Structure model' '_struct_conn.ptnr2_label_comp_id'     
17 4 'Structure model' '_struct_conn.ptnr2_label_seq_id'      
18 4 'Structure model' '_struct_site.pdbx_auth_asym_id'       
19 4 'Structure model' '_struct_site.pdbx_auth_comp_id'       
20 4 'Structure model' '_struct_site.pdbx_auth_seq_id'        
# 
loop_
_software.name 
_software.classification 
_software.version 
_software.citation_id 
_software.pdbx_ordinal 
CNS       refinement       1.1 ? 1 
DENZO     'data reduction' .   ? 2 
SCALEPACK 'data scaling'   .   ? 3 
CNS       phasing          1.1 ? 4 
# 
_pdbx_validate_torsion.id              1 
_pdbx_validate_torsion.PDB_model_num   1 
_pdbx_validate_torsion.auth_comp_id    GLU 
_pdbx_validate_torsion.auth_asym_id    A 
_pdbx_validate_torsion.auth_seq_id     35 
_pdbx_validate_torsion.PDB_ins_code    ? 
_pdbx_validate_torsion.label_alt_id    ? 
_pdbx_validate_torsion.phi             -37.92 
_pdbx_validate_torsion.psi             128.48 
# 
loop_
_pdbx_unobs_or_zero_occ_atoms.id 
_pdbx_unobs_or_zero_occ_atoms.PDB_model_num 
_pdbx_unobs_or_zero_occ_atoms.polymer_flag 
_pdbx_unobs_or_zero_occ_atoms.occupancy_flag 
_pdbx_unobs_or_zero_occ_atoms.auth_asym_id 
_pdbx_unobs_or_zero_occ_atoms.auth_comp_id 
_pdbx_unobs_or_zero_occ_atoms.auth_seq_id 
_pdbx_unobs_or_zero_occ_atoms.PDB_ins_code 
_pdbx_unobs_or_zero_occ_atoms.auth_atom_id 
_pdbx_unobs_or_zero_occ_atoms.label_alt_id 
_pdbx_unobs_or_zero_occ_atoms.label_asym_id 
_pdbx_unobs_or_zero_occ_atoms.label_comp_id 
_pdbx_unobs_or_zero_occ_atoms.label_seq_id 
_pdbx_unobs_or_zero_occ_atoms.label_atom_id 
1 1 Y 0 A LYS 70 ? CD  ? A LYS 70 CD  
2 1 Y 0 A LYS 70 ? CE  ? A LYS 70 CE  
3 1 Y 0 A LYS 70 ? NZ  ? A LYS 70 NZ  
4 1 Y 0 B ARG 41 ? CZ  ? B ARG 41 CZ  
5 1 Y 0 B ARG 41 ? NH1 ? B ARG 41 NH1 
6 1 Y 0 B ARG 41 ? NH2 ? B ARG 41 NH2 
# 
loop_
_chem_comp_atom.comp_id 
_chem_comp_atom.atom_id 
_chem_comp_atom.type_symbol 
_chem_comp_atom.pdbx_aromatic_flag 
_chem_comp_atom.pdbx_stereo_config 
_chem_comp_atom.pdbx_ordinal 
ALA N    N  N N 1   
ALA CA   C  N S 2   
ALA C    C  N N 3   
ALA O    O  N N 4   
ALA CB   C  N N 5   
ALA OXT  O  N N 6   
ALA H    H  N N 7   
ALA H2   H  N N 8   
ALA HA   H  N N 9   
ALA HB1  H  N N 10  
ALA HB2  H  N N 11  
ALA HB3  H  N N 12  
ALA HXT  H  N N 13  
ARG N    N  N N 14  
ARG CA   C  N S 15  
ARG C    C  N N 16  
ARG O    O  N N 17  
ARG CB   C  N N 18  
ARG CG   C  N N 19  
ARG CD   C  N N 20  
ARG NE   N  N N 21  
ARG CZ   C  N N 22  
ARG NH1  N  N N 23  
ARG NH2  N  N N 24  
ARG OXT  O  N N 25  
ARG H    H  N N 26  
ARG H2   H  N N 27  
ARG HA   H  N N 28  
ARG HB2  H  N N 29  
ARG HB3  H  N N 30  
ARG HG2  H  N N 31  
ARG HG3  H  N N 32  
ARG HD2  H  N N 33  
ARG HD3  H  N N 34  
ARG HE   H  N N 35  
ARG HH11 H  N N 36  
ARG HH12 H  N N 37  
ARG HH21 H  N N 38  
ARG HH22 H  N N 39  
ARG HXT  H  N N 40  
ASN N    N  N N 41  
ASN CA   C  N S 42  
ASN C    C  N N 43  
ASN O    O  N N 44  
ASN CB   C  N N 45  
ASN CG   C  N N 46  
ASN OD1  O  N N 47  
ASN ND2  N  N N 48  
ASN OXT  O  N N 49  
ASN H    H  N N 50  
ASN H2   H  N N 51  
ASN HA   H  N N 52  
ASN HB2  H  N N 53  
ASN HB3  H  N N 54  
ASN HD21 H  N N 55  
ASN HD22 H  N N 56  
ASN HXT  H  N N 57  
ASP N    N  N N 58  
ASP CA   C  N S 59  
ASP C    C  N N 60  
ASP O    O  N N 61  
ASP CB   C  N N 62  
ASP CG   C  N N 63  
ASP OD1  O  N N 64  
ASP OD2  O  N N 65  
ASP OXT  O  N N 66  
ASP H    H  N N 67  
ASP H2   H  N N 68  
ASP HA   H  N N 69  
ASP HB2  H  N N 70  
ASP HB3  H  N N 71  
ASP HD2  H  N N 72  
ASP HXT  H  N N 73  
BME C1   C  N N 74  
BME C2   C  N N 75  
BME O1   O  N N 76  
BME S2   S  N N 77  
BME H11  H  N N 78  
BME H12  H  N N 79  
BME H21  H  N N 80  
BME H22  H  N N 81  
BME HO1  H  N N 82  
BME HS2  H  N N 83  
CL  CL   CL N N 84  
CYS N    N  N N 85  
CYS CA   C  N R 86  
CYS C    C  N N 87  
CYS O    O  N N 88  
CYS CB   C  N N 89  
CYS SG   S  N N 90  
CYS OXT  O  N N 91  
CYS H    H  N N 92  
CYS H2   H  N N 93  
CYS HA   H  N N 94  
CYS HB2  H  N N 95  
CYS HB3  H  N N 96  
CYS HG   H  N N 97  
CYS HXT  H  N N 98  
DMS S    S  N N 99  
DMS O    O  N N 100 
DMS C1   C  N N 101 
DMS C2   C  N N 102 
DMS H11  H  N N 103 
DMS H12  H  N N 104 
DMS H13  H  N N 105 
DMS H21  H  N N 106 
DMS H22  H  N N 107 
DMS H23  H  N N 108 
GLN N    N  N N 109 
GLN CA   C  N S 110 
GLN C    C  N N 111 
GLN O    O  N N 112 
GLN CB   C  N N 113 
GLN CG   C  N N 114 
GLN CD   C  N N 115 
GLN OE1  O  N N 116 
GLN NE2  N  N N 117 
GLN OXT  O  N N 118 
GLN H    H  N N 119 
GLN H2   H  N N 120 
GLN HA   H  N N 121 
GLN HB2  H  N N 122 
GLN HB3  H  N N 123 
GLN HG2  H  N N 124 
GLN HG3  H  N N 125 
GLN HE21 H  N N 126 
GLN HE22 H  N N 127 
GLN HXT  H  N N 128 
GLU N    N  N N 129 
GLU CA   C  N S 130 
GLU C    C  N N 131 
GLU O    O  N N 132 
GLU CB   C  N N 133 
GLU CG   C  N N 134 
GLU CD   C  N N 135 
GLU OE1  O  N N 136 
GLU OE2  O  N N 137 
GLU OXT  O  N N 138 
GLU H    H  N N 139 
GLU H2   H  N N 140 
GLU HA   H  N N 141 
GLU HB2  H  N N 142 
GLU HB3  H  N N 143 
GLU HG2  H  N N 144 
GLU HG3  H  N N 145 
GLU HE2  H  N N 146 
GLU HXT  H  N N 147 
GLY N    N  N N 148 
GLY CA   C  N N 149 
GLY C    C  N N 150 
GLY O    O  N N 151 
GLY OXT  O  N N 152 
GLY H    H  N N 153 
GLY H2   H  N N 154 
GLY HA2  H  N N 155 
GLY HA3  H  N N 156 
GLY HXT  H  N N 157 
HIS N    N  N N 158 
HIS CA   C  N S 159 
HIS C    C  N N 160 
HIS O    O  N N 161 
HIS CB   C  N N 162 
HIS CG   C  Y N 163 
HIS ND1  N  Y N 164 
HIS CD2  C  Y N 165 
HIS CE1  C  Y N 166 
HIS NE2  N  Y N 167 
HIS OXT  O  N N 168 
HIS H    H  N N 169 
HIS H2   H  N N 170 
HIS HA   H  N N 171 
HIS HB2  H  N N 172 
HIS HB3  H  N N 173 
HIS HD1  H  N N 174 
HIS HD2  H  N N 175 
HIS HE1  H  N N 176 
HIS HE2  H  N N 177 
HIS HXT  H  N N 178 
HOH O    O  N N 179 
HOH H1   H  N N 180 
HOH H2   H  N N 181 
ILE N    N  N N 182 
ILE CA   C  N S 183 
ILE C    C  N N 184 
ILE O    O  N N 185 
ILE CB   C  N S 186 
ILE CG1  C  N N 187 
ILE CG2  C  N N 188 
ILE CD1  C  N N 189 
ILE OXT  O  N N 190 
ILE H    H  N N 191 
ILE H2   H  N N 192 
ILE HA   H  N N 193 
ILE HB   H  N N 194 
ILE HG12 H  N N 195 
ILE HG13 H  N N 196 
ILE HG21 H  N N 197 
ILE HG22 H  N N 198 
ILE HG23 H  N N 199 
ILE HD11 H  N N 200 
ILE HD12 H  N N 201 
ILE HD13 H  N N 202 
ILE HXT  H  N N 203 
LEU N    N  N N 204 
LEU CA   C  N S 205 
LEU C    C  N N 206 
LEU O    O  N N 207 
LEU CB   C  N N 208 
LEU CG   C  N N 209 
LEU CD1  C  N N 210 
LEU CD2  C  N N 211 
LEU OXT  O  N N 212 
LEU H    H  N N 213 
LEU H2   H  N N 214 
LEU HA   H  N N 215 
LEU HB2  H  N N 216 
LEU HB3  H  N N 217 
LEU HG   H  N N 218 
LEU HD11 H  N N 219 
LEU HD12 H  N N 220 
LEU HD13 H  N N 221 
LEU HD21 H  N N 222 
LEU HD22 H  N N 223 
LEU HD23 H  N N 224 
LEU HXT  H  N N 225 
LYS N    N  N N 226 
LYS CA   C  N S 227 
LYS C    C  N N 228 
LYS O    O  N N 229 
LYS CB   C  N N 230 
LYS CG   C  N N 231 
LYS CD   C  N N 232 
LYS CE   C  N N 233 
LYS NZ   N  N N 234 
LYS OXT  O  N N 235 
LYS H    H  N N 236 
LYS H2   H  N N 237 
LYS HA   H  N N 238 
LYS HB2  H  N N 239 
LYS HB3  H  N N 240 
LYS HG2  H  N N 241 
LYS HG3  H  N N 242 
LYS HD2  H  N N 243 
LYS HD3  H  N N 244 
LYS HE2  H  N N 245 
LYS HE3  H  N N 246 
LYS HZ1  H  N N 247 
LYS HZ2  H  N N 248 
LYS HZ3  H  N N 249 
LYS HXT  H  N N 250 
MET N    N  N N 251 
MET CA   C  N S 252 
MET C    C  N N 253 
MET O    O  N N 254 
MET CB   C  N N 255 
MET CG   C  N N 256 
MET SD   S  N N 257 
MET CE   C  N N 258 
MET OXT  O  N N 259 
MET H    H  N N 260 
MET H2   H  N N 261 
MET HA   H  N N 262 
MET HB2  H  N N 263 
MET HB3  H  N N 264 
MET HG2  H  N N 265 
MET HG3  H  N N 266 
MET HE1  H  N N 267 
MET HE2  H  N N 268 
MET HE3  H  N N 269 
MET HXT  H  N N 270 
PHE N    N  N N 271 
PHE CA   C  N S 272 
PHE C    C  N N 273 
PHE O    O  N N 274 
PHE CB   C  N N 275 
PHE CG   C  Y N 276 
PHE CD1  C  Y N 277 
PHE CD2  C  Y N 278 
PHE CE1  C  Y N 279 
PHE CE2  C  Y N 280 
PHE CZ   C  Y N 281 
PHE OXT  O  N N 282 
PHE H    H  N N 283 
PHE H2   H  N N 284 
PHE HA   H  N N 285 
PHE HB2  H  N N 286 
PHE HB3  H  N N 287 
PHE HD1  H  N N 288 
PHE HD2  H  N N 289 
PHE HE1  H  N N 290 
PHE HE2  H  N N 291 
PHE HZ   H  N N 292 
PHE HXT  H  N N 293 
PRO N    N  N N 294 
PRO CA   C  N S 295 
PRO C    C  N N 296 
PRO O    O  N N 297 
PRO CB   C  N N 298 
PRO CG   C  N N 299 
PRO CD   C  N N 300 
PRO OXT  O  N N 301 
PRO H    H  N N 302 
PRO HA   H  N N 303 
PRO HB2  H  N N 304 
PRO HB3  H  N N 305 
PRO HG2  H  N N 306 
PRO HG3  H  N N 307 
PRO HD2  H  N N 308 
PRO HD3  H  N N 309 
PRO HXT  H  N N 310 
SER N    N  N N 311 
SER CA   C  N S 312 
SER C    C  N N 313 
SER O    O  N N 314 
SER CB   C  N N 315 
SER OG   O  N N 316 
SER OXT  O  N N 317 
SER H    H  N N 318 
SER H2   H  N N 319 
SER HA   H  N N 320 
SER HB2  H  N N 321 
SER HB3  H  N N 322 
SER HG   H  N N 323 
SER HXT  H  N N 324 
THR N    N  N N 325 
THR CA   C  N S 326 
THR C    C  N N 327 
THR O    O  N N 328 
THR CB   C  N R 329 
THR OG1  O  N N 330 
THR CG2  C  N N 331 
THR OXT  O  N N 332 
THR H    H  N N 333 
THR H2   H  N N 334 
THR HA   H  N N 335 
THR HB   H  N N 336 
THR HG1  H  N N 337 
THR HG21 H  N N 338 
THR HG22 H  N N 339 
THR HG23 H  N N 340 
THR HXT  H  N N 341 
TRP N    N  N N 342 
TRP CA   C  N S 343 
TRP C    C  N N 344 
TRP O    O  N N 345 
TRP CB   C  N N 346 
TRP CG   C  Y N 347 
TRP CD1  C  Y N 348 
TRP CD2  C  Y N 349 
TRP NE1  N  Y N 350 
TRP CE2  C  Y N 351 
TRP CE3  C  Y N 352 
TRP CZ2  C  Y N 353 
TRP CZ3  C  Y N 354 
TRP CH2  C  Y N 355 
TRP OXT  O  N N 356 
TRP H    H  N N 357 
TRP H2   H  N N 358 
TRP HA   H  N N 359 
TRP HB2  H  N N 360 
TRP HB3  H  N N 361 
TRP HD1  H  N N 362 
TRP HE1  H  N N 363 
TRP HE3  H  N N 364 
TRP HZ2  H  N N 365 
TRP HZ3  H  N N 366 
TRP HH2  H  N N 367 
TRP HXT  H  N N 368 
TYR N    N  N N 369 
TYR CA   C  N S 370 
TYR C    C  N N 371 
TYR O    O  N N 372 
TYR CB   C  N N 373 
TYR CG   C  Y N 374 
TYR CD1  C  Y N 375 
TYR CD2  C  Y N 376 
TYR CE1  C  Y N 377 
TYR CE2  C  Y N 378 
TYR CZ   C  Y N 379 
TYR OH   O  N N 380 
TYR OXT  O  N N 381 
TYR H    H  N N 382 
TYR H2   H  N N 383 
TYR HA   H  N N 384 
TYR HB2  H  N N 385 
TYR HB3  H  N N 386 
TYR HD1  H  N N 387 
TYR HD2  H  N N 388 
TYR HE1  H  N N 389 
TYR HE2  H  N N 390 
TYR HH   H  N N 391 
TYR HXT  H  N N 392 
VAL N    N  N N 393 
VAL CA   C  N S 394 
VAL C    C  N N 395 
VAL O    O  N N 396 
VAL CB   C  N N 397 
VAL CG1  C  N N 398 
VAL CG2  C  N N 399 
VAL OXT  O  N N 400 
VAL H    H  N N 401 
VAL H2   H  N N 402 
VAL HA   H  N N 403 
VAL HB   H  N N 404 
VAL HG11 H  N N 405 
VAL HG12 H  N N 406 
VAL HG13 H  N N 407 
VAL HG21 H  N N 408 
VAL HG22 H  N N 409 
VAL HG23 H  N N 410 
VAL HXT  H  N N 411 
# 
loop_
_chem_comp_bond.comp_id 
_chem_comp_bond.atom_id_1 
_chem_comp_bond.atom_id_2 
_chem_comp_bond.value_order 
_chem_comp_bond.pdbx_aromatic_flag 
_chem_comp_bond.pdbx_stereo_config 
_chem_comp_bond.pdbx_ordinal 
ALA N   CA   sing N N 1   
ALA N   H    sing N N 2   
ALA N   H2   sing N N 3   
ALA CA  C    sing N N 4   
ALA CA  CB   sing N N 5   
ALA CA  HA   sing N N 6   
ALA C   O    doub N N 7   
ALA C   OXT  sing N N 8   
ALA CB  HB1  sing N N 9   
ALA CB  HB2  sing N N 10  
ALA CB  HB3  sing N N 11  
ALA OXT HXT  sing N N 12  
ARG N   CA   sing N N 13  
ARG N   H    sing N N 14  
ARG N   H2   sing N N 15  
ARG CA  C    sing N N 16  
ARG CA  CB   sing N N 17  
ARG CA  HA   sing N N 18  
ARG C   O    doub N N 19  
ARG C   OXT  sing N N 20  
ARG CB  CG   sing N N 21  
ARG CB  HB2  sing N N 22  
ARG CB  HB3  sing N N 23  
ARG CG  CD   sing N N 24  
ARG CG  HG2  sing N N 25  
ARG CG  HG3  sing N N 26  
ARG CD  NE   sing N N 27  
ARG CD  HD2  sing N N 28  
ARG CD  HD3  sing N N 29  
ARG NE  CZ   sing N N 30  
ARG NE  HE   sing N N 31  
ARG CZ  NH1  sing N N 32  
ARG CZ  NH2  doub N N 33  
ARG NH1 HH11 sing N N 34  
ARG NH1 HH12 sing N N 35  
ARG NH2 HH21 sing N N 36  
ARG NH2 HH22 sing N N 37  
ARG OXT HXT  sing N N 38  
ASN N   CA   sing N N 39  
ASN N   H    sing N N 40  
ASN N   H2   sing N N 41  
ASN CA  C    sing N N 42  
ASN CA  CB   sing N N 43  
ASN CA  HA   sing N N 44  
ASN C   O    doub N N 45  
ASN C   OXT  sing N N 46  
ASN CB  CG   sing N N 47  
ASN CB  HB2  sing N N 48  
ASN CB  HB3  sing N N 49  
ASN CG  OD1  doub N N 50  
ASN CG  ND2  sing N N 51  
ASN ND2 HD21 sing N N 52  
ASN ND2 HD22 sing N N 53  
ASN OXT HXT  sing N N 54  
ASP N   CA   sing N N 55  
ASP N   H    sing N N 56  
ASP N   H2   sing N N 57  
ASP CA  C    sing N N 58  
ASP CA  CB   sing N N 59  
ASP CA  HA   sing N N 60  
ASP C   O    doub N N 61  
ASP C   OXT  sing N N 62  
ASP CB  CG   sing N N 63  
ASP CB  HB2  sing N N 64  
ASP CB  HB3  sing N N 65  
ASP CG  OD1  doub N N 66  
ASP CG  OD2  sing N N 67  
ASP OD2 HD2  sing N N 68  
ASP OXT HXT  sing N N 69  
BME C1  C2   sing N N 70  
BME C1  O1   sing N N 71  
BME C1  H11  sing N N 72  
BME C1  H12  sing N N 73  
BME C2  S2   sing N N 74  
BME C2  H21  sing N N 75  
BME C2  H22  sing N N 76  
BME O1  HO1  sing N N 77  
BME S2  HS2  sing N N 78  
CYS N   CA   sing N N 79  
CYS N   H    sing N N 80  
CYS N   H2   sing N N 81  
CYS CA  C    sing N N 82  
CYS CA  CB   sing N N 83  
CYS CA  HA   sing N N 84  
CYS C   O    doub N N 85  
CYS C   OXT  sing N N 86  
CYS CB  SG   sing N N 87  
CYS CB  HB2  sing N N 88  
CYS CB  HB3  sing N N 89  
CYS SG  HG   sing N N 90  
CYS OXT HXT  sing N N 91  
DMS S   O    doub N N 92  
DMS S   C1   sing N N 93  
DMS S   C2   sing N N 94  
DMS C1  H11  sing N N 95  
DMS C1  H12  sing N N 96  
DMS C1  H13  sing N N 97  
DMS C2  H21  sing N N 98  
DMS C2  H22  sing N N 99  
DMS C2  H23  sing N N 100 
GLN N   CA   sing N N 101 
GLN N   H    sing N N 102 
GLN N   H2   sing N N 103 
GLN CA  C    sing N N 104 
GLN CA  CB   sing N N 105 
GLN CA  HA   sing N N 106 
GLN C   O    doub N N 107 
GLN C   OXT  sing N N 108 
GLN CB  CG   sing N N 109 
GLN CB  HB2  sing N N 110 
GLN CB  HB3  sing N N 111 
GLN CG  CD   sing N N 112 
GLN CG  HG2  sing N N 113 
GLN CG  HG3  sing N N 114 
GLN CD  OE1  doub N N 115 
GLN CD  NE2  sing N N 116 
GLN NE2 HE21 sing N N 117 
GLN NE2 HE22 sing N N 118 
GLN OXT HXT  sing N N 119 
GLU N   CA   sing N N 120 
GLU N   H    sing N N 121 
GLU N   H2   sing N N 122 
GLU CA  C    sing N N 123 
GLU CA  CB   sing N N 124 
GLU CA  HA   sing N N 125 
GLU C   O    doub N N 126 
GLU C   OXT  sing N N 127 
GLU CB  CG   sing N N 128 
GLU CB  HB2  sing N N 129 
GLU CB  HB3  sing N N 130 
GLU CG  CD   sing N N 131 
GLU CG  HG2  sing N N 132 
GLU CG  HG3  sing N N 133 
GLU CD  OE1  doub N N 134 
GLU CD  OE2  sing N N 135 
GLU OE2 HE2  sing N N 136 
GLU OXT HXT  sing N N 137 
GLY N   CA   sing N N 138 
GLY N   H    sing N N 139 
GLY N   H2   sing N N 140 
GLY CA  C    sing N N 141 
GLY CA  HA2  sing N N 142 
GLY CA  HA3  sing N N 143 
GLY C   O    doub N N 144 
GLY C   OXT  sing N N 145 
GLY OXT HXT  sing N N 146 
HIS N   CA   sing N N 147 
HIS N   H    sing N N 148 
HIS N   H2   sing N N 149 
HIS CA  C    sing N N 150 
HIS CA  CB   sing N N 151 
HIS CA  HA   sing N N 152 
HIS C   O    doub N N 153 
HIS C   OXT  sing N N 154 
HIS CB  CG   sing N N 155 
HIS CB  HB2  sing N N 156 
HIS CB  HB3  sing N N 157 
HIS CG  ND1  sing Y N 158 
HIS CG  CD2  doub Y N 159 
HIS ND1 CE1  doub Y N 160 
HIS ND1 HD1  sing N N 161 
HIS CD2 NE2  sing Y N 162 
HIS CD2 HD2  sing N N 163 
HIS CE1 NE2  sing Y N 164 
HIS CE1 HE1  sing N N 165 
HIS NE2 HE2  sing N N 166 
HIS OXT HXT  sing N N 167 
HOH O   H1   sing N N 168 
HOH O   H2   sing N N 169 
ILE N   CA   sing N N 170 
ILE N   H    sing N N 171 
ILE N   H2   sing N N 172 
ILE CA  C    sing N N 173 
ILE CA  CB   sing N N 174 
ILE CA  HA   sing N N 175 
ILE C   O    doub N N 176 
ILE C   OXT  sing N N 177 
ILE CB  CG1  sing N N 178 
ILE CB  CG2  sing N N 179 
ILE CB  HB   sing N N 180 
ILE CG1 CD1  sing N N 181 
ILE CG1 HG12 sing N N 182 
ILE CG1 HG13 sing N N 183 
ILE CG2 HG21 sing N N 184 
ILE CG2 HG22 sing N N 185 
ILE CG2 HG23 sing N N 186 
ILE CD1 HD11 sing N N 187 
ILE CD1 HD12 sing N N 188 
ILE CD1 HD13 sing N N 189 
ILE OXT HXT  sing N N 190 
LEU N   CA   sing N N 191 
LEU N   H    sing N N 192 
LEU N   H2   sing N N 193 
LEU CA  C    sing N N 194 
LEU CA  CB   sing N N 195 
LEU CA  HA   sing N N 196 
LEU C   O    doub N N 197 
LEU C   OXT  sing N N 198 
LEU CB  CG   sing N N 199 
LEU CB  HB2  sing N N 200 
LEU CB  HB3  sing N N 201 
LEU CG  CD1  sing N N 202 
LEU CG  CD2  sing N N 203 
LEU CG  HG   sing N N 204 
LEU CD1 HD11 sing N N 205 
LEU CD1 HD12 sing N N 206 
LEU CD1 HD13 sing N N 207 
LEU CD2 HD21 sing N N 208 
LEU CD2 HD22 sing N N 209 
LEU CD2 HD23 sing N N 210 
LEU OXT HXT  sing N N 211 
LYS N   CA   sing N N 212 
LYS N   H    sing N N 213 
LYS N   H2   sing N N 214 
LYS CA  C    sing N N 215 
LYS CA  CB   sing N N 216 
LYS CA  HA   sing N N 217 
LYS C   O    doub N N 218 
LYS C   OXT  sing N N 219 
LYS CB  CG   sing N N 220 
LYS CB  HB2  sing N N 221 
LYS CB  HB3  sing N N 222 
LYS CG  CD   sing N N 223 
LYS CG  HG2  sing N N 224 
LYS CG  HG3  sing N N 225 
LYS CD  CE   sing N N 226 
LYS CD  HD2  sing N N 227 
LYS CD  HD3  sing N N 228 
LYS CE  NZ   sing N N 229 
LYS CE  HE2  sing N N 230 
LYS CE  HE3  sing N N 231 
LYS NZ  HZ1  sing N N 232 
LYS NZ  HZ2  sing N N 233 
LYS NZ  HZ3  sing N N 234 
LYS OXT HXT  sing N N 235 
MET N   CA   sing N N 236 
MET N   H    sing N N 237 
MET N   H2   sing N N 238 
MET CA  C    sing N N 239 
MET CA  CB   sing N N 240 
MET CA  HA   sing N N 241 
MET C   O    doub N N 242 
MET C   OXT  sing N N 243 
MET CB  CG   sing N N 244 
MET CB  HB2  sing N N 245 
MET CB  HB3  sing N N 246 
MET CG  SD   sing N N 247 
MET CG  HG2  sing N N 248 
MET CG  HG3  sing N N 249 
MET SD  CE   sing N N 250 
MET CE  HE1  sing N N 251 
MET CE  HE2  sing N N 252 
MET CE  HE3  sing N N 253 
MET OXT HXT  sing N N 254 
PHE N   CA   sing N N 255 
PHE N   H    sing N N 256 
PHE N   H2   sing N N 257 
PHE CA  C    sing N N 258 
PHE CA  CB   sing N N 259 
PHE CA  HA   sing N N 260 
PHE C   O    doub N N 261 
PHE C   OXT  sing N N 262 
PHE CB  CG   sing N N 263 
PHE CB  HB2  sing N N 264 
PHE CB  HB3  sing N N 265 
PHE CG  CD1  doub Y N 266 
PHE CG  CD2  sing Y N 267 
PHE CD1 CE1  sing Y N 268 
PHE CD1 HD1  sing N N 269 
PHE CD2 CE2  doub Y N 270 
PHE CD2 HD2  sing N N 271 
PHE CE1 CZ   doub Y N 272 
PHE CE1 HE1  sing N N 273 
PHE CE2 CZ   sing Y N 274 
PHE CE2 HE2  sing N N 275 
PHE CZ  HZ   sing N N 276 
PHE OXT HXT  sing N N 277 
PRO N   CA   sing N N 278 
PRO N   CD   sing N N 279 
PRO N   H    sing N N 280 
PRO CA  C    sing N N 281 
PRO CA  CB   sing N N 282 
PRO CA  HA   sing N N 283 
PRO C   O    doub N N 284 
PRO C   OXT  sing N N 285 
PRO CB  CG   sing N N 286 
PRO CB  HB2  sing N N 287 
PRO CB  HB3  sing N N 288 
PRO CG  CD   sing N N 289 
PRO CG  HG2  sing N N 290 
PRO CG  HG3  sing N N 291 
PRO CD  HD2  sing N N 292 
PRO CD  HD3  sing N N 293 
PRO OXT HXT  sing N N 294 
SER N   CA   sing N N 295 
SER N   H    sing N N 296 
SER N   H2   sing N N 297 
SER CA  C    sing N N 298 
SER CA  CB   sing N N 299 
SER CA  HA   sing N N 300 
SER C   O    doub N N 301 
SER C   OXT  sing N N 302 
SER CB  OG   sing N N 303 
SER CB  HB2  sing N N 304 
SER CB  HB3  sing N N 305 
SER OG  HG   sing N N 306 
SER OXT HXT  sing N N 307 
THR N   CA   sing N N 308 
THR N   H    sing N N 309 
THR N   H2   sing N N 310 
THR CA  C    sing N N 311 
THR CA  CB   sing N N 312 
THR CA  HA   sing N N 313 
THR C   O    doub N N 314 
THR C   OXT  sing N N 315 
THR CB  OG1  sing N N 316 
THR CB  CG2  sing N N 317 
THR CB  HB   sing N N 318 
THR OG1 HG1  sing N N 319 
THR CG2 HG21 sing N N 320 
THR CG2 HG22 sing N N 321 
THR CG2 HG23 sing N N 322 
THR OXT HXT  sing N N 323 
TRP N   CA   sing N N 324 
TRP N   H    sing N N 325 
TRP N   H2   sing N N 326 
TRP CA  C    sing N N 327 
TRP CA  CB   sing N N 328 
TRP CA  HA   sing N N 329 
TRP C   O    doub N N 330 
TRP C   OXT  sing N N 331 
TRP CB  CG   sing N N 332 
TRP CB  HB2  sing N N 333 
TRP CB  HB3  sing N N 334 
TRP CG  CD1  doub Y N 335 
TRP CG  CD2  sing Y N 336 
TRP CD1 NE1  sing Y N 337 
TRP CD1 HD1  sing N N 338 
TRP CD2 CE2  doub Y N 339 
TRP CD2 CE3  sing Y N 340 
TRP NE1 CE2  sing Y N 341 
TRP NE1 HE1  sing N N 342 
TRP CE2 CZ2  sing Y N 343 
TRP CE3 CZ3  doub Y N 344 
TRP CE3 HE3  sing N N 345 
TRP CZ2 CH2  doub Y N 346 
TRP CZ2 HZ2  sing N N 347 
TRP CZ3 CH2  sing Y N 348 
TRP CZ3 HZ3  sing N N 349 
TRP CH2 HH2  sing N N 350 
TRP OXT HXT  sing N N 351 
TYR N   CA   sing N N 352 
TYR N   H    sing N N 353 
TYR N   H2   sing N N 354 
TYR CA  C    sing N N 355 
TYR CA  CB   sing N N 356 
TYR CA  HA   sing N N 357 
TYR C   O    doub N N 358 
TYR C   OXT  sing N N 359 
TYR CB  CG   sing N N 360 
TYR CB  HB2  sing N N 361 
TYR CB  HB3  sing N N 362 
TYR CG  CD1  doub Y N 363 
TYR CG  CD2  sing Y N 364 
TYR CD1 CE1  sing Y N 365 
TYR CD1 HD1  sing N N 366 
TYR CD2 CE2  doub Y N 367 
TYR CD2 HD2  sing N N 368 
TYR CE1 CZ   doub Y N 369 
TYR CE1 HE1  sing N N 370 
TYR CE2 CZ   sing Y N 371 
TYR CE2 HE2  sing N N 372 
TYR CZ  OH   sing N N 373 
TYR OH  HH   sing N N 374 
TYR OXT HXT  sing N N 375 
VAL N   CA   sing N N 376 
VAL N   H    sing N N 377 
VAL N   H2   sing N N 378 
VAL CA  C    sing N N 379 
VAL CA  CB   sing N N 380 
VAL CA  HA   sing N N 381 
VAL C   O    doub N N 382 
VAL C   OXT  sing N N 383 
VAL CB  CG1  sing N N 384 
VAL CB  CG2  sing N N 385 
VAL CB  HB   sing N N 386 
VAL CG1 HG11 sing N N 387 
VAL CG1 HG12 sing N N 388 
VAL CG1 HG13 sing N N 389 
VAL CG2 HG21 sing N N 390 
VAL CG2 HG22 sing N N 391 
VAL CG2 HG23 sing N N 392 
VAL OXT HXT  sing N N 393 
# 
loop_
_pdbx_entity_nonpoly.entity_id 
_pdbx_entity_nonpoly.name 
_pdbx_entity_nonpoly.comp_id 
3 'CHLORIDE ION'       CL  
4 BETA-MERCAPTOETHANOL BME 
5 'DIMETHYL SULFOXIDE' DMS 
6 water                HOH 
# 
_pdbx_initial_refinement_model.id               1 
_pdbx_initial_refinement_model.entity_id_list   ? 
_pdbx_initial_refinement_model.type             'experimental model' 
_pdbx_initial_refinement_model.source_name      PDB 
_pdbx_initial_refinement_model.accession_code   1A30 
_pdbx_initial_refinement_model.details          'PDB ENTRY 1A30' 
# 
